data_8Y9A
# 
_entry.id   8Y9A 
# 
_audit_conform.dict_name       mmcif_pdbx.dic 
_audit_conform.dict_version    5.387 
_audit_conform.dict_location   http://mmcif.pdb.org/dictionaries/ascii/mmcif_pdbx.dic 
# 
loop_
_database_2.database_id 
_database_2.database_code 
_database_2.pdbx_database_accession 
_database_2.pdbx_DOI 
PDB   8Y9A         pdb_00008y9a 10.2210/pdb8y9a/pdb 
WWPDB D_1300045207 ?            ?                   
# 
_pdbx_audit_revision_history.ordinal             1 
_pdbx_audit_revision_history.data_content_type   'Structure model' 
_pdbx_audit_revision_history.major_revision      1 
_pdbx_audit_revision_history.minor_revision      0 
_pdbx_audit_revision_history.revision_date       2024-03-06 
# 
_pdbx_audit_revision_details.ordinal             1 
_pdbx_audit_revision_details.revision_ordinal    1 
_pdbx_audit_revision_details.data_content_type   'Structure model' 
_pdbx_audit_revision_details.provider            repository 
_pdbx_audit_revision_details.type                'Initial release' 
_pdbx_audit_revision_details.description         ? 
_pdbx_audit_revision_details.details             ? 
# 
_pdbx_database_status.status_code                     REL 
_pdbx_database_status.status_code_sf                  REL 
_pdbx_database_status.status_code_mr                  ? 
_pdbx_database_status.entry_id                        8Y9A 
_pdbx_database_status.recvd_initial_deposition_date   2024-02-06 
_pdbx_database_status.SG_entry                        N 
_pdbx_database_status.deposit_site                    PDBJ 
_pdbx_database_status.process_site                    PDBJ 
_pdbx_database_status.status_code_cs                  ? 
_pdbx_database_status.status_code_nmr_data            ? 
_pdbx_database_status.methods_development_category    ? 
_pdbx_database_status.pdb_format_compatible           Y 
# 
_pdbx_contact_author.id                 2 
_pdbx_contact_author.email              fwang@wuxibiortus.com 
_pdbx_contact_author.name_first         Feng 
_pdbx_contact_author.name_last          Wang 
_pdbx_contact_author.name_mi            ? 
_pdbx_contact_author.role               'principal investigator/group leader' 
_pdbx_contact_author.identifier_ORCID   0000-0002-4384-5834 
# 
loop_
_audit_author.name 
_audit_author.pdbx_ordinal 
_audit_author.identifier_ORCID 
'Wang, F.'  1 ? 
'Cheng, W.' 2 ? 
'Lv, Z.'    3 ? 
'Ju, C.'    4 ? 
'Bao, C.'   5 ? 
# 
_citation.abstract                  ? 
_citation.abstract_id_CAS           ? 
_citation.book_id_ISBN              ? 
_citation.book_publisher            ? 
_citation.book_publisher_city       ? 
_citation.book_title                ? 
_citation.coordinate_linkage        ? 
_citation.country                   ? 
_citation.database_id_Medline       ? 
_citation.details                   ? 
_citation.id                        primary 
_citation.journal_abbrev            'To Be Published' 
_citation.journal_id_ASTM           ? 
_citation.journal_id_CSD            0353 
_citation.journal_id_ISSN           ? 
_citation.journal_full              ? 
_citation.journal_issue             ? 
_citation.journal_volume            ? 
_citation.language                  ? 
_citation.page_first                ? 
_citation.page_last                 ? 
_citation.title                     'The Crystal Structure of USP8 from Biortus.' 
_citation.year                      ? 
_citation.database_id_CSD           ? 
_citation.pdbx_database_id_DOI      ? 
_citation.pdbx_database_id_PubMed   ? 
_citation.pdbx_database_id_patent   ? 
_citation.unpublished_flag          ? 
# 
loop_
_citation_author.citation_id 
_citation_author.name 
_citation_author.ordinal 
_citation_author.identifier_ORCID 
primary 'Wang, F.'  1 ? 
primary 'Cheng, W.' 2 ? 
primary 'Lv, Z.'    3 ? 
primary 'Ju, C.'    4 ? 
primary 'Bao, C.'   5 ? 
# 
loop_
_entity.id 
_entity.type 
_entity.src_method 
_entity.pdbx_description 
_entity.formula_weight 
_entity.pdbx_number_of_molecules 
_entity.pdbx_ec 
_entity.pdbx_mutation 
_entity.pdbx_fragment 
_entity.details 
1 polymer man 'Ubiquitin carboxyl-terminal hydrolase 8' 16788.227 1  3.4.19.12 ? ? ? 
2 water   nat water                                     18.015    29 ?         ? ? ? 
# 
_entity_name_com.entity_id   1 
_entity_name_com.name        
'Deubiquitinating enzyme 8,Ubiquitin isopeptidase Y,hUBPy,Ubiquitin thioesterase 8,Ubiquitin-specific-processing protease 8' 
# 
_entity_poly.entity_id                      1 
_entity_poly.type                           'polypeptide(L)' 
_entity_poly.nstd_linkage                   no 
_entity_poly.nstd_monomer                   no 
_entity_poly.pdbx_seq_one_letter_code       
;MPAVASVPKELYLSSSLKDLNKKTEVKPEKISTKSYVHSALKIFKTAEECRLDRDEERAYVLYMKYVTVYNLIKKRPDFK
QQQDYFHSILGPGNIKKAVEEAERLSESLKLRYEEAEVRKKLEEKDRQEEAQRLQQKRQETG
;
_entity_poly.pdbx_seq_one_letter_code_can   
;MPAVASVPKELYLSSSLKDLNKKTEVKPEKISTKSYVHSALKIFKTAEECRLDRDEERAYVLYMKYVTVYNLIKKRPDFK
QQQDYFHSILGPGNIKKAVEEAERLSESLKLRYEEAEVRKKLEEKDRQEEAQRLQQKRQETG
;
_entity_poly.pdbx_strand_id                 A 
_entity_poly.pdbx_target_identifier         ? 
# 
_pdbx_entity_nonpoly.entity_id   2 
_pdbx_entity_nonpoly.name        water 
_pdbx_entity_nonpoly.comp_id     HOH 
# 
loop_
_entity_poly_seq.entity_id 
_entity_poly_seq.num 
_entity_poly_seq.mon_id 
_entity_poly_seq.hetero 
1 1   MET n 
1 2   PRO n 
1 3   ALA n 
1 4   VAL n 
1 5   ALA n 
1 6   SER n 
1 7   VAL n 
1 8   PRO n 
1 9   LYS n 
1 10  GLU n 
1 11  LEU n 
1 12  TYR n 
1 13  LEU n 
1 14  SER n 
1 15  SER n 
1 16  SER n 
1 17  LEU n 
1 18  LYS n 
1 19  ASP n 
1 20  LEU n 
1 21  ASN n 
1 22  LYS n 
1 23  LYS n 
1 24  THR n 
1 25  GLU n 
1 26  VAL n 
1 27  LYS n 
1 28  PRO n 
1 29  GLU n 
1 30  LYS n 
1 31  ILE n 
1 32  SER n 
1 33  THR n 
1 34  LYS n 
1 35  SER n 
1 36  TYR n 
1 37  VAL n 
1 38  HIS n 
1 39  SER n 
1 40  ALA n 
1 41  LEU n 
1 42  LYS n 
1 43  ILE n 
1 44  PHE n 
1 45  LYS n 
1 46  THR n 
1 47  ALA n 
1 48  GLU n 
1 49  GLU n 
1 50  CYS n 
1 51  ARG n 
1 52  LEU n 
1 53  ASP n 
1 54  ARG n 
1 55  ASP n 
1 56  GLU n 
1 57  GLU n 
1 58  ARG n 
1 59  ALA n 
1 60  TYR n 
1 61  VAL n 
1 62  LEU n 
1 63  TYR n 
1 64  MET n 
1 65  LYS n 
1 66  TYR n 
1 67  VAL n 
1 68  THR n 
1 69  VAL n 
1 70  TYR n 
1 71  ASN n 
1 72  LEU n 
1 73  ILE n 
1 74  LYS n 
1 75  LYS n 
1 76  ARG n 
1 77  PRO n 
1 78  ASP n 
1 79  PHE n 
1 80  LYS n 
1 81  GLN n 
1 82  GLN n 
1 83  GLN n 
1 84  ASP n 
1 85  TYR n 
1 86  PHE n 
1 87  HIS n 
1 88  SER n 
1 89  ILE n 
1 90  LEU n 
1 91  GLY n 
1 92  PRO n 
1 93  GLY n 
1 94  ASN n 
1 95  ILE n 
1 96  LYS n 
1 97  LYS n 
1 98  ALA n 
1 99  VAL n 
1 100 GLU n 
1 101 GLU n 
1 102 ALA n 
1 103 GLU n 
1 104 ARG n 
1 105 LEU n 
1 106 SER n 
1 107 GLU n 
1 108 SER n 
1 109 LEU n 
1 110 LYS n 
1 111 LEU n 
1 112 ARG n 
1 113 TYR n 
1 114 GLU n 
1 115 GLU n 
1 116 ALA n 
1 117 GLU n 
1 118 VAL n 
1 119 ARG n 
1 120 LYS n 
1 121 LYS n 
1 122 LEU n 
1 123 GLU n 
1 124 GLU n 
1 125 LYS n 
1 126 ASP n 
1 127 ARG n 
1 128 GLN n 
1 129 GLU n 
1 130 GLU n 
1 131 ALA n 
1 132 GLN n 
1 133 ARG n 
1 134 LEU n 
1 135 GLN n 
1 136 GLN n 
1 137 LYS n 
1 138 ARG n 
1 139 GLN n 
1 140 GLU n 
1 141 THR n 
1 142 GLY n 
# 
_entity_src_gen.entity_id                          1 
_entity_src_gen.pdbx_src_id                        1 
_entity_src_gen.pdbx_alt_source_flag               sample 
_entity_src_gen.pdbx_seq_type                      'Biological sequence' 
_entity_src_gen.pdbx_beg_seq_num                   1 
_entity_src_gen.pdbx_end_seq_num                   142 
_entity_src_gen.gene_src_common_name               human 
_entity_src_gen.gene_src_genus                     ? 
_entity_src_gen.pdbx_gene_src_gene                 'USP8, KIAA0055, UBPY' 
_entity_src_gen.gene_src_species                   ? 
_entity_src_gen.gene_src_strain                    ? 
_entity_src_gen.gene_src_tissue                    ? 
_entity_src_gen.gene_src_tissue_fraction           ? 
_entity_src_gen.gene_src_details                   ? 
_entity_src_gen.pdbx_gene_src_fragment             ? 
_entity_src_gen.pdbx_gene_src_scientific_name      'Homo sapiens' 
_entity_src_gen.pdbx_gene_src_ncbi_taxonomy_id     9606 
_entity_src_gen.pdbx_gene_src_variant              ? 
_entity_src_gen.pdbx_gene_src_cell_line            ? 
_entity_src_gen.pdbx_gene_src_atcc                 ? 
_entity_src_gen.pdbx_gene_src_organ                ? 
_entity_src_gen.pdbx_gene_src_organelle            ? 
_entity_src_gen.pdbx_gene_src_cell                 ? 
_entity_src_gen.pdbx_gene_src_cellular_location    ? 
_entity_src_gen.host_org_common_name               ? 
_entity_src_gen.pdbx_host_org_scientific_name      'Escherichia coli' 
_entity_src_gen.pdbx_host_org_ncbi_taxonomy_id     562 
_entity_src_gen.host_org_genus                     ? 
_entity_src_gen.pdbx_host_org_gene                 ? 
_entity_src_gen.pdbx_host_org_organ                ? 
_entity_src_gen.host_org_species                   ? 
_entity_src_gen.pdbx_host_org_tissue               ? 
_entity_src_gen.pdbx_host_org_tissue_fraction      ? 
_entity_src_gen.pdbx_host_org_strain               ? 
_entity_src_gen.pdbx_host_org_variant              ? 
_entity_src_gen.pdbx_host_org_cell_line            ? 
_entity_src_gen.pdbx_host_org_atcc                 ? 
_entity_src_gen.pdbx_host_org_culture_collection   ? 
_entity_src_gen.pdbx_host_org_cell                 ? 
_entity_src_gen.pdbx_host_org_organelle            ? 
_entity_src_gen.pdbx_host_org_cellular_location    ? 
_entity_src_gen.pdbx_host_org_vector_type          ? 
_entity_src_gen.pdbx_host_org_vector               ? 
_entity_src_gen.host_org_details                   ? 
_entity_src_gen.expression_system_id               ? 
_entity_src_gen.plasmid_name                       ? 
_entity_src_gen.plasmid_details                    ? 
_entity_src_gen.pdbx_description                   ? 
# 
loop_
_chem_comp.id 
_chem_comp.type 
_chem_comp.mon_nstd_flag 
_chem_comp.name 
_chem_comp.pdbx_synonyms 
_chem_comp.formula 
_chem_comp.formula_weight 
ALA 'L-peptide linking' y ALANINE         ? 'C3 H7 N O2'     89.093  
ARG 'L-peptide linking' y ARGININE        ? 'C6 H15 N4 O2 1' 175.209 
ASN 'L-peptide linking' y ASPARAGINE      ? 'C4 H8 N2 O3'    132.118 
ASP 'L-peptide linking' y 'ASPARTIC ACID' ? 'C4 H7 N O4'     133.103 
CYS 'L-peptide linking' y CYSTEINE        ? 'C3 H7 N O2 S'   121.158 
GLN 'L-peptide linking' y GLUTAMINE       ? 'C5 H10 N2 O3'   146.144 
GLU 'L-peptide linking' y 'GLUTAMIC ACID' ? 'C5 H9 N O4'     147.129 
GLY 'peptide linking'   y GLYCINE         ? 'C2 H5 N O2'     75.067  
HIS 'L-peptide linking' y HISTIDINE       ? 'C6 H10 N3 O2 1' 156.162 
HOH non-polymer         . WATER           ? 'H2 O'           18.015  
ILE 'L-peptide linking' y ISOLEUCINE      ? 'C6 H13 N O2'    131.173 
LEU 'L-peptide linking' y LEUCINE         ? 'C6 H13 N O2'    131.173 
LYS 'L-peptide linking' y LYSINE          ? 'C6 H15 N2 O2 1' 147.195 
MET 'L-peptide linking' y METHIONINE      ? 'C5 H11 N O2 S'  149.211 
PHE 'L-peptide linking' y PHENYLALANINE   ? 'C9 H11 N O2'    165.189 
PRO 'L-peptide linking' y PROLINE         ? 'C5 H9 N O2'     115.130 
SER 'L-peptide linking' y SERINE          ? 'C3 H7 N O3'     105.093 
THR 'L-peptide linking' y THREONINE       ? 'C4 H9 N O3'     119.119 
TYR 'L-peptide linking' y TYROSINE        ? 'C9 H11 N O3'    181.189 
VAL 'L-peptide linking' y VALINE          ? 'C5 H11 N O2'    117.146 
# 
loop_
_pdbx_poly_seq_scheme.asym_id 
_pdbx_poly_seq_scheme.entity_id 
_pdbx_poly_seq_scheme.seq_id 
_pdbx_poly_seq_scheme.mon_id 
_pdbx_poly_seq_scheme.ndb_seq_num 
_pdbx_poly_seq_scheme.pdb_seq_num 
_pdbx_poly_seq_scheme.auth_seq_num 
_pdbx_poly_seq_scheme.pdb_mon_id 
_pdbx_poly_seq_scheme.auth_mon_id 
_pdbx_poly_seq_scheme.pdb_strand_id 
_pdbx_poly_seq_scheme.pdb_ins_code 
_pdbx_poly_seq_scheme.hetero 
A 1 1   MET 1   1   ?   ?   ?   A . n 
A 1 2   PRO 2   2   ?   ?   ?   A . n 
A 1 3   ALA 3   3   ?   ?   ?   A . n 
A 1 4   VAL 4   4   ?   ?   ?   A . n 
A 1 5   ALA 5   5   ?   ?   ?   A . n 
A 1 6   SER 6   6   6   SER SER A . n 
A 1 7   VAL 7   7   7   VAL VAL A . n 
A 1 8   PRO 8   8   8   PRO PRO A . n 
A 1 9   LYS 9   9   9   LYS LYS A . n 
A 1 10  GLU 10  10  10  GLU GLU A . n 
A 1 11  LEU 11  11  11  LEU LEU A . n 
A 1 12  TYR 12  12  12  TYR TYR A . n 
A 1 13  LEU 13  13  13  LEU LEU A . n 
A 1 14  SER 14  14  14  SER SER A . n 
A 1 15  SER 15  15  15  SER SER A . n 
A 1 16  SER 16  16  16  SER SER A . n 
A 1 17  LEU 17  17  17  LEU LEU A . n 
A 1 18  LYS 18  18  18  LYS LYS A . n 
A 1 19  ASP 19  19  19  ASP ASP A . n 
A 1 20  LEU 20  20  20  LEU LEU A . n 
A 1 21  ASN 21  21  21  ASN ASN A . n 
A 1 22  LYS 22  22  22  LYS LYS A . n 
A 1 23  LYS 23  23  23  LYS LYS A . n 
A 1 24  THR 24  24  24  THR THR A . n 
A 1 25  GLU 25  25  25  GLU GLU A . n 
A 1 26  VAL 26  26  26  VAL VAL A . n 
A 1 27  LYS 27  27  27  LYS LYS A . n 
A 1 28  PRO 28  28  28  PRO PRO A . n 
A 1 29  GLU 29  29  29  GLU GLU A . n 
A 1 30  LYS 30  30  30  LYS LYS A . n 
A 1 31  ILE 31  31  31  ILE ILE A . n 
A 1 32  SER 32  32  32  SER SER A . n 
A 1 33  THR 33  33  33  THR THR A . n 
A 1 34  LYS 34  34  34  LYS LYS A . n 
A 1 35  SER 35  35  35  SER SER A . n 
A 1 36  TYR 36  36  36  TYR TYR A . n 
A 1 37  VAL 37  37  37  VAL VAL A . n 
A 1 38  HIS 38  38  38  HIS HIS A . n 
A 1 39  SER 39  39  39  SER SER A . n 
A 1 40  ALA 40  40  40  ALA ALA A . n 
A 1 41  LEU 41  41  41  LEU LEU A . n 
A 1 42  LYS 42  42  42  LYS LYS A . n 
A 1 43  ILE 43  43  43  ILE ILE A . n 
A 1 44  PHE 44  44  44  PHE PHE A . n 
A 1 45  LYS 45  45  45  LYS LYS A . n 
A 1 46  THR 46  46  46  THR THR A . n 
A 1 47  ALA 47  47  47  ALA ALA A . n 
A 1 48  GLU 48  48  48  GLU GLU A . n 
A 1 49  GLU 49  49  49  GLU GLU A . n 
A 1 50  CYS 50  50  50  CYS CYS A . n 
A 1 51  ARG 51  51  51  ARG ARG A . n 
A 1 52  LEU 52  52  52  LEU LEU A . n 
A 1 53  ASP 53  53  53  ASP ASP A . n 
A 1 54  ARG 54  54  54  ARG ARG A . n 
A 1 55  ASP 55  55  55  ASP ASP A . n 
A 1 56  GLU 56  56  56  GLU GLU A . n 
A 1 57  GLU 57  57  57  GLU GLU A . n 
A 1 58  ARG 58  58  58  ARG ARG A . n 
A 1 59  ALA 59  59  59  ALA ALA A . n 
A 1 60  TYR 60  60  60  TYR TYR A . n 
A 1 61  VAL 61  61  61  VAL VAL A . n 
A 1 62  LEU 62  62  62  LEU LEU A . n 
A 1 63  TYR 63  63  63  TYR TYR A . n 
A 1 64  MET 64  64  64  MET MET A . n 
A 1 65  LYS 65  65  65  LYS LYS A . n 
A 1 66  TYR 66  66  66  TYR TYR A . n 
A 1 67  VAL 67  67  67  VAL VAL A . n 
A 1 68  THR 68  68  68  THR THR A . n 
A 1 69  VAL 69  69  69  VAL VAL A . n 
A 1 70  TYR 70  70  70  TYR TYR A . n 
A 1 71  ASN 71  71  71  ASN ASN A . n 
A 1 72  LEU 72  72  72  LEU LEU A . n 
A 1 73  ILE 73  73  73  ILE ILE A . n 
A 1 74  LYS 74  74  74  LYS LYS A . n 
A 1 75  LYS 75  75  75  LYS LYS A . n 
A 1 76  ARG 76  76  76  ARG ARG A . n 
A 1 77  PRO 77  77  77  PRO PRO A . n 
A 1 78  ASP 78  78  78  ASP ASP A . n 
A 1 79  PHE 79  79  79  PHE PHE A . n 
A 1 80  LYS 80  80  80  LYS LYS A . n 
A 1 81  GLN 81  81  81  GLN GLN A . n 
A 1 82  GLN 82  82  82  GLN GLN A . n 
A 1 83  GLN 83  83  83  GLN GLN A . n 
A 1 84  ASP 84  84  84  ASP ASP A . n 
A 1 85  TYR 85  85  85  TYR TYR A . n 
A 1 86  PHE 86  86  86  PHE PHE A . n 
A 1 87  HIS 87  87  87  HIS HIS A . n 
A 1 88  SER 88  88  88  SER SER A . n 
A 1 89  ILE 89  89  89  ILE ILE A . n 
A 1 90  LEU 90  90  90  LEU LEU A . n 
A 1 91  GLY 91  91  91  GLY GLY A . n 
A 1 92  PRO 92  92  92  PRO PRO A . n 
A 1 93  GLY 93  93  93  GLY GLY A . n 
A 1 94  ASN 94  94  94  ASN ASN A . n 
A 1 95  ILE 95  95  95  ILE ILE A . n 
A 1 96  LYS 96  96  96  LYS LYS A . n 
A 1 97  LYS 97  97  97  LYS LYS A . n 
A 1 98  ALA 98  98  98  ALA ALA A . n 
A 1 99  VAL 99  99  99  VAL VAL A . n 
A 1 100 GLU 100 100 100 GLU GLU A . n 
A 1 101 GLU 101 101 101 GLU GLU A . n 
A 1 102 ALA 102 102 102 ALA ALA A . n 
A 1 103 GLU 103 103 103 GLU GLU A . n 
A 1 104 ARG 104 104 104 ARG ARG A . n 
A 1 105 LEU 105 105 105 LEU LEU A . n 
A 1 106 SER 106 106 106 SER SER A . n 
A 1 107 GLU 107 107 107 GLU GLU A . n 
A 1 108 SER 108 108 108 SER SER A . n 
A 1 109 LEU 109 109 109 LEU LEU A . n 
A 1 110 LYS 110 110 110 LYS LYS A . n 
A 1 111 LEU 111 111 111 LEU LEU A . n 
A 1 112 ARG 112 112 112 ARG ARG A . n 
A 1 113 TYR 113 113 113 TYR TYR A . n 
A 1 114 GLU 114 114 114 GLU GLU A . n 
A 1 115 GLU 115 115 115 GLU GLU A . n 
A 1 116 ALA 116 116 116 ALA ALA A . n 
A 1 117 GLU 117 117 117 GLU GLU A . n 
A 1 118 VAL 118 118 118 VAL VAL A . n 
A 1 119 ARG 119 119 119 ARG ARG A . n 
A 1 120 LYS 120 120 120 LYS LYS A . n 
A 1 121 LYS 121 121 121 LYS LYS A . n 
A 1 122 LEU 122 122 122 LEU LEU A . n 
A 1 123 GLU 123 123 123 GLU GLU A . n 
A 1 124 GLU 124 124 124 GLU GLU A . n 
A 1 125 LYS 125 125 125 LYS LYS A . n 
A 1 126 ASP 126 126 126 ASP ASP A . n 
A 1 127 ARG 127 127 127 ARG ARG A . n 
A 1 128 GLN 128 128 128 GLN GLN A . n 
A 1 129 GLU 129 129 129 GLU GLU A . n 
A 1 130 GLU 130 130 130 GLU GLU A . n 
A 1 131 ALA 131 131 131 ALA ALA A . n 
A 1 132 GLN 132 132 132 GLN GLN A . n 
A 1 133 ARG 133 133 ?   ?   ?   A . n 
A 1 134 LEU 134 134 ?   ?   ?   A . n 
A 1 135 GLN 135 135 ?   ?   ?   A . n 
A 1 136 GLN 136 136 ?   ?   ?   A . n 
A 1 137 LYS 137 137 ?   ?   ?   A . n 
A 1 138 ARG 138 138 ?   ?   ?   A . n 
A 1 139 GLN 139 139 ?   ?   ?   A . n 
A 1 140 GLU 140 140 ?   ?   ?   A . n 
A 1 141 THR 141 141 ?   ?   ?   A . n 
A 1 142 GLY 142 142 ?   ?   ?   A . n 
# 
loop_
_pdbx_nonpoly_scheme.asym_id 
_pdbx_nonpoly_scheme.entity_id 
_pdbx_nonpoly_scheme.mon_id 
_pdbx_nonpoly_scheme.ndb_seq_num 
_pdbx_nonpoly_scheme.pdb_seq_num 
_pdbx_nonpoly_scheme.auth_seq_num 
_pdbx_nonpoly_scheme.pdb_mon_id 
_pdbx_nonpoly_scheme.auth_mon_id 
_pdbx_nonpoly_scheme.pdb_strand_id 
_pdbx_nonpoly_scheme.pdb_ins_code 
B 2 HOH 1  201 6  HOH HOH A . 
B 2 HOH 2  202 25 HOH HOH A . 
B 2 HOH 3  203 24 HOH HOH A . 
B 2 HOH 4  204 27 HOH HOH A . 
B 2 HOH 5  205 5  HOH HOH A . 
B 2 HOH 6  206 1  HOH HOH A . 
B 2 HOH 7  207 28 HOH HOH A . 
B 2 HOH 8  208 4  HOH HOH A . 
B 2 HOH 9  209 14 HOH HOH A . 
B 2 HOH 10 210 12 HOH HOH A . 
B 2 HOH 11 211 2  HOH HOH A . 
B 2 HOH 12 212 7  HOH HOH A . 
B 2 HOH 13 213 29 HOH HOH A . 
B 2 HOH 14 214 9  HOH HOH A . 
B 2 HOH 15 215 3  HOH HOH A . 
B 2 HOH 16 216 23 HOH HOH A . 
B 2 HOH 17 217 13 HOH HOH A . 
B 2 HOH 18 218 26 HOH HOH A . 
B 2 HOH 19 219 17 HOH HOH A . 
B 2 HOH 20 220 20 HOH HOH A . 
B 2 HOH 21 221 22 HOH HOH A . 
B 2 HOH 22 222 8  HOH HOH A . 
B 2 HOH 23 223 10 HOH HOH A . 
B 2 HOH 24 224 19 HOH HOH A . 
B 2 HOH 25 225 15 HOH HOH A . 
B 2 HOH 26 226 21 HOH HOH A . 
B 2 HOH 27 227 11 HOH HOH A . 
B 2 HOH 28 228 16 HOH HOH A . 
B 2 HOH 29 229 18 HOH HOH A . 
# 
loop_
_software.citation_id 
_software.classification 
_software.compiler_name 
_software.compiler_version 
_software.contact_author 
_software.contact_author_email 
_software.date 
_software.description 
_software.dependencies 
_software.hardware 
_software.language 
_software.location 
_software.mods 
_software.name 
_software.os 
_software.os_version 
_software.type 
_software.version 
_software.pdbx_ordinal 
? refinement       ? ? ? ? ? ? ? ? ? ? ? REFMAC  ? ? ? 5.8.0352 1 
? 'data reduction' ? ? ? ? ? ? ? ? ? ? ? XDS     ? ? ? .        2 
? 'data scaling'   ? ? ? ? ? ? ? ? ? ? ? Aimless ? ? ? .        3 
? phasing          ? ? ? ? ? ? ? ? ? ? ? PHASER  ? ? ? .        4 
# 
_cell.angle_alpha                  90.000 
_cell.angle_alpha_esd              ? 
_cell.angle_beta                   90.000 
_cell.angle_beta_esd               ? 
_cell.angle_gamma                  120.000 
_cell.angle_gamma_esd              ? 
_cell.entry_id                     8Y9A 
_cell.details                      ? 
_cell.formula_units_Z              ? 
_cell.length_a                     103.008 
_cell.length_a_esd                 ? 
_cell.length_b                     103.008 
_cell.length_b_esd                 ? 
_cell.length_c                     93.254 
_cell.length_c_esd                 ? 
_cell.volume                       ? 
_cell.volume_esd                   ? 
_cell.Z_PDB                        18 
_cell.reciprocal_angle_alpha       ? 
_cell.reciprocal_angle_beta        ? 
_cell.reciprocal_angle_gamma       ? 
_cell.reciprocal_angle_alpha_esd   ? 
_cell.reciprocal_angle_beta_esd    ? 
_cell.reciprocal_angle_gamma_esd   ? 
_cell.reciprocal_length_a          ? 
_cell.reciprocal_length_b          ? 
_cell.reciprocal_length_c          ? 
_cell.reciprocal_length_a_esd      ? 
_cell.reciprocal_length_b_esd      ? 
_cell.reciprocal_length_c_esd      ? 
_cell.pdbx_unique_axis             ? 
_cell.pdbx_esd_method              ? 
# 
_symmetry.entry_id                         8Y9A 
_symmetry.cell_setting                     ? 
_symmetry.Int_Tables_number                155 
_symmetry.space_group_name_Hall            ? 
_symmetry.space_group_name_H-M             'H 3 2' 
_symmetry.pdbx_full_space_group_name_H-M   ? 
# 
_exptl.absorpt_coefficient_mu     ? 
_exptl.absorpt_correction_T_max   ? 
_exptl.absorpt_correction_T_min   ? 
_exptl.absorpt_correction_type    ? 
_exptl.absorpt_process_details    ? 
_exptl.entry_id                   8Y9A 
_exptl.crystals_number            1 
_exptl.details                    ? 
_exptl.method                     'X-RAY DIFFRACTION' 
_exptl.method_details             ? 
# 
_exptl_crystal.colour                       ? 
_exptl_crystal.density_diffrn               ? 
_exptl_crystal.density_Matthews             2.84 
_exptl_crystal.density_method               ? 
_exptl_crystal.density_percent_sol          56.62 
_exptl_crystal.description                  ? 
_exptl_crystal.F_000                        ? 
_exptl_crystal.id                           1 
_exptl_crystal.preparation                  ? 
_exptl_crystal.size_max                     ? 
_exptl_crystal.size_mid                     ? 
_exptl_crystal.size_min                     ? 
_exptl_crystal.size_rad                     ? 
_exptl_crystal.colour_lustre                ? 
_exptl_crystal.colour_modifier              ? 
_exptl_crystal.colour_primary               ? 
_exptl_crystal.density_meas                 ? 
_exptl_crystal.density_meas_esd             ? 
_exptl_crystal.density_meas_gt              ? 
_exptl_crystal.density_meas_lt              ? 
_exptl_crystal.density_meas_temp            ? 
_exptl_crystal.density_meas_temp_esd        ? 
_exptl_crystal.density_meas_temp_gt         ? 
_exptl_crystal.density_meas_temp_lt         ? 
_exptl_crystal.pdbx_crystal_image_url       ? 
_exptl_crystal.pdbx_crystal_image_format    ? 
_exptl_crystal.pdbx_mosaicity               ? 
_exptl_crystal.pdbx_mosaicity_esd           ? 
_exptl_crystal.pdbx_mosaic_method           ? 
_exptl_crystal.pdbx_mosaic_block_size       ? 
_exptl_crystal.pdbx_mosaic_block_size_esd   ? 
# 
_exptl_crystal_grow.apparatus       ? 
_exptl_crystal_grow.atmosphere      ? 
_exptl_crystal_grow.crystal_id      1 
_exptl_crystal_grow.details         ? 
_exptl_crystal_grow.method          'VAPOR DIFFUSION, SITTING DROP' 
_exptl_crystal_grow.method_ref      ? 
_exptl_crystal_grow.pH              ? 
_exptl_crystal_grow.pressure        ? 
_exptl_crystal_grow.pressure_esd    ? 
_exptl_crystal_grow.seeding         ? 
_exptl_crystal_grow.seeding_ref     ? 
_exptl_crystal_grow.temp_details    ? 
_exptl_crystal_grow.temp_esd        ? 
_exptl_crystal_grow.time            ? 
_exptl_crystal_grow.pdbx_details    '4.0M Na formate' 
_exptl_crystal_grow.pdbx_pH_range   ? 
_exptl_crystal_grow.temp            293 
# 
_diffrn.ambient_environment              ? 
_diffrn.ambient_temp                     100 
_diffrn.ambient_temp_details             ? 
_diffrn.ambient_temp_esd                 ? 
_diffrn.crystal_id                       1 
_diffrn.crystal_support                  ? 
_diffrn.crystal_treatment                ? 
_diffrn.details                          ? 
_diffrn.id                               1 
_diffrn.ambient_pressure                 ? 
_diffrn.ambient_pressure_esd             ? 
_diffrn.ambient_pressure_gt              ? 
_diffrn.ambient_pressure_lt              ? 
_diffrn.ambient_temp_gt                  ? 
_diffrn.ambient_temp_lt                  ? 
_diffrn.pdbx_serial_crystal_experiment   N 
# 
_diffrn_detector.details                      ? 
_diffrn_detector.detector                     PIXEL 
_diffrn_detector.diffrn_id                    1 
_diffrn_detector.type                         'DECTRIS PILATUS3 S 6M' 
_diffrn_detector.area_resol_mean              ? 
_diffrn_detector.dtime                        ? 
_diffrn_detector.pdbx_frames_total            ? 
_diffrn_detector.pdbx_collection_time_total   ? 
_diffrn_detector.pdbx_collection_date         2020-07-31 
_diffrn_detector.pdbx_frequency               ? 
_diffrn_detector.id                           ? 
_diffrn_detector.number_of_axes               ? 
# 
_diffrn_radiation.collimation                      ? 
_diffrn_radiation.diffrn_id                        1 
_diffrn_radiation.filter_edge                      ? 
_diffrn_radiation.inhomogeneity                    ? 
_diffrn_radiation.monochromator                    ? 
_diffrn_radiation.polarisn_norm                    ? 
_diffrn_radiation.polarisn_ratio                   ? 
_diffrn_radiation.probe                            ? 
_diffrn_radiation.type                             ? 
_diffrn_radiation.xray_symbol                      ? 
_diffrn_radiation.wavelength_id                    1 
_diffrn_radiation.pdbx_monochromatic_or_laue_m_l   M 
_diffrn_radiation.pdbx_wavelength_list             ? 
_diffrn_radiation.pdbx_wavelength                  ? 
_diffrn_radiation.pdbx_diffrn_protocol             'SINGLE WAVELENGTH' 
_diffrn_radiation.pdbx_analyzer                    ? 
_diffrn_radiation.pdbx_scattering_type             x-ray 
# 
_diffrn_radiation_wavelength.id           1 
_diffrn_radiation_wavelength.wavelength   1.239850 
_diffrn_radiation_wavelength.wt           1.0 
# 
_diffrn_source.current                     ? 
_diffrn_source.details                     ? 
_diffrn_source.diffrn_id                   1 
_diffrn_source.power                       ? 
_diffrn_source.size                        ? 
_diffrn_source.source                      SYNCHROTRON 
_diffrn_source.target                      ? 
_diffrn_source.type                        'CLSI BEAMLINE 08B1-1' 
_diffrn_source.voltage                     ? 
_diffrn_source.take-off_angle              ? 
_diffrn_source.pdbx_wavelength_list        1.239850 
_diffrn_source.pdbx_wavelength             ? 
_diffrn_source.pdbx_synchrotron_beamline   08B1-1 
_diffrn_source.pdbx_synchrotron_site       CLSI 
# 
_reflns.B_iso_Wilson_estimate                          ? 
_reflns.entry_id                                       8Y9A 
_reflns.data_reduction_details                         ? 
_reflns.data_reduction_method                          ? 
_reflns.d_resolution_high                              3.10 
_reflns.d_resolution_low                               40.24 
_reflns.details                                        ? 
_reflns.limit_h_max                                    ? 
_reflns.limit_h_min                                    ? 
_reflns.limit_k_max                                    ? 
_reflns.limit_k_min                                    ? 
_reflns.limit_l_max                                    ? 
_reflns.limit_l_min                                    ? 
_reflns.number_all                                     ? 
_reflns.number_obs                                     3507 
_reflns.observed_criterion                             ? 
_reflns.observed_criterion_F_max                       ? 
_reflns.observed_criterion_F_min                       ? 
_reflns.observed_criterion_I_max                       ? 
_reflns.observed_criterion_I_min                       ? 
_reflns.observed_criterion_sigma_F                     ? 
_reflns.observed_criterion_sigma_I                     ? 
_reflns.percent_possible_obs                           98.7 
_reflns.R_free_details                                 ? 
_reflns.Rmerge_F_all                                   ? 
_reflns.Rmerge_F_obs                                   ? 
_reflns.Friedel_coverage                               ? 
_reflns.number_gt                                      ? 
_reflns.threshold_expression                           ? 
_reflns.pdbx_redundancy                                5.5 
_reflns.pdbx_netI_over_av_sigmaI                       ? 
_reflns.pdbx_netI_over_sigmaI                          9.6 
_reflns.pdbx_res_netI_over_av_sigmaI_2                 ? 
_reflns.pdbx_res_netI_over_sigmaI_2                    ? 
_reflns.pdbx_chi_squared                               ? 
_reflns.pdbx_scaling_rejects                           ? 
_reflns.pdbx_d_res_high_opt                            ? 
_reflns.pdbx_d_res_low_opt                             ? 
_reflns.pdbx_d_res_opt_method                          ? 
_reflns.phase_calculation_details                      ? 
_reflns.pdbx_Rrim_I_all                                ? 
_reflns.pdbx_Rpim_I_all                                ? 
_reflns.pdbx_d_opt                                     ? 
_reflns.pdbx_number_measured_all                       ? 
_reflns.pdbx_diffrn_id                                 1 
_reflns.pdbx_ordinal                                   1 
_reflns.pdbx_CC_half                                   ? 
_reflns.pdbx_CC_star                                   ? 
_reflns.pdbx_R_split                                   ? 
_reflns.pdbx_Rmerge_I_obs                              0.119 
_reflns.pdbx_Rmerge_I_all                              ? 
_reflns.pdbx_Rsym_value                                ? 
_reflns.pdbx_CC_split_method                           ? 
_reflns.pdbx_aniso_diffraction_limit_axis_1_ortho[1]   ? 
_reflns.pdbx_aniso_diffraction_limit_axis_1_ortho[2]   ? 
_reflns.pdbx_aniso_diffraction_limit_axis_1_ortho[3]   ? 
_reflns.pdbx_aniso_diffraction_limit_axis_2_ortho[1]   ? 
_reflns.pdbx_aniso_diffraction_limit_axis_2_ortho[2]   ? 
_reflns.pdbx_aniso_diffraction_limit_axis_2_ortho[3]   ? 
_reflns.pdbx_aniso_diffraction_limit_axis_3_ortho[1]   ? 
_reflns.pdbx_aniso_diffraction_limit_axis_3_ortho[2]   ? 
_reflns.pdbx_aniso_diffraction_limit_axis_3_ortho[3]   ? 
_reflns.pdbx_aniso_diffraction_limit_1                 ? 
_reflns.pdbx_aniso_diffraction_limit_2                 ? 
_reflns.pdbx_aniso_diffraction_limit_3                 ? 
_reflns.pdbx_aniso_B_tensor_eigenvector_1_ortho[1]     ? 
_reflns.pdbx_aniso_B_tensor_eigenvector_1_ortho[2]     ? 
_reflns.pdbx_aniso_B_tensor_eigenvector_1_ortho[3]     ? 
_reflns.pdbx_aniso_B_tensor_eigenvector_2_ortho[1]     ? 
_reflns.pdbx_aniso_B_tensor_eigenvector_2_ortho[2]     ? 
_reflns.pdbx_aniso_B_tensor_eigenvector_2_ortho[3]     ? 
_reflns.pdbx_aniso_B_tensor_eigenvector_3_ortho[1]     ? 
_reflns.pdbx_aniso_B_tensor_eigenvector_3_ortho[2]     ? 
_reflns.pdbx_aniso_B_tensor_eigenvector_3_ortho[3]     ? 
_reflns.pdbx_aniso_B_tensor_eigenvalue_1               ? 
_reflns.pdbx_aniso_B_tensor_eigenvalue_2               ? 
_reflns.pdbx_aniso_B_tensor_eigenvalue_3               ? 
_reflns.pdbx_orthogonalization_convention              ? 
_reflns.pdbx_percent_possible_ellipsoidal              ? 
_reflns.pdbx_percent_possible_spherical                ? 
_reflns.pdbx_percent_possible_ellipsoidal_anomalous    ? 
_reflns.pdbx_percent_possible_spherical_anomalous      ? 
_reflns.pdbx_redundancy_anomalous                      ? 
_reflns.pdbx_CC_half_anomalous                         ? 
_reflns.pdbx_absDiff_over_sigma_anomalous              ? 
_reflns.pdbx_percent_possible_anomalous                ? 
_reflns.pdbx_observed_signal_threshold                 ? 
_reflns.pdbx_signal_type                               ? 
_reflns.pdbx_signal_details                            ? 
_reflns.pdbx_signal_software_id                        ? 
# 
_reflns_shell.d_res_high                                    3.10 
_reflns_shell.d_res_low                                     3.31 
_reflns_shell.meanI_over_sigI_all                           ? 
_reflns_shell.meanI_over_sigI_obs                           ? 
_reflns_shell.number_measured_all                           ? 
_reflns_shell.number_measured_obs                           ? 
_reflns_shell.number_possible                               ? 
_reflns_shell.number_unique_all                             ? 
_reflns_shell.number_unique_obs                             640 
_reflns_shell.percent_possible_obs                          ? 
_reflns_shell.Rmerge_F_all                                  ? 
_reflns_shell.Rmerge_F_obs                                  ? 
_reflns_shell.meanI_over_sigI_gt                            ? 
_reflns_shell.meanI_over_uI_all                             ? 
_reflns_shell.meanI_over_uI_gt                              ? 
_reflns_shell.number_measured_gt                            ? 
_reflns_shell.number_unique_gt                              ? 
_reflns_shell.percent_possible_gt                           ? 
_reflns_shell.Rmerge_F_gt                                   ? 
_reflns_shell.Rmerge_I_gt                                   ? 
_reflns_shell.pdbx_redundancy                               ? 
_reflns_shell.pdbx_chi_squared                              ? 
_reflns_shell.pdbx_netI_over_sigmaI_all                     ? 
_reflns_shell.pdbx_netI_over_sigmaI_obs                     ? 
_reflns_shell.pdbx_Rrim_I_all                               ? 
_reflns_shell.pdbx_Rpim_I_all                               ? 
_reflns_shell.pdbx_rejects                                  ? 
_reflns_shell.pdbx_ordinal                                  1 
_reflns_shell.pdbx_diffrn_id                                1 
_reflns_shell.pdbx_CC_half                                  ? 
_reflns_shell.pdbx_CC_star                                  ? 
_reflns_shell.pdbx_R_split                                  ? 
_reflns_shell.percent_possible_all                          ? 
_reflns_shell.Rmerge_I_all                                  ? 
_reflns_shell.Rmerge_I_obs                                  0.824 
_reflns_shell.pdbx_Rsym_value                               ? 
_reflns_shell.pdbx_percent_possible_ellipsoidal             ? 
_reflns_shell.pdbx_percent_possible_spherical               ? 
_reflns_shell.pdbx_percent_possible_ellipsoidal_anomalous   ? 
_reflns_shell.pdbx_percent_possible_spherical_anomalous     ? 
_reflns_shell.pdbx_redundancy_anomalous                     ? 
_reflns_shell.pdbx_CC_half_anomalous                        ? 
_reflns_shell.pdbx_absDiff_over_sigma_anomalous             ? 
_reflns_shell.pdbx_percent_possible_anomalous               ? 
# 
_refine.aniso_B[1][1]                            2.620 
_refine.aniso_B[1][2]                            1.310 
_refine.aniso_B[1][3]                            0.000 
_refine.aniso_B[2][2]                            2.620 
_refine.aniso_B[2][3]                            0.000 
_refine.aniso_B[3][3]                            -8.500 
_refine.B_iso_max                                ? 
_refine.B_iso_mean                               87.712 
_refine.B_iso_min                                ? 
_refine.correlation_coeff_Fo_to_Fc               0.956 
_refine.correlation_coeff_Fo_to_Fc_free          0.892 
_refine.details                                  'Hydrogens have been added in their riding positions' 
_refine.diff_density_max                         ? 
_refine.diff_density_max_esd                     ? 
_refine.diff_density_min                         ? 
_refine.diff_density_min_esd                     ? 
_refine.diff_density_rms                         ? 
_refine.diff_density_rms_esd                     ? 
_refine.entry_id                                 8Y9A 
_refine.pdbx_refine_id                           'X-RAY DIFFRACTION' 
_refine.ls_abs_structure_details                 ? 
_refine.ls_abs_structure_Flack                   ? 
_refine.ls_abs_structure_Flack_esd               ? 
_refine.ls_abs_structure_Rogers                  ? 
_refine.ls_abs_structure_Rogers_esd              ? 
_refine.ls_d_res_high                            3.100 
_refine.ls_d_res_low                             40.24 
_refine.ls_extinction_coef                       ? 
_refine.ls_extinction_coef_esd                   ? 
_refine.ls_extinction_expression                 ? 
_refine.ls_extinction_method                     ? 
_refine.ls_goodness_of_fit_all                   ? 
_refine.ls_goodness_of_fit_all_esd               ? 
_refine.ls_goodness_of_fit_obs                   ? 
_refine.ls_goodness_of_fit_obs_esd               ? 
_refine.ls_hydrogen_treatment                    ? 
_refine.ls_matrix_type                           ? 
_refine.ls_number_constraints                    ? 
_refine.ls_number_parameters                     ? 
_refine.ls_number_reflns_all                     ? 
_refine.ls_number_reflns_obs                     3507 
_refine.ls_number_reflns_R_free                  166 
_refine.ls_number_reflns_R_work                  3341 
_refine.ls_number_restraints                     ? 
_refine.ls_percent_reflns_obs                    97.824 
_refine.ls_percent_reflns_R_free                 4.733 
_refine.ls_R_factor_all                          0.201 
_refine.ls_R_factor_obs                          ? 
_refine.ls_R_factor_R_free                       0.2681 
_refine.ls_R_factor_R_free_error                 ? 
_refine.ls_R_factor_R_free_error_details         ? 
_refine.ls_R_factor_R_work                       0.1979 
_refine.ls_R_Fsqd_factor_obs                     ? 
_refine.ls_R_I_factor_obs                        ? 
_refine.ls_redundancy_reflns_all                 ? 
_refine.ls_redundancy_reflns_obs                 ? 
_refine.ls_restrained_S_all                      ? 
_refine.ls_restrained_S_obs                      ? 
_refine.ls_shift_over_esd_max                    ? 
_refine.ls_shift_over_esd_mean                   ? 
_refine.ls_structure_factor_coef                 ? 
_refine.ls_weighting_details                     ? 
_refine.ls_weighting_scheme                      ? 
_refine.ls_wR_factor_all                         ? 
_refine.ls_wR_factor_obs                         ? 
_refine.ls_wR_factor_R_free                      ? 
_refine.ls_wR_factor_R_work                      ? 
_refine.occupancy_max                            ? 
_refine.occupancy_min                            ? 
_refine.solvent_model_details                    'MASK BULK SOLVENT' 
_refine.solvent_model_param_bsol                 ? 
_refine.solvent_model_param_ksol                 ? 
_refine.pdbx_R_complete                          ? 
_refine.ls_R_factor_gt                           ? 
_refine.ls_goodness_of_fit_gt                    ? 
_refine.ls_goodness_of_fit_ref                   ? 
_refine.ls_shift_over_su_max                     ? 
_refine.ls_shift_over_su_max_lt                  ? 
_refine.ls_shift_over_su_mean                    ? 
_refine.ls_shift_over_su_mean_lt                 ? 
_refine.pdbx_ls_sigma_I                          ? 
_refine.pdbx_ls_sigma_F                          ? 
_refine.pdbx_ls_sigma_Fsqd                       ? 
_refine.pdbx_data_cutoff_high_absF               ? 
_refine.pdbx_data_cutoff_high_rms_absF           ? 
_refine.pdbx_data_cutoff_low_absF                ? 
_refine.pdbx_isotropic_thermal_model             ? 
_refine.pdbx_ls_cross_valid_method               'FREE R-VALUE' 
_refine.pdbx_method_to_determine_struct          'MOLECULAR REPLACEMENT' 
_refine.pdbx_starting_model                      ? 
_refine.pdbx_stereochemistry_target_values       ? 
_refine.pdbx_R_Free_selection_details            ? 
_refine.pdbx_stereochem_target_val_spec_case     ? 
_refine.pdbx_overall_ESU_R                       ? 
_refine.pdbx_overall_ESU_R_Free                  0.486 
_refine.pdbx_solvent_vdw_probe_radii             1.200 
_refine.pdbx_solvent_ion_probe_radii             0.800 
_refine.pdbx_solvent_shrinkage_radii             0.800 
_refine.pdbx_real_space_R                        ? 
_refine.pdbx_density_correlation                 ? 
_refine.pdbx_pd_number_of_powder_patterns        ? 
_refine.pdbx_pd_number_of_points                 ? 
_refine.pdbx_pd_meas_number_of_points            ? 
_refine.pdbx_pd_proc_ls_prof_R_factor            ? 
_refine.pdbx_pd_proc_ls_prof_wR_factor           ? 
_refine.pdbx_pd_Marquardt_correlation_coeff      ? 
_refine.pdbx_pd_Fsqrd_R_factor                   ? 
_refine.pdbx_pd_ls_matrix_band_width             ? 
_refine.pdbx_overall_phase_error                 ? 
_refine.pdbx_overall_SU_R_free_Cruickshank_DPI   ? 
_refine.pdbx_overall_SU_R_free_Blow_DPI          ? 
_refine.pdbx_overall_SU_R_Blow_DPI               ? 
_refine.pdbx_TLS_residual_ADP_flag               ? 
_refine.pdbx_diffrn_id                           1 
_refine.overall_SU_B                             18.565 
_refine.overall_SU_ML                            0.326 
_refine.overall_SU_R_Cruickshank_DPI             ? 
_refine.overall_SU_R_free                        ? 
_refine.overall_FOM_free_R_set                   ? 
_refine.overall_FOM_work_R_set                   ? 
_refine.pdbx_average_fsc_overall                 ? 
_refine.pdbx_average_fsc_work                    ? 
_refine.pdbx_average_fsc_free                    ? 
# 
_refine_hist.pdbx_refine_id                   'X-RAY DIFFRACTION' 
_refine_hist.cycle_id                         LAST 
_refine_hist.details                          ? 
_refine_hist.d_res_high                       3.100 
_refine_hist.d_res_low                        40.24 
_refine_hist.number_atoms_solvent             29 
_refine_hist.number_atoms_total               1089 
_refine_hist.number_reflns_all                ? 
_refine_hist.number_reflns_obs                ? 
_refine_hist.number_reflns_R_free             ? 
_refine_hist.number_reflns_R_work             ? 
_refine_hist.R_factor_all                     ? 
_refine_hist.R_factor_obs                     ? 
_refine_hist.R_factor_R_free                  ? 
_refine_hist.R_factor_R_work                  ? 
_refine_hist.pdbx_number_residues_total       ? 
_refine_hist.pdbx_B_iso_mean_ligand           ? 
_refine_hist.pdbx_B_iso_mean_solvent          ? 
_refine_hist.pdbx_number_atoms_protein        1060 
_refine_hist.pdbx_number_atoms_nucleic_acid   0 
_refine_hist.pdbx_number_atoms_ligand         0 
_refine_hist.pdbx_number_atoms_lipid          ? 
_refine_hist.pdbx_number_atoms_carb           ? 
_refine_hist.pdbx_pseudo_atom_details         ? 
# 
loop_
_refine_ls_restr.pdbx_refine_id 
_refine_ls_restr.criterion 
_refine_ls_restr.dev_ideal 
_refine_ls_restr.dev_ideal_target 
_refine_ls_restr.number 
_refine_ls_restr.rejects 
_refine_ls_restr.type 
_refine_ls_restr.weight 
_refine_ls_restr.pdbx_restraint_function 
'X-RAY DIFFRACTION' ? 0.002  0.012   1076 ? r_bond_refined_d               ? ? 
'X-RAY DIFFRACTION' ? 0.001  0.016   1030 ? r_bond_other_d                 ? ? 
'X-RAY DIFFRACTION' ? 0.749  1.667   1438 ? r_angle_refined_deg            ? ? 
'X-RAY DIFFRACTION' ? 0.272  1.576   2420 ? r_angle_other_deg              ? ? 
'X-RAY DIFFRACTION' ? 5.519  5.000   126  ? r_dihedral_angle_1_deg         ? ? 
'X-RAY DIFFRACTION' ? 3.381  5.000   8    ? r_dihedral_angle_2_deg         ? ? 
'X-RAY DIFFRACTION' ? 12.271 10.000  230  ? r_dihedral_angle_3_deg         ? ? 
'X-RAY DIFFRACTION' ? 13.725 10.000  53   ? r_dihedral_angle_6_deg         ? ? 
'X-RAY DIFFRACTION' ? 0.036  0.200   155  ? r_chiral_restr                 ? ? 
'X-RAY DIFFRACTION' ? 0.003  0.020   1183 ? r_gen_planes_refined           ? ? 
'X-RAY DIFFRACTION' ? 0.001  0.020   197  ? r_gen_planes_other             ? ? 
'X-RAY DIFFRACTION' ? 0.226  0.200   265  ? r_nbd_refined                  ? ? 
'X-RAY DIFFRACTION' ? 0.179  0.200   926  ? r_symmetry_nbd_other           ? ? 
'X-RAY DIFFRACTION' ? 0.177  0.200   537  ? r_nbtor_refined                ? ? 
'X-RAY DIFFRACTION' ? 0.069  0.200   562  ? r_symmetry_nbtor_other         ? ? 
'X-RAY DIFFRACTION' ? 0.173  0.200   36   ? r_xyhbond_nbd_refined          ? ? 
'X-RAY DIFFRACTION' ? 0.142  0.200   21   ? r_symmetry_nbd_refined         ? ? 
'X-RAY DIFFRACTION' ? 0.151  0.200   93   ? r_nbd_other                    ? ? 
'X-RAY DIFFRACTION' ? 0.176  0.200   9    ? r_symmetry_xyhbond_nbd_refined ? ? 
'X-RAY DIFFRACTION' ? 3.454  9.046   507  ? r_mcbond_it                    ? ? 
'X-RAY DIFFRACTION' ? 3.420  9.049   507  ? r_mcbond_other                 ? ? 
'X-RAY DIFFRACTION' ? 5.307  13.543  632  ? r_mcangle_it                   ? ? 
'X-RAY DIFFRACTION' ? 5.307  13.551  633  ? r_mcangle_other                ? ? 
'X-RAY DIFFRACTION' ? 3.351  9.410   569  ? r_scbond_it                    ? ? 
'X-RAY DIFFRACTION' ? 3.345  9.406   568  ? r_scbond_other                 ? ? 
'X-RAY DIFFRACTION' ? 5.547  13.961  806  ? r_scangle_it                   ? ? 
'X-RAY DIFFRACTION' ? 5.543  13.967  807  ? r_scangle_other                ? ? 
'X-RAY DIFFRACTION' ? 9.399  123.539 1284 ? r_lrange_it                    ? ? 
'X-RAY DIFFRACTION' ? 9.373  123.811 1278 ? r_lrange_other                 ? ? 
# 
loop_
_refine_ls_shell.pdbx_refine_id 
_refine_ls_shell.d_res_high 
_refine_ls_shell.d_res_low 
_refine_ls_shell.number_reflns_all 
_refine_ls_shell.number_reflns_obs 
_refine_ls_shell.number_reflns_R_free 
_refine_ls_shell.number_reflns_R_work 
_refine_ls_shell.percent_reflns_obs 
_refine_ls_shell.percent_reflns_R_free 
_refine_ls_shell.R_factor_all 
_refine_ls_shell.R_factor_obs 
_refine_ls_shell.R_factor_R_free_error 
_refine_ls_shell.R_factor_R_work 
_refine_ls_shell.redundancy_reflns_all 
_refine_ls_shell.redundancy_reflns_obs 
_refine_ls_shell.wR_factor_all 
_refine_ls_shell.wR_factor_obs 
_refine_ls_shell.wR_factor_R_free 
_refine_ls_shell.wR_factor_R_work 
_refine_ls_shell.pdbx_R_complete 
_refine_ls_shell.pdbx_total_number_of_bins_used 
_refine_ls_shell.pdbx_phase_error 
_refine_ls_shell.pdbx_fsc_work 
_refine_ls_shell.pdbx_fsc_free 
_refine_ls_shell.R_factor_R_free 
'X-RAY DIFFRACTION' 3.100  3.180  . . 9  246 99.2218 . . . . 0.172 . . . . . . . . . . . 0.406 
'X-RAY DIFFRACTION' 3.180  3.267  . . 14 228 98.7755 . . . . 0.238 . . . . . . . . . . . 0.294 
'X-RAY DIFFRACTION' 3.267  3.361  . . 8  242 99.2063 . . . . 0.298 . . . . . . . . . . . 0.278 
'X-RAY DIFFRACTION' 3.361  3.464  . . 10 225 98.3264 . . . . 0.260 . . . . . . . . . . . 0.281 
'X-RAY DIFFRACTION' 3.464  3.576  . . 12 223 99.5763 . . . . 0.263 . . . . . . . . . . . 0.254 
'X-RAY DIFFRACTION' 3.576  3.701  . . 6  216 99.1071 . . . . 0.227 . . . . . . . . . . . 0.246 
'X-RAY DIFFRACTION' 3.701  3.839  . . 15 195 98.5915 . . . . 0.237 . . . . . . . . . . . 0.338 
'X-RAY DIFFRACTION' 3.839  3.995  . . 16 187 97.5962 . . . . 0.242 . . . . . . . . . . . 0.358 
'X-RAY DIFFRACTION' 3.995  4.170  . . 8  190 98.5075 . . . . 0.222 . . . . . . . . . . . 0.359 
'X-RAY DIFFRACTION' 4.170  4.372  . . 14 174 98.4293 . . . . 0.191 . . . . . . . . . . . 0.179 
'X-RAY DIFFRACTION' 4.372  4.605  . . 8  176 98.3957 . . . . 0.173 . . . . . . . . . . . 0.309 
'X-RAY DIFFRACTION' 4.605  4.880  . . 3  169 97.1751 . . . . 0.186 . . . . . . . . . . . 0.244 
'X-RAY DIFFRACTION' 4.880  5.212  . . 14 142 96.8944 . . . . 0.211 . . . . . . . . . . . 0.395 
'X-RAY DIFFRACTION' 5.212  5.622  . . 11 146 98.1250 . . . . 0.207 . . . . . . . . . . . 0.308 
'X-RAY DIFFRACTION' 5.622  6.146  . . 3  136 96.5278 . . . . 0.227 . . . . . . . . . . . 0.226 
'X-RAY DIFFRACTION' 6.146  6.852  . . 5  120 95.4198 . . . . 0.182 . . . . . . . . . . . 0.113 
'X-RAY DIFFRACTION' 6.852  7.874  . . 1  107 94.7368 . . . . 0.161 . . . . . . . . . . . 3.057 
'X-RAY DIFFRACTION' 7.874  9.553  . . 4  97  96.1905 . . . . 0.105 . . . . . . . . . . . 0.090 
'X-RAY DIFFRACTION' 9.553  13.145 . . 3  73  93.8272 . . . . 0.104 . . . . . . . . . . . 0.124 
'X-RAY DIFFRACTION' 13.145 40.24  . . 2  49  91.0714 . . . . 0.193 . . . . . . . . . . . 0.133 
# 
_struct.entry_id                     8Y9A 
_struct.title                        'The Crystal Structure of USP8 from Biortus.' 
_struct.pdbx_model_details           ? 
_struct.pdbx_formula_weight          ? 
_struct.pdbx_formula_weight_method   ? 
_struct.pdbx_model_type_details      ? 
_struct.pdbx_CASP_flag               N 
# 
_struct_keywords.entry_id        8Y9A 
_struct_keywords.text            'Hydrolase, Protease, Thiol protease, Cell cycle, Ubl conjugation pathway' 
_struct_keywords.pdbx_keywords   HYDROLASE 
# 
loop_
_struct_asym.id 
_struct_asym.pdbx_blank_PDB_chainid_flag 
_struct_asym.pdbx_modified 
_struct_asym.entity_id 
_struct_asym.details 
A N N 1 ? 
B N N 2 ? 
# 
_struct_ref.id                         1 
_struct_ref.db_name                    UNP 
_struct_ref.db_code                    UBP8_HUMAN 
_struct_ref.pdbx_db_accession          P40818 
_struct_ref.pdbx_db_isoform            ? 
_struct_ref.entity_id                  1 
_struct_ref.pdbx_seq_one_letter_code   
;MPAVASVPKELYLSSSLKDLNKKTEVKPEKISTKSYVHSALKIFKTAEECRLDRDEERAYVLYMKYVTVYNLIKKRPDFK
QQQDYFHSILGPGNIKKAVEEAERLSESLKLRYEEAEVRKKLEEKDRQEEAQRLQQKRQETG
;
_struct_ref.pdbx_align_begin           1 
# 
_struct_ref_seq.align_id                      1 
_struct_ref_seq.ref_id                        1 
_struct_ref_seq.pdbx_PDB_id_code              8Y9A 
_struct_ref_seq.pdbx_strand_id                A 
_struct_ref_seq.seq_align_beg                 1 
_struct_ref_seq.pdbx_seq_align_beg_ins_code   ? 
_struct_ref_seq.seq_align_end                 142 
_struct_ref_seq.pdbx_seq_align_end_ins_code   ? 
_struct_ref_seq.pdbx_db_accession             P40818 
_struct_ref_seq.db_align_beg                  1 
_struct_ref_seq.pdbx_db_align_beg_ins_code    ? 
_struct_ref_seq.db_align_end                  142 
_struct_ref_seq.pdbx_db_align_end_ins_code    ? 
_struct_ref_seq.pdbx_auth_seq_align_beg       1 
_struct_ref_seq.pdbx_auth_seq_align_end       142 
# 
_pdbx_struct_assembly.id                   1 
_pdbx_struct_assembly.details              author_defined_assembly 
_pdbx_struct_assembly.method_details       ? 
_pdbx_struct_assembly.oligomeric_details   monomeric 
_pdbx_struct_assembly.oligomeric_count     1 
# 
_pdbx_struct_assembly_gen.assembly_id       1 
_pdbx_struct_assembly_gen.oper_expression   1 
_pdbx_struct_assembly_gen.asym_id_list      A,B 
# 
_pdbx_struct_assembly_auth_evidence.id                     1 
_pdbx_struct_assembly_auth_evidence.assembly_id            1 
_pdbx_struct_assembly_auth_evidence.experimental_support   'gel filtration' 
_pdbx_struct_assembly_auth_evidence.details                ? 
# 
_pdbx_struct_oper_list.id                   1 
_pdbx_struct_oper_list.type                 'identity operation' 
_pdbx_struct_oper_list.name                 1_555 
_pdbx_struct_oper_list.symmetry_operation   x,y,z 
_pdbx_struct_oper_list.matrix[1][1]         1.0000000000 
_pdbx_struct_oper_list.matrix[1][2]         0.0000000000 
_pdbx_struct_oper_list.matrix[1][3]         0.0000000000 
_pdbx_struct_oper_list.vector[1]            0.0000000000 
_pdbx_struct_oper_list.matrix[2][1]         0.0000000000 
_pdbx_struct_oper_list.matrix[2][2]         1.0000000000 
_pdbx_struct_oper_list.matrix[2][3]         0.0000000000 
_pdbx_struct_oper_list.vector[2]            0.0000000000 
_pdbx_struct_oper_list.matrix[3][1]         0.0000000000 
_pdbx_struct_oper_list.matrix[3][2]         0.0000000000 
_pdbx_struct_oper_list.matrix[3][3]         1.0000000000 
_pdbx_struct_oper_list.vector[3]            0.0000000000 
# 
loop_
_struct_conf.conf_type_id 
_struct_conf.id 
_struct_conf.pdbx_PDB_helix_id 
_struct_conf.beg_label_comp_id 
_struct_conf.beg_label_asym_id 
_struct_conf.beg_label_seq_id 
_struct_conf.pdbx_beg_PDB_ins_code 
_struct_conf.end_label_comp_id 
_struct_conf.end_label_asym_id 
_struct_conf.end_label_seq_id 
_struct_conf.pdbx_end_PDB_ins_code 
_struct_conf.beg_auth_comp_id 
_struct_conf.beg_auth_asym_id 
_struct_conf.beg_auth_seq_id 
_struct_conf.end_auth_comp_id 
_struct_conf.end_auth_asym_id 
_struct_conf.end_auth_seq_id 
_struct_conf.pdbx_PDB_helix_class 
_struct_conf.details 
_struct_conf.pdbx_PDB_helix_length 
HELX_P HELX_P1 AA1 SER A 16 ? LYS A 22  ? SER A 16 LYS A 22  1 ? 7  
HELX_P HELX_P2 AA2 LYS A 27 ? ILE A 31  ? LYS A 27 ILE A 31  5 ? 5  
HELX_P HELX_P3 AA3 SER A 32 ? ARG A 54  ? SER A 32 ARG A 54  1 ? 23 
HELX_P HELX_P4 AA4 ASP A 55 ? LYS A 74  ? ASP A 55 LYS A 74  1 ? 20 
HELX_P HELX_P5 AA5 ARG A 76 ? GLN A 82  ? ARG A 76 GLN A 82  1 ? 7  
HELX_P HELX_P6 AA6 GLN A 82 ? LEU A 90  ? GLN A 82 LEU A 90  1 ? 9  
HELX_P HELX_P7 AA7 GLY A 93 ? GLN A 128 ? GLY A 93 GLN A 128 1 ? 36 
# 
_struct_conf_type.id          HELX_P 
_struct_conf_type.criteria    ? 
_struct_conf_type.reference   ? 
# 
_pdbx_validate_symm_contact.id                1 
_pdbx_validate_symm_contact.PDB_model_num     1 
_pdbx_validate_symm_contact.auth_atom_id_1    O 
_pdbx_validate_symm_contact.auth_asym_id_1    A 
_pdbx_validate_symm_contact.auth_comp_id_1    HOH 
_pdbx_validate_symm_contact.auth_seq_id_1     203 
_pdbx_validate_symm_contact.PDB_ins_code_1    ? 
_pdbx_validate_symm_contact.label_alt_id_1    ? 
_pdbx_validate_symm_contact.site_symmetry_1   1_555 
_pdbx_validate_symm_contact.auth_atom_id_2    O 
_pdbx_validate_symm_contact.auth_asym_id_2    A 
_pdbx_validate_symm_contact.auth_comp_id_2    HOH 
_pdbx_validate_symm_contact.auth_seq_id_2     207 
_pdbx_validate_symm_contact.PDB_ins_code_2    ? 
_pdbx_validate_symm_contact.label_alt_id_2    ? 
_pdbx_validate_symm_contact.site_symmetry_2   11_445 
_pdbx_validate_symm_contact.dist              2.11 
# 
loop_
_pdbx_validate_torsion.id 
_pdbx_validate_torsion.PDB_model_num 
_pdbx_validate_torsion.auth_comp_id 
_pdbx_validate_torsion.auth_asym_id 
_pdbx_validate_torsion.auth_seq_id 
_pdbx_validate_torsion.PDB_ins_code 
_pdbx_validate_torsion.label_alt_id 
_pdbx_validate_torsion.phi 
_pdbx_validate_torsion.psi 
1 1 TYR A 12  ? ? -140.65 -24.22 
2 1 ARG A 54  ? ? 91.78   11.83  
3 1 GLU A 130 ? ? -73.50  -72.35 
# 
_pdbx_struct_special_symmetry.id              1 
_pdbx_struct_special_symmetry.PDB_model_num   1 
_pdbx_struct_special_symmetry.auth_asym_id    A 
_pdbx_struct_special_symmetry.auth_comp_id    HOH 
_pdbx_struct_special_symmetry.auth_seq_id     213 
_pdbx_struct_special_symmetry.PDB_ins_code    ? 
_pdbx_struct_special_symmetry.label_asym_id   B 
_pdbx_struct_special_symmetry.label_comp_id   HOH 
_pdbx_struct_special_symmetry.label_seq_id    . 
# 
loop_
_pdbx_distant_solvent_atoms.id 
_pdbx_distant_solvent_atoms.PDB_model_num 
_pdbx_distant_solvent_atoms.auth_atom_id 
_pdbx_distant_solvent_atoms.label_alt_id 
_pdbx_distant_solvent_atoms.auth_asym_id 
_pdbx_distant_solvent_atoms.auth_comp_id 
_pdbx_distant_solvent_atoms.auth_seq_id 
_pdbx_distant_solvent_atoms.PDB_ins_code 
_pdbx_distant_solvent_atoms.neighbor_macromolecule_distance 
_pdbx_distant_solvent_atoms.neighbor_ligand_distance 
1 1 O ? A HOH 227 ? 6.54 . 
2 1 O ? A HOH 228 ? 6.67 . 
3 1 O ? A HOH 229 ? 8.49 . 
# 
loop_
_pdbx_unobs_or_zero_occ_residues.id 
_pdbx_unobs_or_zero_occ_residues.PDB_model_num 
_pdbx_unobs_or_zero_occ_residues.polymer_flag 
_pdbx_unobs_or_zero_occ_residues.occupancy_flag 
_pdbx_unobs_or_zero_occ_residues.auth_asym_id 
_pdbx_unobs_or_zero_occ_residues.auth_comp_id 
_pdbx_unobs_or_zero_occ_residues.auth_seq_id 
_pdbx_unobs_or_zero_occ_residues.PDB_ins_code 
_pdbx_unobs_or_zero_occ_residues.label_asym_id 
_pdbx_unobs_or_zero_occ_residues.label_comp_id 
_pdbx_unobs_or_zero_occ_residues.label_seq_id 
1  1 Y 1 A MET 1   ? A MET 1   
2  1 Y 1 A PRO 2   ? A PRO 2   
3  1 Y 1 A ALA 3   ? A ALA 3   
4  1 Y 1 A VAL 4   ? A VAL 4   
5  1 Y 1 A ALA 5   ? A ALA 5   
6  1 Y 1 A ARG 133 ? A ARG 133 
7  1 Y 1 A LEU 134 ? A LEU 134 
8  1 Y 1 A GLN 135 ? A GLN 135 
9  1 Y 1 A GLN 136 ? A GLN 136 
10 1 Y 1 A LYS 137 ? A LYS 137 
11 1 Y 1 A ARG 138 ? A ARG 138 
12 1 Y 1 A GLN 139 ? A GLN 139 
13 1 Y 1 A GLU 140 ? A GLU 140 
14 1 Y 1 A THR 141 ? A THR 141 
15 1 Y 1 A GLY 142 ? A GLY 142 
# 
loop_
_chem_comp_atom.comp_id 
_chem_comp_atom.atom_id 
_chem_comp_atom.type_symbol 
_chem_comp_atom.pdbx_aromatic_flag 
_chem_comp_atom.pdbx_stereo_config 
_chem_comp_atom.pdbx_ordinal 
ALA N    N N N 1   
ALA CA   C N S 2   
ALA C    C N N 3   
ALA O    O N N 4   
ALA CB   C N N 5   
ALA OXT  O N N 6   
ALA H    H N N 7   
ALA H2   H N N 8   
ALA HA   H N N 9   
ALA HB1  H N N 10  
ALA HB2  H N N 11  
ALA HB3  H N N 12  
ALA HXT  H N N 13  
ARG N    N N N 14  
ARG CA   C N S 15  
ARG C    C N N 16  
ARG O    O N N 17  
ARG CB   C N N 18  
ARG CG   C N N 19  
ARG CD   C N N 20  
ARG NE   N N N 21  
ARG CZ   C N N 22  
ARG NH1  N N N 23  
ARG NH2  N N N 24  
ARG OXT  O N N 25  
ARG H    H N N 26  
ARG H2   H N N 27  
ARG HA   H N N 28  
ARG HB2  H N N 29  
ARG HB3  H N N 30  
ARG HG2  H N N 31  
ARG HG3  H N N 32  
ARG HD2  H N N 33  
ARG HD3  H N N 34  
ARG HE   H N N 35  
ARG HH11 H N N 36  
ARG HH12 H N N 37  
ARG HH21 H N N 38  
ARG HH22 H N N 39  
ARG HXT  H N N 40  
ASN N    N N N 41  
ASN CA   C N S 42  
ASN C    C N N 43  
ASN O    O N N 44  
ASN CB   C N N 45  
ASN CG   C N N 46  
ASN OD1  O N N 47  
ASN ND2  N N N 48  
ASN OXT  O N N 49  
ASN H    H N N 50  
ASN H2   H N N 51  
ASN HA   H N N 52  
ASN HB2  H N N 53  
ASN HB3  H N N 54  
ASN HD21 H N N 55  
ASN HD22 H N N 56  
ASN HXT  H N N 57  
ASP N    N N N 58  
ASP CA   C N S 59  
ASP C    C N N 60  
ASP O    O N N 61  
ASP CB   C N N 62  
ASP CG   C N N 63  
ASP OD1  O N N 64  
ASP OD2  O N N 65  
ASP OXT  O N N 66  
ASP H    H N N 67  
ASP H2   H N N 68  
ASP HA   H N N 69  
ASP HB2  H N N 70  
ASP HB3  H N N 71  
ASP HD2  H N N 72  
ASP HXT  H N N 73  
CYS N    N N N 74  
CYS CA   C N R 75  
CYS C    C N N 76  
CYS O    O N N 77  
CYS CB   C N N 78  
CYS SG   S N N 79  
CYS OXT  O N N 80  
CYS H    H N N 81  
CYS H2   H N N 82  
CYS HA   H N N 83  
CYS HB2  H N N 84  
CYS HB3  H N N 85  
CYS HG   H N N 86  
CYS HXT  H N N 87  
GLN N    N N N 88  
GLN CA   C N S 89  
GLN C    C N N 90  
GLN O    O N N 91  
GLN CB   C N N 92  
GLN CG   C N N 93  
GLN CD   C N N 94  
GLN OE1  O N N 95  
GLN NE2  N N N 96  
GLN OXT  O N N 97  
GLN H    H N N 98  
GLN H2   H N N 99  
GLN HA   H N N 100 
GLN HB2  H N N 101 
GLN HB3  H N N 102 
GLN HG2  H N N 103 
GLN HG3  H N N 104 
GLN HE21 H N N 105 
GLN HE22 H N N 106 
GLN HXT  H N N 107 
GLU N    N N N 108 
GLU CA   C N S 109 
GLU C    C N N 110 
GLU O    O N N 111 
GLU CB   C N N 112 
GLU CG   C N N 113 
GLU CD   C N N 114 
GLU OE1  O N N 115 
GLU OE2  O N N 116 
GLU OXT  O N N 117 
GLU H    H N N 118 
GLU H2   H N N 119 
GLU HA   H N N 120 
GLU HB2  H N N 121 
GLU HB3  H N N 122 
GLU HG2  H N N 123 
GLU HG3  H N N 124 
GLU HE2  H N N 125 
GLU HXT  H N N 126 
GLY N    N N N 127 
GLY CA   C N N 128 
GLY C    C N N 129 
GLY O    O N N 130 
GLY OXT  O N N 131 
GLY H    H N N 132 
GLY H2   H N N 133 
GLY HA2  H N N 134 
GLY HA3  H N N 135 
GLY HXT  H N N 136 
HIS N    N N N 137 
HIS CA   C N S 138 
HIS C    C N N 139 
HIS O    O N N 140 
HIS CB   C N N 141 
HIS CG   C Y N 142 
HIS ND1  N Y N 143 
HIS CD2  C Y N 144 
HIS CE1  C Y N 145 
HIS NE2  N Y N 146 
HIS OXT  O N N 147 
HIS H    H N N 148 
HIS H2   H N N 149 
HIS HA   H N N 150 
HIS HB2  H N N 151 
HIS HB3  H N N 152 
HIS HD1  H N N 153 
HIS HD2  H N N 154 
HIS HE1  H N N 155 
HIS HE2  H N N 156 
HIS HXT  H N N 157 
HOH O    O N N 158 
HOH H1   H N N 159 
HOH H2   H N N 160 
ILE N    N N N 161 
ILE CA   C N S 162 
ILE C    C N N 163 
ILE O    O N N 164 
ILE CB   C N S 165 
ILE CG1  C N N 166 
ILE CG2  C N N 167 
ILE CD1  C N N 168 
ILE OXT  O N N 169 
ILE H    H N N 170 
ILE H2   H N N 171 
ILE HA   H N N 172 
ILE HB   H N N 173 
ILE HG12 H N N 174 
ILE HG13 H N N 175 
ILE HG21 H N N 176 
ILE HG22 H N N 177 
ILE HG23 H N N 178 
ILE HD11 H N N 179 
ILE HD12 H N N 180 
ILE HD13 H N N 181 
ILE HXT  H N N 182 
LEU N    N N N 183 
LEU CA   C N S 184 
LEU C    C N N 185 
LEU O    O N N 186 
LEU CB   C N N 187 
LEU CG   C N N 188 
LEU CD1  C N N 189 
LEU CD2  C N N 190 
LEU OXT  O N N 191 
LEU H    H N N 192 
LEU H2   H N N 193 
LEU HA   H N N 194 
LEU HB2  H N N 195 
LEU HB3  H N N 196 
LEU HG   H N N 197 
LEU HD11 H N N 198 
LEU HD12 H N N 199 
LEU HD13 H N N 200 
LEU HD21 H N N 201 
LEU HD22 H N N 202 
LEU HD23 H N N 203 
LEU HXT  H N N 204 
LYS N    N N N 205 
LYS CA   C N S 206 
LYS C    C N N 207 
LYS O    O N N 208 
LYS CB   C N N 209 
LYS CG   C N N 210 
LYS CD   C N N 211 
LYS CE   C N N 212 
LYS NZ   N N N 213 
LYS OXT  O N N 214 
LYS H    H N N 215 
LYS H2   H N N 216 
LYS HA   H N N 217 
LYS HB2  H N N 218 
LYS HB3  H N N 219 
LYS HG2  H N N 220 
LYS HG3  H N N 221 
LYS HD2  H N N 222 
LYS HD3  H N N 223 
LYS HE2  H N N 224 
LYS HE3  H N N 225 
LYS HZ1  H N N 226 
LYS HZ2  H N N 227 
LYS HZ3  H N N 228 
LYS HXT  H N N 229 
MET N    N N N 230 
MET CA   C N S 231 
MET C    C N N 232 
MET O    O N N 233 
MET CB   C N N 234 
MET CG   C N N 235 
MET SD   S N N 236 
MET CE   C N N 237 
MET OXT  O N N 238 
MET H    H N N 239 
MET H2   H N N 240 
MET HA   H N N 241 
MET HB2  H N N 242 
MET HB3  H N N 243 
MET HG2  H N N 244 
MET HG3  H N N 245 
MET HE1  H N N 246 
MET HE2  H N N 247 
MET HE3  H N N 248 
MET HXT  H N N 249 
PHE N    N N N 250 
PHE CA   C N S 251 
PHE C    C N N 252 
PHE O    O N N 253 
PHE CB   C N N 254 
PHE CG   C Y N 255 
PHE CD1  C Y N 256 
PHE CD2  C Y N 257 
PHE CE1  C Y N 258 
PHE CE2  C Y N 259 
PHE CZ   C Y N 260 
PHE OXT  O N N 261 
PHE H    H N N 262 
PHE H2   H N N 263 
PHE HA   H N N 264 
PHE HB2  H N N 265 
PHE HB3  H N N 266 
PHE HD1  H N N 267 
PHE HD2  H N N 268 
PHE HE1  H N N 269 
PHE HE2  H N N 270 
PHE HZ   H N N 271 
PHE HXT  H N N 272 
PRO N    N N N 273 
PRO CA   C N S 274 
PRO C    C N N 275 
PRO O    O N N 276 
PRO CB   C N N 277 
PRO CG   C N N 278 
PRO CD   C N N 279 
PRO OXT  O N N 280 
PRO H    H N N 281 
PRO HA   H N N 282 
PRO HB2  H N N 283 
PRO HB3  H N N 284 
PRO HG2  H N N 285 
PRO HG3  H N N 286 
PRO HD2  H N N 287 
PRO HD3  H N N 288 
PRO HXT  H N N 289 
SER N    N N N 290 
SER CA   C N S 291 
SER C    C N N 292 
SER O    O N N 293 
SER CB   C N N 294 
SER OG   O N N 295 
SER OXT  O N N 296 
SER H    H N N 297 
SER H2   H N N 298 
SER HA   H N N 299 
SER HB2  H N N 300 
SER HB3  H N N 301 
SER HG   H N N 302 
SER HXT  H N N 303 
THR N    N N N 304 
THR CA   C N S 305 
THR C    C N N 306 
THR O    O N N 307 
THR CB   C N R 308 
THR OG1  O N N 309 
THR CG2  C N N 310 
THR OXT  O N N 311 
THR H    H N N 312 
THR H2   H N N 313 
THR HA   H N N 314 
THR HB   H N N 315 
THR HG1  H N N 316 
THR HG21 H N N 317 
THR HG22 H N N 318 
THR HG23 H N N 319 
THR HXT  H N N 320 
TYR N    N N N 321 
TYR CA   C N S 322 
TYR C    C N N 323 
TYR O    O N N 324 
TYR CB   C N N 325 
TYR CG   C Y N 326 
TYR CD1  C Y N 327 
TYR CD2  C Y N 328 
TYR CE1  C Y N 329 
TYR CE2  C Y N 330 
TYR CZ   C Y N 331 
TYR OH   O N N 332 
TYR OXT  O N N 333 
TYR H    H N N 334 
TYR H2   H N N 335 
TYR HA   H N N 336 
TYR HB2  H N N 337 
TYR HB3  H N N 338 
TYR HD1  H N N 339 
TYR HD2  H N N 340 
TYR HE1  H N N 341 
TYR HE2  H N N 342 
TYR HH   H N N 343 
TYR HXT  H N N 344 
VAL N    N N N 345 
VAL CA   C N S 346 
VAL C    C N N 347 
VAL O    O N N 348 
VAL CB   C N N 349 
VAL CG1  C N N 350 
VAL CG2  C N N 351 
VAL OXT  O N N 352 
VAL H    H N N 353 
VAL H2   H N N 354 
VAL HA   H N N 355 
VAL HB   H N N 356 
VAL HG11 H N N 357 
VAL HG12 H N N 358 
VAL HG13 H N N 359 
VAL HG21 H N N 360 
VAL HG22 H N N 361 
VAL HG23 H N N 362 
VAL HXT  H N N 363 
# 
loop_
_chem_comp_bond.comp_id 
_chem_comp_bond.atom_id_1 
_chem_comp_bond.atom_id_2 
_chem_comp_bond.value_order 
_chem_comp_bond.pdbx_aromatic_flag 
_chem_comp_bond.pdbx_stereo_config 
_chem_comp_bond.pdbx_ordinal 
ALA N   CA   sing N N 1   
ALA N   H    sing N N 2   
ALA N   H2   sing N N 3   
ALA CA  C    sing N N 4   
ALA CA  CB   sing N N 5   
ALA CA  HA   sing N N 6   
ALA C   O    doub N N 7   
ALA C   OXT  sing N N 8   
ALA CB  HB1  sing N N 9   
ALA CB  HB2  sing N N 10  
ALA CB  HB3  sing N N 11  
ALA OXT HXT  sing N N 12  
ARG N   CA   sing N N 13  
ARG N   H    sing N N 14  
ARG N   H2   sing N N 15  
ARG CA  C    sing N N 16  
ARG CA  CB   sing N N 17  
ARG CA  HA   sing N N 18  
ARG C   O    doub N N 19  
ARG C   OXT  sing N N 20  
ARG CB  CG   sing N N 21  
ARG CB  HB2  sing N N 22  
ARG CB  HB3  sing N N 23  
ARG CG  CD   sing N N 24  
ARG CG  HG2  sing N N 25  
ARG CG  HG3  sing N N 26  
ARG CD  NE   sing N N 27  
ARG CD  HD2  sing N N 28  
ARG CD  HD3  sing N N 29  
ARG NE  CZ   sing N N 30  
ARG NE  HE   sing N N 31  
ARG CZ  NH1  sing N N 32  
ARG CZ  NH2  doub N N 33  
ARG NH1 HH11 sing N N 34  
ARG NH1 HH12 sing N N 35  
ARG NH2 HH21 sing N N 36  
ARG NH2 HH22 sing N N 37  
ARG OXT HXT  sing N N 38  
ASN N   CA   sing N N 39  
ASN N   H    sing N N 40  
ASN N   H2   sing N N 41  
ASN CA  C    sing N N 42  
ASN CA  CB   sing N N 43  
ASN CA  HA   sing N N 44  
ASN C   O    doub N N 45  
ASN C   OXT  sing N N 46  
ASN CB  CG   sing N N 47  
ASN CB  HB2  sing N N 48  
ASN CB  HB3  sing N N 49  
ASN CG  OD1  doub N N 50  
ASN CG  ND2  sing N N 51  
ASN ND2 HD21 sing N N 52  
ASN ND2 HD22 sing N N 53  
ASN OXT HXT  sing N N 54  
ASP N   CA   sing N N 55  
ASP N   H    sing N N 56  
ASP N   H2   sing N N 57  
ASP CA  C    sing N N 58  
ASP CA  CB   sing N N 59  
ASP CA  HA   sing N N 60  
ASP C   O    doub N N 61  
ASP C   OXT  sing N N 62  
ASP CB  CG   sing N N 63  
ASP CB  HB2  sing N N 64  
ASP CB  HB3  sing N N 65  
ASP CG  OD1  doub N N 66  
ASP CG  OD2  sing N N 67  
ASP OD2 HD2  sing N N 68  
ASP OXT HXT  sing N N 69  
CYS N   CA   sing N N 70  
CYS N   H    sing N N 71  
CYS N   H2   sing N N 72  
CYS CA  C    sing N N 73  
CYS CA  CB   sing N N 74  
CYS CA  HA   sing N N 75  
CYS C   O    doub N N 76  
CYS C   OXT  sing N N 77  
CYS CB  SG   sing N N 78  
CYS CB  HB2  sing N N 79  
CYS CB  HB3  sing N N 80  
CYS SG  HG   sing N N 81  
CYS OXT HXT  sing N N 82  
GLN N   CA   sing N N 83  
GLN N   H    sing N N 84  
GLN N   H2   sing N N 85  
GLN CA  C    sing N N 86  
GLN CA  CB   sing N N 87  
GLN CA  HA   sing N N 88  
GLN C   O    doub N N 89  
GLN C   OXT  sing N N 90  
GLN CB  CG   sing N N 91  
GLN CB  HB2  sing N N 92  
GLN CB  HB3  sing N N 93  
GLN CG  CD   sing N N 94  
GLN CG  HG2  sing N N 95  
GLN CG  HG3  sing N N 96  
GLN CD  OE1  doub N N 97  
GLN CD  NE2  sing N N 98  
GLN NE2 HE21 sing N N 99  
GLN NE2 HE22 sing N N 100 
GLN OXT HXT  sing N N 101 
GLU N   CA   sing N N 102 
GLU N   H    sing N N 103 
GLU N   H2   sing N N 104 
GLU CA  C    sing N N 105 
GLU CA  CB   sing N N 106 
GLU CA  HA   sing N N 107 
GLU C   O    doub N N 108 
GLU C   OXT  sing N N 109 
GLU CB  CG   sing N N 110 
GLU CB  HB2  sing N N 111 
GLU CB  HB3  sing N N 112 
GLU CG  CD   sing N N 113 
GLU CG  HG2  sing N N 114 
GLU CG  HG3  sing N N 115 
GLU CD  OE1  doub N N 116 
GLU CD  OE2  sing N N 117 
GLU OE2 HE2  sing N N 118 
GLU OXT HXT  sing N N 119 
GLY N   CA   sing N N 120 
GLY N   H    sing N N 121 
GLY N   H2   sing N N 122 
GLY CA  C    sing N N 123 
GLY CA  HA2  sing N N 124 
GLY CA  HA3  sing N N 125 
GLY C   O    doub N N 126 
GLY C   OXT  sing N N 127 
GLY OXT HXT  sing N N 128 
HIS N   CA   sing N N 129 
HIS N   H    sing N N 130 
HIS N   H2   sing N N 131 
HIS CA  C    sing N N 132 
HIS CA  CB   sing N N 133 
HIS CA  HA   sing N N 134 
HIS C   O    doub N N 135 
HIS C   OXT  sing N N 136 
HIS CB  CG   sing N N 137 
HIS CB  HB2  sing N N 138 
HIS CB  HB3  sing N N 139 
HIS CG  ND1  sing Y N 140 
HIS CG  CD2  doub Y N 141 
HIS ND1 CE1  doub Y N 142 
HIS ND1 HD1  sing N N 143 
HIS CD2 NE2  sing Y N 144 
HIS CD2 HD2  sing N N 145 
HIS CE1 NE2  sing Y N 146 
HIS CE1 HE1  sing N N 147 
HIS NE2 HE2  sing N N 148 
HIS OXT HXT  sing N N 149 
HOH O   H1   sing N N 150 
HOH O   H2   sing N N 151 
ILE N   CA   sing N N 152 
ILE N   H    sing N N 153 
ILE N   H2   sing N N 154 
ILE CA  C    sing N N 155 
ILE CA  CB   sing N N 156 
ILE CA  HA   sing N N 157 
ILE C   O    doub N N 158 
ILE C   OXT  sing N N 159 
ILE CB  CG1  sing N N 160 
ILE CB  CG2  sing N N 161 
ILE CB  HB   sing N N 162 
ILE CG1 CD1  sing N N 163 
ILE CG1 HG12 sing N N 164 
ILE CG1 HG13 sing N N 165 
ILE CG2 HG21 sing N N 166 
ILE CG2 HG22 sing N N 167 
ILE CG2 HG23 sing N N 168 
ILE CD1 HD11 sing N N 169 
ILE CD1 HD12 sing N N 170 
ILE CD1 HD13 sing N N 171 
ILE OXT HXT  sing N N 172 
LEU N   CA   sing N N 173 
LEU N   H    sing N N 174 
LEU N   H2   sing N N 175 
LEU CA  C    sing N N 176 
LEU CA  CB   sing N N 177 
LEU CA  HA   sing N N 178 
LEU C   O    doub N N 179 
LEU C   OXT  sing N N 180 
LEU CB  CG   sing N N 181 
LEU CB  HB2  sing N N 182 
LEU CB  HB3  sing N N 183 
LEU CG  CD1  sing N N 184 
LEU CG  CD2  sing N N 185 
LEU CG  HG   sing N N 186 
LEU CD1 HD11 sing N N 187 
LEU CD1 HD12 sing N N 188 
LEU CD1 HD13 sing N N 189 
LEU CD2 HD21 sing N N 190 
LEU CD2 HD22 sing N N 191 
LEU CD2 HD23 sing N N 192 
LEU OXT HXT  sing N N 193 
LYS N   CA   sing N N 194 
LYS N   H    sing N N 195 
LYS N   H2   sing N N 196 
LYS CA  C    sing N N 197 
LYS CA  CB   sing N N 198 
LYS CA  HA   sing N N 199 
LYS C   O    doub N N 200 
LYS C   OXT  sing N N 201 
LYS CB  CG   sing N N 202 
LYS CB  HB2  sing N N 203 
LYS CB  HB3  sing N N 204 
LYS CG  CD   sing N N 205 
LYS CG  HG2  sing N N 206 
LYS CG  HG3  sing N N 207 
LYS CD  CE   sing N N 208 
LYS CD  HD2  sing N N 209 
LYS CD  HD3  sing N N 210 
LYS CE  NZ   sing N N 211 
LYS CE  HE2  sing N N 212 
LYS CE  HE3  sing N N 213 
LYS NZ  HZ1  sing N N 214 
LYS NZ  HZ2  sing N N 215 
LYS NZ  HZ3  sing N N 216 
LYS OXT HXT  sing N N 217 
MET N   CA   sing N N 218 
MET N   H    sing N N 219 
MET N   H2   sing N N 220 
MET CA  C    sing N N 221 
MET CA  CB   sing N N 222 
MET CA  HA   sing N N 223 
MET C   O    doub N N 224 
MET C   OXT  sing N N 225 
MET CB  CG   sing N N 226 
MET CB  HB2  sing N N 227 
MET CB  HB3  sing N N 228 
MET CG  SD   sing N N 229 
MET CG  HG2  sing N N 230 
MET CG  HG3  sing N N 231 
MET SD  CE   sing N N 232 
MET CE  HE1  sing N N 233 
MET CE  HE2  sing N N 234 
MET CE  HE3  sing N N 235 
MET OXT HXT  sing N N 236 
PHE N   CA   sing N N 237 
PHE N   H    sing N N 238 
PHE N   H2   sing N N 239 
PHE CA  C    sing N N 240 
PHE CA  CB   sing N N 241 
PHE CA  HA   sing N N 242 
PHE C   O    doub N N 243 
PHE C   OXT  sing N N 244 
PHE CB  CG   sing N N 245 
PHE CB  HB2  sing N N 246 
PHE CB  HB3  sing N N 247 
PHE CG  CD1  doub Y N 248 
PHE CG  CD2  sing Y N 249 
PHE CD1 CE1  sing Y N 250 
PHE CD1 HD1  sing N N 251 
PHE CD2 CE2  doub Y N 252 
PHE CD2 HD2  sing N N 253 
PHE CE1 CZ   doub Y N 254 
PHE CE1 HE1  sing N N 255 
PHE CE2 CZ   sing Y N 256 
PHE CE2 HE2  sing N N 257 
PHE CZ  HZ   sing N N 258 
PHE OXT HXT  sing N N 259 
PRO N   CA   sing N N 260 
PRO N   CD   sing N N 261 
PRO N   H    sing N N 262 
PRO CA  C    sing N N 263 
PRO CA  CB   sing N N 264 
PRO CA  HA   sing N N 265 
PRO C   O    doub N N 266 
PRO C   OXT  sing N N 267 
PRO CB  CG   sing N N 268 
PRO CB  HB2  sing N N 269 
PRO CB  HB3  sing N N 270 
PRO CG  CD   sing N N 271 
PRO CG  HG2  sing N N 272 
PRO CG  HG3  sing N N 273 
PRO CD  HD2  sing N N 274 
PRO CD  HD3  sing N N 275 
PRO OXT HXT  sing N N 276 
SER N   CA   sing N N 277 
SER N   H    sing N N 278 
SER N   H2   sing N N 279 
SER CA  C    sing N N 280 
SER CA  CB   sing N N 281 
SER CA  HA   sing N N 282 
SER C   O    doub N N 283 
SER C   OXT  sing N N 284 
SER CB  OG   sing N N 285 
SER CB  HB2  sing N N 286 
SER CB  HB3  sing N N 287 
SER OG  HG   sing N N 288 
SER OXT HXT  sing N N 289 
THR N   CA   sing N N 290 
THR N   H    sing N N 291 
THR N   H2   sing N N 292 
THR CA  C    sing N N 293 
THR CA  CB   sing N N 294 
THR CA  HA   sing N N 295 
THR C   O    doub N N 296 
THR C   OXT  sing N N 297 
THR CB  OG1  sing N N 298 
THR CB  CG2  sing N N 299 
THR CB  HB   sing N N 300 
THR OG1 HG1  sing N N 301 
THR CG2 HG21 sing N N 302 
THR CG2 HG22 sing N N 303 
THR CG2 HG23 sing N N 304 
THR OXT HXT  sing N N 305 
TYR N   CA   sing N N 306 
TYR N   H    sing N N 307 
TYR N   H2   sing N N 308 
TYR CA  C    sing N N 309 
TYR CA  CB   sing N N 310 
TYR CA  HA   sing N N 311 
TYR C   O    doub N N 312 
TYR C   OXT  sing N N 313 
TYR CB  CG   sing N N 314 
TYR CB  HB2  sing N N 315 
TYR CB  HB3  sing N N 316 
TYR CG  CD1  doub Y N 317 
TYR CG  CD2  sing Y N 318 
TYR CD1 CE1  sing Y N 319 
TYR CD1 HD1  sing N N 320 
TYR CD2 CE2  doub Y N 321 
TYR CD2 HD2  sing N N 322 
TYR CE1 CZ   doub Y N 323 
TYR CE1 HE1  sing N N 324 
TYR CE2 CZ   sing Y N 325 
TYR CE2 HE2  sing N N 326 
TYR CZ  OH   sing N N 327 
TYR OH  HH   sing N N 328 
TYR OXT HXT  sing N N 329 
VAL N   CA   sing N N 330 
VAL N   H    sing N N 331 
VAL N   H2   sing N N 332 
VAL CA  C    sing N N 333 
VAL CA  CB   sing N N 334 
VAL CA  HA   sing N N 335 
VAL C   O    doub N N 336 
VAL C   OXT  sing N N 337 
VAL CB  CG1  sing N N 338 
VAL CB  CG2  sing N N 339 
VAL CB  HB   sing N N 340 
VAL CG1 HG11 sing N N 341 
VAL CG1 HG12 sing N N 342 
VAL CG1 HG13 sing N N 343 
VAL CG2 HG21 sing N N 344 
VAL CG2 HG22 sing N N 345 
VAL CG2 HG23 sing N N 346 
VAL OXT HXT  sing N N 347 
# 
_pdbx_audit_support.funding_organization   'Not funded' 
_pdbx_audit_support.country                ? 
_pdbx_audit_support.grant_number           ? 
_pdbx_audit_support.ordinal                1 
# 
_pdbx_initial_refinement_model.id               1 
_pdbx_initial_refinement_model.entity_id_list   ? 
_pdbx_initial_refinement_model.type             'experimental model' 
_pdbx_initial_refinement_model.source_name      PDB 
_pdbx_initial_refinement_model.accession_code   2A9U 
_pdbx_initial_refinement_model.details          ? 
# 
_atom_sites.entry_id                    8Y9A 
_atom_sites.Cartn_transf_matrix[1][1]   ? 
_atom_sites.Cartn_transf_matrix[1][2]   ? 
_atom_sites.Cartn_transf_matrix[1][3]   ? 
_atom_sites.Cartn_transf_matrix[2][1]   ? 
_atom_sites.Cartn_transf_matrix[2][2]   ? 
_atom_sites.Cartn_transf_matrix[2][3]   ? 
_atom_sites.Cartn_transf_matrix[3][1]   ? 
_atom_sites.Cartn_transf_matrix[3][2]   ? 
_atom_sites.Cartn_transf_matrix[3][3]   ? 
_atom_sites.Cartn_transf_vector[1]      ? 
_atom_sites.Cartn_transf_vector[2]      ? 
_atom_sites.Cartn_transf_vector[3]      ? 
_atom_sites.Cartn_transform_axes        ? 
_atom_sites.fract_transf_matrix[1][1]   0.00907770 
_atom_sites.fract_transf_matrix[1][2]   -0.00277879 
_atom_sites.fract_transf_matrix[1][3]   0.00596112 
_atom_sites.fract_transf_matrix[2][1]   -0.00107175 
_atom_sites.fract_transf_matrix[2][2]   -0.00314527 
_atom_sites.fract_transf_matrix[2][3]   0.01070620 
_atom_sites.fract_transf_matrix[3][1]   -0.00108395 
_atom_sites.fract_transf_matrix[3][2]   -0.01020568 
_atom_sites.fract_transf_matrix[3][3]   -0.00310674 
_atom_sites.fract_transf_vector[1]      -0.101863 
_atom_sites.fract_transf_vector[2]      -0.418700 
_atom_sites.fract_transf_vector[3]      0.025460 
_atom_sites.solution_primary            ? 
_atom_sites.solution_secondary          ? 
_atom_sites.solution_hydrogens          ? 
_atom_sites.special_details             ? 
# 
loop_
_atom_type.symbol 
_atom_type.pdbx_scat_Z 
_atom_type.pdbx_N_electrons 
_atom_type.scat_Cromer_Mann_a1 
_atom_type.scat_Cromer_Mann_b1 
_atom_type.scat_Cromer_Mann_a2 
_atom_type.scat_Cromer_Mann_b2 
_atom_type.scat_Cromer_Mann_a3 
_atom_type.scat_Cromer_Mann_b3 
_atom_type.scat_Cromer_Mann_a4 
_atom_type.scat_Cromer_Mann_b4 
_atom_type.scat_Cromer_Mann_c 
C 6  6  2.310  20.844 1.020 10.208 1.589 0.569  0.865 51.651 0.216   
H 1  1  0.493  10.511 0.323 26.126 0.140 3.142  0.041 57.800 0.003   
N 7  7  12.222 0.006  3.135 9.893  2.014 28.997 1.167 0.583  -11.538 
O 8  8  3.049  13.277 2.287 5.701  1.546 0.324  0.867 32.909 0.251   
S 16 16 6.905  1.468  5.203 22.215 1.438 0.254  1.586 56.172 1.118   
# 
loop_
_atom_site.group_PDB 
_atom_site.id 
_atom_site.type_symbol 
_atom_site.label_atom_id 
_atom_site.label_alt_id 
_atom_site.label_comp_id 
_atom_site.label_asym_id 
_atom_site.label_entity_id 
_atom_site.label_seq_id 
_atom_site.pdbx_PDB_ins_code 
_atom_site.Cartn_x 
_atom_site.Cartn_y 
_atom_site.Cartn_z 
_atom_site.occupancy 
_atom_site.B_iso_or_equiv 
_atom_site.pdbx_formal_charge 
_atom_site.auth_seq_id 
_atom_site.auth_comp_id 
_atom_site.auth_asym_id 
_atom_site.auth_atom_id 
_atom_site.pdbx_PDB_model_num 
_atom_site.calc_flag 
ATOM   1    N N   . SER A 1 6   ? 16.435  -9.020  31.700  1.000 119.809 0 6   SER A N   1 ? 
ATOM   2    C CA  . SER A 1 6   ? 17.467  -9.891  32.326  1.000 116.028 0 6   SER A CA  1 ? 
ATOM   3    C C   . SER A 1 6   ? 18.214  -10.675 31.248  1.000 116.074 0 6   SER A C   1 ? 
ATOM   4    O O   . SER A 1 6   ? 19.439  -10.610 31.159  1.000 115.189 0 6   SER A O   1 ? 
ATOM   5    C CB  . SER A 1 6   ? 16.843  -10.813 33.345  1.000 112.268 0 6   SER A CB  1 ? 
ATOM   6    O OG  . SER A 1 6   ? 17.843  -11.483 34.096  1.000 110.091 0 6   SER A OG  1 ? 
ATOM   7    N N   . VAL A 1 7   ? 17.453  -11.410 30.427  1.000 114.080 0 7   VAL A N   1 ? 
ATOM   8    C CA  . VAL A 1 7   ? 18.020  -12.246 29.381  1.000 109.897 0 7   VAL A CA  1 ? 
ATOM   9    C C   . VAL A 1 7   ? 17.399  -11.844 28.044  1.000 108.818 0 7   VAL A C   1 ? 
ATOM   10   O O   . VAL A 1 7   ? 16.234  -11.449 27.992  1.000 108.397 0 7   VAL A O   1 ? 
ATOM   11   C CB  . VAL A 1 7   ? 17.799  -13.741 29.687  1.000 107.446 0 7   VAL A CB  1 ? 
ATOM   12   C CG1 . VAL A 1 7   ? 18.312  -14.103 31.074  1.000 106.482 0 7   VAL A CG1 1 ? 
ATOM   13   C CG2 . VAL A 1 7   ? 16.341  -14.153 29.533  1.000 106.717 0 7   VAL A CG2 1 ? 
ATOM   14   N N   . PRO A 1 8   ? 18.154  -11.928 26.922  1.000 102.480 0 8   PRO A N   1 ? 
ATOM   15   C CA  . PRO A 1 8   ? 17.625  -11.551 25.611  1.000 97.496  0 8   PRO A CA  1 ? 
ATOM   16   C C   . PRO A 1 8   ? 16.461  -12.449 25.202  1.000 95.370  0 8   PRO A C   1 ? 
ATOM   17   O O   . PRO A 1 8   ? 16.395  -13.601 25.618  1.000 94.618  0 8   PRO A O   1 ? 
ATOM   18   C CB  . PRO A 1 8   ? 18.819  -11.699 24.656  1.000 95.135  0 8   PRO A CB  1 ? 
ATOM   19   C CG  . PRO A 1 8   ? 19.766  -12.640 25.372  1.000 98.911  0 8   PRO A CG  1 ? 
ATOM   20   C CD  . PRO A 1 8   ? 19.547  -12.395 26.851  1.000 99.129  0 8   PRO A CD  1 ? 
ATOM   21   N N   . LYS A 1 9   ? 15.548  -11.902 24.392  1.000 95.526  0 9   LYS A N   1 ? 
ATOM   22   C CA  . LYS A 1 9   ? 14.368  -12.626 23.949  1.000 96.642  0 9   LYS A CA  1 ? 
ATOM   23   C C   . LYS A 1 9   ? 14.794  -13.755 23.013  1.000 97.394  0 9   LYS A C   1 ? 
ATOM   24   O O   . LYS A 1 9   ? 15.793  -13.640 22.304  1.000 92.847  0 9   LYS A O   1 ? 
ATOM   25   C CB  . LYS A 1 9   ? 13.385  -11.679 23.251  1.000 98.672  0 9   LYS A CB  1 ? 
ATOM   26   C CG  . LYS A 1 9   ? 12.821  -10.562 24.122  1.000 99.618  0 9   LYS A CG  1 ? 
ATOM   27   C CD  . LYS A 1 9   ? 11.774  -11.014 25.119  1.000 102.212 0 9   LYS A CD  1 ? 
ATOM   28   C CE  . LYS A 1 9   ? 10.456  -11.379 24.467  1.000 106.021 0 9   LYS A CE  1 ? 
ATOM   29   N NZ  . LYS A 1 9   ? 9.411   -11.692 25.469  1.000 107.659 0 9   LYS A NZ  1 ? 
ATOM   30   N N   . GLU A 1 10  ? 14.018  -14.847 23.026  1.000 99.113  0 10  GLU A N   1 ? 
ATOM   31   C CA  . GLU A 1 10  ? 14.322  -16.022 22.227  1.000 98.706  0 10  GLU A CA  1 ? 
ATOM   32   C C   . GLU A 1 10  ? 14.324  -15.649 20.749  1.000 99.128  0 10  GLU A C   1 ? 
ATOM   33   O O   . GLU A 1 10  ? 13.440  -14.930 20.282  1.000 99.062  0 10  GLU A O   1 ? 
ATOM   34   C CB  . GLU A 1 10  ? 13.325  -17.156 22.493  1.000 97.674  0 10  GLU A CB  1 ? 
ATOM   35   C CG  . GLU A 1 10  ? 13.700  -18.040 23.673  1.000 95.721  0 10  GLU A CG  1 ? 
ATOM   36   C CD  . GLU A 1 10  ? 14.836  -19.019 23.414  1.000 94.988  0 10  GLU A CD  1 ? 
ATOM   37   O OE1 . GLU A 1 10  ? 15.465  -18.938 22.336  1.000 96.621  0 10  GLU A OE1 1 ? 
ATOM   38   O OE2 . GLU A 1 10  ? 15.087  -19.872 24.286  1.000 92.297  0 10  GLU A OE2 1 ? 
ATOM   39   N N   . LEU A 1 11  ? 15.342  -16.149 20.039  1.000 97.161  0 11  LEU A N   1 ? 
ATOM   40   C CA  . LEU A 1 11  ? 15.430  -16.007 18.596  1.000 97.864  0 11  LEU A CA  1 ? 
ATOM   41   C C   . LEU A 1 11  ? 14.174  -16.601 17.966  1.000 96.262  0 11  LEU A C   1 ? 
ATOM   42   O O   . LEU A 1 11  ? 13.787  -17.723 18.289  1.000 91.685  0 11  LEU A O   1 ? 
ATOM   43   C CB  . LEU A 1 11  ? 16.685  -16.725 18.089  1.000 101.662 0 11  LEU A CB  1 ? 
ATOM   44   C CG  . LEU A 1 11  ? 18.024  -16.145 18.547  1.000 107.328 0 11  LEU A CG  1 ? 
ATOM   45   C CD1 . LEU A 1 11  ? 19.182  -16.954 17.981  1.000 106.152 0 11  LEU A CD1 1 ? 
ATOM   46   C CD2 . LEU A 1 11  ? 18.152  -14.682 18.149  1.000 109.389 0 11  LEU A CD2 1 ? 
ATOM   47   N N   . TYR A 1 12  ? 13.548  -15.819 17.080  1.000 95.378  0 12  TYR A N   1 ? 
ATOM   48   C CA  . TYR A 1 12  ? 12.331  -16.227 16.397  1.000 94.815  0 12  TYR A CA  1 ? 
ATOM   49   C C   . TYR A 1 12  ? 12.344  -15.775 14.935  1.000 91.488  0 12  TYR A C   1 ? 
ATOM   50   O O   . TYR A 1 12  ? 11.693  -16.392 14.095  1.000 98.562  0 12  TYR A O   1 ? 
ATOM   51   C CB  . TYR A 1 12  ? 11.110  -15.673 17.138  1.000 94.761  0 12  TYR A CB  1 ? 
ATOM   52   C CG  . TYR A 1 12  ? 10.954  -14.174 17.093  1.000 95.774  0 12  TYR A CG  1 ? 
ATOM   53   C CD1 . TYR A 1 12  ? 11.817  -13.339 17.786  1.000 97.050  0 12  TYR A CD1 1 ? 
ATOM   54   C CD2 . TYR A 1 12  ? 9.928   -13.585 16.370  1.000 95.316  0 12  TYR A CD2 1 ? 
ATOM   55   C CE1 . TYR A 1 12  ? 11.673  -11.962 17.754  1.000 94.357  0 12  TYR A CE1 1 ? 
ATOM   56   C CE2 . TYR A 1 12  ? 9.769   -12.209 16.330  1.000 95.183  0 12  TYR A CE2 1 ? 
ATOM   57   C CZ  . TYR A 1 12  ? 10.648  -11.395 17.021  1.000 93.601  0 12  TYR A CZ  1 ? 
ATOM   58   O OH  . TYR A 1 12  ? 10.500  -10.032 16.978  1.000 98.193  0 12  TYR A OH  1 ? 
ATOM   59   N N   . LEU A 1 13  ? 13.115  -14.725 14.636  1.000 88.740  0 13  LEU A N   1 ? 
ATOM   60   C CA  . LEU A 1 13  ? 12.900  -13.896 13.460  1.000 84.870  0 13  LEU A CA  1 ? 
ATOM   61   C C   . LEU A 1 13  ? 13.816  -14.312 12.309  1.000 80.461  0 13  LEU A C   1 ? 
ATOM   62   O O   . LEU A 1 13  ? 13.447  -14.154 11.149  1.000 78.866  0 13  LEU A O   1 ? 
ATOM   63   C CB  . LEU A 1 13  ? 13.149  -12.438 13.861  1.000 82.071  0 13  LEU A CB  1 ? 
ATOM   64   C CG  . LEU A 1 13  ? 12.441  -11.387 13.012  1.000 80.257  0 13  LEU A CG  1 ? 
ATOM   65   C CD1 . LEU A 1 13  ? 10.963  -11.303 13.364  1.000 80.033  0 13  LEU A CD1 1 ? 
ATOM   66   C CD2 . LEU A 1 13  ? 13.104  -10.032 13.182  1.000 81.516  0 13  LEU A CD2 1 ? 
ATOM   67   N N   . SER A 1 14  ? 15.018  -14.811 12.627  1.000 82.505  0 14  SER A N   1 ? 
ATOM   68   C CA  . SER A 1 14  ? 15.936  -15.284 11.602  1.000 87.358  0 14  SER A CA  1 ? 
ATOM   69   C C   . SER A 1 14  ? 16.956  -16.268 12.181  1.000 89.703  0 14  SER A C   1 ? 
ATOM   70   O O   . SER A 1 14  ? 16.932  -16.578 13.374  1.000 83.844  0 14  SER A O   1 ? 
ATOM   71   C CB  . SER A 1 14  ? 16.619  -14.126 10.914  1.000 85.862  0 14  SER A CB  1 ? 
ATOM   72   O OG  . SER A 1 14  ? 17.554  -14.591 9.955   1.000 79.636  0 14  SER A OG  1 ? 
ATOM   73   N N   . SER A 1 15  ? 17.839  -16.755 11.297  1.000 89.938  0 15  SER A N   1 ? 
ATOM   74   C CA  . SER A 1 15  ? 18.828  -17.772 11.625  1.000 90.554  0 15  SER A CA  1 ? 
ATOM   75   C C   . SER A 1 15  ? 20.253  -17.243 11.467  1.000 87.799  0 15  SER A C   1 ? 
ATOM   76   O O   . SER A 1 15  ? 21.187  -17.861 11.972  1.000 84.018  0 15  SER A O   1 ? 
ATOM   77   C CB  . SER A 1 15  ? 18.617  -18.995 10.770  1.000 91.886  0 15  SER A CB  1 ? 
ATOM   78   O OG  . SER A 1 15  ? 18.574  -18.648 9.392   1.000 98.491  0 15  SER A OG  1 ? 
ATOM   79   N N   . SER A 1 16  ? 20.422  -16.117 10.761  1.000 90.418  0 16  SER A N   1 ? 
ATOM   80   C CA  . SER A 1 16  ? 21.740  -15.559 10.504  1.000 88.575  0 16  SER A CA  1 ? 
ATOM   81   C C   . SER A 1 16  ? 21.667  -14.037 10.429  1.000 89.676  0 16  SER A C   1 ? 
ATOM   82   O O   . SER A 1 16  ? 20.601  -13.463 10.218  1.000 84.882  0 16  SER A O   1 ? 
ATOM   83   C CB  . SER A 1 16  ? 22.329  -16.131 9.242   1.000 86.567  0 16  SER A CB  1 ? 
ATOM   84   O OG  . SER A 1 16  ? 21.528  -15.799 8.121   1.000 88.214  0 16  SER A OG  1 ? 
ATOM   85   N N   . LEU A 1 17  ? 22.826  -13.397 10.602  1.000 94.399  0 17  LEU A N   1 ? 
ATOM   86   C CA  . LEU A 1 17  ? 22.928  -11.950 10.542  1.000 98.876  0 17  LEU A CA  1 ? 
ATOM   87   C C   . LEU A 1 17  ? 22.705  -11.485 9.103   1.000 99.504  0 17  LEU A C   1 ? 
ATOM   88   O O   . LEU A 1 17  ? 22.084  -10.450 8.874   1.000 106.125 0 17  LEU A O   1 ? 
ATOM   89   C CB  . LEU A 1 17  ? 24.308  -11.528 11.057  1.000 102.894 0 17  LEU A CB  1 ? 
ATOM   90   C CG  . LEU A 1 17  ? 24.461  -10.045 11.389  1.000 105.671 0 17  LEU A CG  1 ? 
ATOM   91   C CD1 . LEU A 1 17  ? 23.934  -9.742  12.786  1.000 103.042 0 17  LEU A CD1 1 ? 
ATOM   92   C CD2 . LEU A 1 17  ? 25.912  -9.601  11.250  1.000 107.745 0 17  LEU A CD2 1 ? 
ATOM   93   N N   . LYS A 1 18  ? 23.201  -12.272 8.141   1.000 98.934  0 18  LYS A N   1 ? 
ATOM   94   C CA  . LYS A 1 18  ? 23.084  -11.936 6.731   1.000 102.451 0 18  LYS A CA  1 ? 
ATOM   95   C C   . LYS A 1 18  ? 21.619  -11.967 6.293   1.000 102.702 0 18  LYS A C   1 ? 
ATOM   96   O O   . LYS A 1 18  ? 21.237  -11.257 5.362   1.000 92.249  0 18  LYS A O   1 ? 
ATOM   97   C CB  . LYS A 1 18  ? 23.920  -12.897 5.880   1.000 104.109 0 18  LYS A CB  1 ? 
ATOM   98   C CG  . LYS A 1 18  ? 24.163  -12.433 4.449   1.000 105.406 0 18  LYS A CG  1 ? 
ATOM   99   C CD  . LYS A 1 18  ? 24.850  -13.461 3.583   1.000 108.050 0 18  LYS A CD  1 ? 
ATOM   100  C CE  . LYS A 1 18  ? 24.885  -13.065 2.121   1.000 111.298 0 18  LYS A CE  1 ? 
ATOM   101  N NZ  . LYS A 1 18  ? 25.156  -14.232 1.249   1.000 112.505 0 18  LYS A NZ  1 ? 
ATOM   102  N N   . ASP A 1 19  ? 20.808  -12.798 6.963   1.000 102.272 0 19  ASP A N   1 ? 
ATOM   103  C CA  . ASP A 1 19  ? 19.391  -12.908 6.655   1.000 102.273 0 19  ASP A CA  1 ? 
ATOM   104  C C   . ASP A 1 19  ? 18.633  -11.711 7.235   1.000 99.544  0 19  ASP A C   1 ? 
ATOM   105  O O   . ASP A 1 19  ? 17.690  -11.218 6.618   1.000 97.020  0 19  ASP A O   1 ? 
ATOM   106  C CB  . ASP A 1 19  ? 18.817  -14.237 7.152   1.000 103.199 0 19  ASP A CB  1 ? 
ATOM   107  C CG  . ASP A 1 19  ? 17.387  -14.481 6.697   1.000 105.859 0 19  ASP A CG  1 ? 
ATOM   108  O OD1 . ASP A 1 19  ? 17.207  -14.809 5.506   1.000 106.055 0 19  ASP A OD1 1 ? 
ATOM   109  O OD2 . ASP A 1 19  ? 16.464  -14.312 7.525   1.000 100.850 0 19  ASP A OD2 1 ? 
ATOM   110  N N   . LEU A 1 20  ? 19.044  -11.249 8.424   1.000 95.544  0 20  LEU A N   1 ? 
ATOM   111  C CA  . LEU A 1 20  ? 18.409  -10.101 9.058   1.000 92.953  0 20  LEU A CA  1 ? 
ATOM   112  C C   . LEU A 1 20  ? 18.627  -8.837  8.231   1.000 88.809  0 20  LEU A C   1 ? 
ATOM   113  O O   . LEU A 1 20  ? 17.766  -7.957  8.215   1.000 82.378  0 20  LEU A O   1 ? 
ATOM   114  C CB  . LEU A 1 20  ? 18.960  -9.920  10.478  1.000 91.888  0 20  LEU A CB  1 ? 
ATOM   115  C CG  . LEU A 1 20  ? 18.297  -10.767 11.565  1.000 94.512  0 20  LEU A CG  1 ? 
ATOM   116  C CD1 . LEU A 1 20  ? 18.729  -10.297 12.946  1.000 95.485  0 20  LEU A CD1 1 ? 
ATOM   117  C CD2 . LEU A 1 20  ? 16.778  -10.733 11.448  1.000 90.629  0 20  LEU A CD2 1 ? 
ATOM   118  N N   . ASN A 1 21  ? 19.777  -8.758  7.551   1.000 85.073  0 21  ASN A N   1 ? 
ATOM   119  C CA  . ASN A 1 21  ? 20.135  -7.592  6.760   1.000 84.191  0 21  ASN A CA  1 ? 
ATOM   120  C C   . ASN A 1 21  ? 19.171  -7.393  5.597   1.000 79.966  0 21  ASN A C   1 ? 
ATOM   121  O O   . ASN A 1 21  ? 18.926  -6.261  5.195   1.000 77.791  0 21  ASN A O   1 ? 
ATOM   122  C CB  . ASN A 1 21  ? 21.564  -7.684  6.233   1.000 85.716  0 21  ASN A CB  1 ? 
ATOM   123  C CG  . ASN A 1 21  ? 22.570  -7.694  7.357   1.000 87.413  0 21  ASN A CG  1 ? 
ATOM   124  O OD1 . ASN A 1 21  ? 23.491  -8.506  7.361   1.000 93.970  0 21  ASN A OD1 1 ? 
ATOM   125  N ND2 . ASN A 1 21  ? 22.390  -6.797  8.314   1.000 85.359  0 21  ASN A ND2 1 ? 
ATOM   126  N N   . LYS A 1 22  ? 18.621  -8.488  5.068   1.000 85.132  0 22  LYS A N   1 ? 
ATOM   127  C CA  . LYS A 1 22  ? 17.701  -8.413  3.946   1.000 89.192  0 22  LYS A CA  1 ? 
ATOM   128  C C   . LYS A 1 22  ? 16.490  -7.554  4.319   1.000 87.729  0 22  LYS A C   1 ? 
ATOM   129  O O   . LYS A 1 22  ? 15.832  -7.000  3.442   1.000 90.956  0 22  LYS A O   1 ? 
ATOM   130  C CB  . LYS A 1 22  ? 17.280  -9.821  3.508   1.000 93.615  0 22  LYS A CB  1 ? 
ATOM   131  C CG  . LYS A 1 22  ? 18.421  -10.748 3.103   1.000 95.855  0 22  LYS A CG  1 ? 
ATOM   132  C CD  . LYS A 1 22  ? 17.953  -12.057 2.493   1.000 100.814 0 22  LYS A CD  1 ? 
ATOM   133  C CE  . LYS A 1 22  ? 19.021  -13.133 2.466   1.000 102.613 0 22  LYS A CE  1 ? 
ATOM   134  N NZ  . LYS A 1 22  ? 20.241  -12.697 1.744   1.000 101.955 0 22  LYS A NZ  1 ? 
ATOM   135  N N   . LYS A 1 23  ? 16.221  -7.425  5.624   1.000 84.823  0 23  LYS A N   1 ? 
ATOM   136  C CA  . LYS A 1 23  ? 15.096  -6.642  6.108   1.000 85.372  0 23  LYS A CA  1 ? 
ATOM   137  C C   . LYS A 1 23  ? 15.504  -5.192  6.381   1.000 86.779  0 23  LYS A C   1 ? 
ATOM   138  O O   . LYS A 1 23  ? 14.657  -4.398  6.780   1.000 91.657  0 23  LYS A O   1 ? 
ATOM   139  C CB  . LYS A 1 23  ? 14.532  -7.258  7.392   1.000 87.976  0 23  LYS A CB  1 ? 
ATOM   140  C CG  . LYS A 1 23  ? 14.489  -8.781  7.433   1.000 91.645  0 23  LYS A CG  1 ? 
ATOM   141  C CD  . LYS A 1 23  ? 13.586  -9.324  8.521   1.000 95.020  0 23  LYS A CD  1 ? 
ATOM   142  C CE  . LYS A 1 23  ? 13.928  -10.738 8.941   1.000 97.472  0 23  LYS A CE  1 ? 
ATOM   143  N NZ  . LYS A 1 23  ? 13.941  -11.677 7.796   1.000 99.001  0 23  LYS A NZ  1 ? 
ATOM   144  N N   . THR A 1 24  ? 16.789  -4.848  6.191   1.000 86.939  0 24  THR A N   1 ? 
ATOM   145  C CA  . THR A 1 24  ? 17.278  -3.503  6.467   1.000 91.583  0 24  THR A CA  1 ? 
ATOM   146  C C   . THR A 1 24  ? 17.369  -2.679  5.181   1.000 93.897  0 24  THR A C   1 ? 
ATOM   147  O O   . THR A 1 24  ? 17.561  -1.464  5.239   1.000 94.474  0 24  THR A O   1 ? 
ATOM   148  C CB  . THR A 1 24  ? 18.646  -3.508  7.170   1.000 92.115  0 24  THR A CB  1 ? 
ATOM   149  O OG1 . THR A 1 24  ? 19.678  -3.819  6.230   1.000 90.200  0 24  THR A OG1 1 ? 
ATOM   150  C CG2 . THR A 1 24  ? 18.710  -4.470  8.339   1.000 90.829  0 24  THR A CG2 1 ? 
ATOM   151  N N   . GLU A 1 25  ? 17.243  -3.344  4.027   1.000 92.348  0 25  GLU A N   1 ? 
ATOM   152  C CA  . GLU A 1 25  ? 17.391  -2.679  2.744   1.000 93.859  0 25  GLU A CA  1 ? 
ATOM   153  C C   . GLU A 1 25  ? 16.169  -1.806  2.468   1.000 94.330  0 25  GLU A C   1 ? 
ATOM   154  O O   . GLU A 1 25  ? 15.046  -2.153  2.836   1.000 93.473  0 25  GLU A O   1 ? 
ATOM   155  C CB  . GLU A 1 25  ? 17.605  -3.709  1.632   1.000 95.297  0 25  GLU A CB  1 ? 
ATOM   156  C CG  . GLU A 1 25  ? 18.860  -4.547  1.811   1.000 97.374  0 25  GLU A CG  1 ? 
ATOM   157  C CD  . GLU A 1 25  ? 20.114  -3.757  2.154   1.000 98.359  0 25  GLU A CD  1 ? 
ATOM   158  O OE1 . GLU A 1 25  ? 20.311  -2.672  1.567   1.000 96.331  0 25  GLU A OE1 1 ? 
ATOM   159  O OE2 . GLU A 1 25  ? 20.895  -4.232  3.003   1.000 99.447  0 25  GLU A OE2 1 ? 
ATOM   160  N N   . VAL A 1 26  ? 16.419  -0.655  1.835   1.000 89.965  0 26  VAL A N   1 ? 
ATOM   161  C CA  . VAL A 1 26  ? 15.361  0.253   1.424   1.000 91.340  0 26  VAL A CA  1 ? 
ATOM   162  C C   . VAL A 1 26  ? 15.372  0.422   -0.095  1.000 88.213  0 26  VAL A C   1 ? 
ATOM   163  O O   . VAL A 1 26  ? 14.405  0.930   -0.654  1.000 86.087  0 26  VAL A O   1 ? 
ATOM   164  C CB  . VAL A 1 26  ? 15.471  1.611   2.147   1.000 94.985  0 26  VAL A CB  1 ? 
ATOM   165  C CG1 . VAL A 1 26  ? 14.994  1.515   3.589   1.000 93.785  0 26  VAL A CG1 1 ? 
ATOM   166  C CG2 . VAL A 1 26  ? 16.878  2.190   2.083   1.000 95.794  0 26  VAL A CG2 1 ? 
ATOM   167  N N   . LYS A 1 27  ? 16.458  -0.002  -0.757  1.000 90.716  0 27  LYS A N   1 ? 
ATOM   168  C CA  . LYS A 1 27  ? 16.579  0.084   -2.204  1.000 84.463  0 27  LYS A CA  1 ? 
ATOM   169  C C   . LYS A 1 27  ? 15.905  -1.122  -2.860  1.000 79.979  0 27  LYS A C   1 ? 
ATOM   170  O O   . LYS A 1 27  ? 16.219  -2.262  -2.525  1.000 65.848  0 27  LYS A O   1 ? 
ATOM   171  C CB  . LYS A 1 27  ? 18.054  0.143   -2.604  1.000 87.290  0 27  LYS A CB  1 ? 
ATOM   172  C CG  . LYS A 1 27  ? 18.788  1.409   -2.189  1.000 90.869  0 27  LYS A CG  1 ? 
ATOM   173  C CD  . LYS A 1 27  ? 20.164  1.519   -2.808  1.000 92.331  0 27  LYS A CD  1 ? 
ATOM   174  C CE  . LYS A 1 27  ? 20.932  2.736   -2.345  1.000 94.435  0 27  LYS A CE  1 ? 
ATOM   175  N NZ  . LYS A 1 27  ? 22.280  2.787   -2.959  1.000 100.152 0 27  LYS A NZ  1 ? 
ATOM   176  N N   . PRO A 1 28  ? 14.965  -0.920  -3.817  1.000 83.619  0 28  PRO A N   1 ? 
ATOM   177  C CA  . PRO A 1 28  ? 14.370  -2.033  -4.562  1.000 85.491  0 28  PRO A CA  1 ? 
ATOM   178  C C   . PRO A 1 28  ? 15.403  -2.970  -5.185  1.000 88.576  0 28  PRO A C   1 ? 
ATOM   179  O O   . PRO A 1 28  ? 15.226  -4.186  -5.167  1.000 89.163  0 28  PRO A O   1 ? 
ATOM   180  C CB  . PRO A 1 28  ? 13.559  -1.341  -5.668  1.000 80.808  0 28  PRO A CB  1 ? 
ATOM   181  C CG  . PRO A 1 28  ? 13.228  0.017   -5.097  1.000 80.674  0 28  PRO A CG  1 ? 
ATOM   182  C CD  . PRO A 1 28  ? 14.406  0.381   -4.217  1.000 80.255  0 28  PRO A CD  1 ? 
ATOM   183  N N   . GLU A 1 29  ? 16.478  -2.377  -5.720  1.000 88.797  0 29  GLU A N   1 ? 
ATOM   184  C CA  . GLU A 1 29  ? 17.568  -3.105  -6.352  1.000 88.137  0 29  GLU A CA  1 ? 
ATOM   185  C C   . GLU A 1 29  ? 18.072  -4.219  -5.437  1.000 86.144  0 29  GLU A C   1 ? 
ATOM   186  O O   . GLU A 1 29  ? 18.464  -5.280  -5.919  1.000 92.409  0 29  GLU A O   1 ? 
ATOM   187  C CB  . GLU A 1 29  ? 18.730  -2.164  -6.685  1.000 92.808  0 29  GLU A CB  1 ? 
ATOM   188  C CG  . GLU A 1 29  ? 18.401  -1.112  -7.734  1.000 94.972  0 29  GLU A CG  1 ? 
ATOM   189  C CD  . GLU A 1 29  ? 17.586  0.084   -7.262  1.000 97.273  0 29  GLU A CD  1 ? 
ATOM   190  O OE1 . GLU A 1 29  ? 17.386  0.237   -6.034  1.000 87.510  0 29  GLU A OE1 1 ? 
ATOM   191  O OE2 . GLU A 1 29  ? 17.138  0.854   -8.132  1.000 103.546 0 29  GLU A OE2 1 ? 
ATOM   192  N N   . LYS A 1 30  ? 18.057  -3.962  -4.122  1.000 83.657  0 30  LYS A N   1 ? 
ATOM   193  C CA  . LYS A 1 30  ? 18.598  -4.874  -3.127  1.000 79.795  0 30  LYS A CA  1 ? 
ATOM   194  C C   . LYS A 1 30  ? 17.479  -5.565  -2.342  1.000 76.289  0 30  LYS A C   1 ? 
ATOM   195  O O   . LYS A 1 30  ? 17.651  -5.855  -1.157  1.000 70.840  0 30  LYS A O   1 ? 
ATOM   196  C CB  . LYS A 1 30  ? 19.497  -4.096  -2.162  1.000 78.199  0 30  LYS A CB  1 ? 
ATOM   197  C CG  . LYS A 1 30  ? 20.508  -3.163  -2.816  1.000 78.497  0 30  LYS A CG  1 ? 
ATOM   198  C CD  . LYS A 1 30  ? 21.376  -2.424  -1.812  1.000 79.734  0 30  LYS A CD  1 ? 
ATOM   199  C CE  . LYS A 1 30  ? 22.394  -3.309  -1.123  1.000 76.897  0 30  LYS A CE  1 ? 
ATOM   200  N NZ  . LYS A 1 30  ? 23.214  -2.544  -0.154  1.000 75.315  0 30  LYS A NZ  1 ? 
ATOM   201  N N   . ILE A 1 31  ? 16.340  -5.828  -3.000  1.000 73.995  0 31  ILE A N   1 ? 
ATOM   202  C CA  . ILE A 1 31  ? 15.218  -6.516  -2.370  1.000 71.605  0 31  ILE A CA  1 ? 
ATOM   203  C C   . ILE A 1 31  ? 14.675  -7.563  -3.344  1.000 72.869  0 31  ILE A C   1 ? 
ATOM   204  O O   . ILE A 1 31  ? 14.299  -7.236  -4.470  1.000 71.206  0 31  ILE A O   1 ? 
ATOM   205  C CB  . ILE A 1 31  ? 14.122  -5.526  -1.913  1.000 66.474  0 31  ILE A CB  1 ? 
ATOM   206  C CG1 . ILE A 1 31  ? 14.616  -4.574  -0.816  1.000 64.384  0 31  ILE A CG1 1 ? 
ATOM   207  C CG2 . ILE A 1 31  ? 12.876  -6.276  -1.466  1.000 66.007  0 31  ILE A CG2 1 ? 
ATOM   208  C CD1 . ILE A 1 31  ? 13.761  -3.345  -0.621  1.000 62.318  0 31  ILE A CD1 1 ? 
ATOM   209  N N   . SER A 1 32  ? 14.628  -8.821  -2.881  1.000 72.818  0 32  SER A N   1 ? 
ATOM   210  C CA  . SER A 1 32  ? 14.219  -9.943  -3.708  1.000 74.929  0 32  SER A CA  1 ? 
ATOM   211  C C   . SER A 1 32  ? 12.732  -9.846  -4.045  1.000 77.571  0 32  SER A C   1 ? 
ATOM   212  O O   . SER A 1 32  ? 11.940  -9.303  -3.272  1.000 76.090  0 32  SER A O   1 ? 
ATOM   213  C CB  . SER A 1 32  ? 14.539  -11.251 -3.034  1.000 74.750  0 32  SER A CB  1 ? 
ATOM   214  O OG  . SER A 1 32  ? 13.577  -11.555 -2.036  1.000 77.497  0 32  SER A OG  1 ? 
ATOM   215  N N   . THR A 1 33  ? 12.370  -10.391 -5.214  1.000 77.762  0 33  THR A N   1 ? 
ATOM   216  C CA  . THR A 1 33  ? 10.994  -10.416 -5.680  1.000 79.930  0 33  THR A CA  1 ? 
ATOM   217  C C   . THR A 1 33  ? 10.085  -11.012 -4.608  1.000 78.296  0 33  THR A C   1 ? 
ATOM   218  O O   . THR A 1 33  ? 8.952   -10.569 -4.446  1.000 75.135  0 33  THR A O   1 ? 
ATOM   219  C CB  . THR A 1 33  ? 10.867  -11.216 -6.986  1.000 81.004  0 33  THR A CB  1 ? 
ATOM   220  O OG1 . THR A 1 33  ? 11.716  -10.632 -7.974  1.000 79.033  0 33  THR A OG1 1 ? 
ATOM   221  C CG2 . THR A 1 33  ? 9.449   -11.270 -7.511  1.000 80.630  0 33  THR A CG2 1 ? 
ATOM   222  N N   . LYS A 1 34  ? 10.597  -12.020 -3.889  1.000 81.604  0 34  LYS A N   1 ? 
ATOM   223  C CA  . LYS A 1 34  ? 9.802   -12.798 -2.953  1.000 85.023  0 34  LYS A CA  1 ? 
ATOM   224  C C   . LYS A 1 34  ? 9.588   -12.014 -1.657  1.000 80.016  0 34  LYS A C   1 ? 
ATOM   225  O O   . LYS A 1 34  ? 8.546   -12.147 -1.019  1.000 75.998  0 34  LYS A O   1 ? 
ATOM   226  C CB  . LYS A 1 34  ? 10.469  -14.155 -2.701  1.000 90.802  0 34  LYS A CB  1 ? 
ATOM   227  C CG  . LYS A 1 34  ? 9.562   -15.195 -2.055  1.000 99.840  0 34  LYS A CG  1 ? 
ATOM   228  C CD  . LYS A 1 34  ? 10.084  -16.616 -2.133  1.000 104.710 0 34  LYS A CD  1 ? 
ATOM   229  C CE  . LYS A 1 34  ? 9.089   -17.635 -1.616  1.000 106.019 0 34  LYS A CE  1 ? 
ATOM   230  N NZ  . LYS A 1 34  ? 9.620   -19.017 -1.698  1.000 103.520 0 34  LYS A NZ  1 ? 
ATOM   231  N N   . SER A 1 35  ? 10.574  -11.198 -1.269  1.000 76.509  0 35  SER A N   1 ? 
ATOM   232  C CA  . SER A 1 35  ? 10.404  -10.281 -0.153  1.000 73.575  0 35  SER A CA  1 ? 
ATOM   233  C C   . SER A 1 35  ? 9.176   -9.411  -0.391  1.000 72.849  0 35  SER A C   1 ? 
ATOM   234  O O   . SER A 1 35  ? 8.283   -9.349  0.450   1.000 68.441  0 35  SER A O   1 ? 
ATOM   235  C CB  . SER A 1 35  ? 11.622  -9.419  0.047   1.000 70.308  0 35  SER A CB  1 ? 
ATOM   236  O OG  . SER A 1 35  ? 12.785  -10.213 0.200   1.000 69.688  0 35  SER A OG  1 ? 
ATOM   237  N N   . TYR A 1 36  ? 9.167   -8.741  -1.551  1.000 73.794  0 36  TYR A N   1 ? 
ATOM   238  C CA  . TYR A 1 36  ? 8.136   -7.777  -1.890  1.000 74.973  0 36  TYR A CA  1 ? 
ATOM   239  C C   . TYR A 1 36  ? 6.781   -8.472  -1.942  1.000 76.532  0 36  TYR A C   1 ? 
ATOM   240  O O   . TYR A 1 36  ? 5.793   -7.954  -1.422  1.000 76.493  0 36  TYR A O   1 ? 
ATOM   241  C CB  . TYR A 1 36  ? 8.451   -7.083  -3.220  1.000 80.721  0 36  TYR A CB  1 ? 
ATOM   242  C CG  . TYR A 1 36  ? 9.319   -5.847  -3.137  1.000 81.841  0 36  TYR A CG  1 ? 
ATOM   243  C CD1 . TYR A 1 36  ? 9.045   -4.835  -2.227  1.000 77.236  0 36  TYR A CD1 1 ? 
ATOM   244  C CD2 . TYR A 1 36  ? 10.381  -5.654  -4.011  1.000 79.336  0 36  TYR A CD2 1 ? 
ATOM   245  C CE1 . TYR A 1 36  ? 9.820   -3.689  -2.160  1.000 74.151  0 36  TYR A CE1 1 ? 
ATOM   246  C CE2 . TYR A 1 36  ? 11.165  -4.511  -3.955  1.000 76.879  0 36  TYR A CE2 1 ? 
ATOM   247  C CZ  . TYR A 1 36  ? 10.886  -3.526  -3.025  1.000 71.780  0 36  TYR A CZ  1 ? 
ATOM   248  O OH  . TYR A 1 36  ? 11.654  -2.389  -2.947  1.000 69.720  0 36  TYR A OH  1 ? 
ATOM   249  N N   . VAL A 1 37  ? 6.751   -9.652  -2.570  1.000 78.247  0 37  VAL A N   1 ? 
ATOM   250  C CA  . VAL A 1 37  ? 5.533   -10.436 -2.687  1.000 78.990  0 37  VAL A CA  1 ? 
ATOM   251  C C   . VAL A 1 37  ? 4.933   -10.646 -1.295  1.000 78.607  0 37  VAL A C   1 ? 
ATOM   252  O O   . VAL A 1 37  ? 3.747   -10.391 -1.091  1.000 75.706  0 37  VAL A O   1 ? 
ATOM   253  C CB  . VAL A 1 37  ? 5.801   -11.758 -3.438  1.000 78.858  0 37  VAL A CB  1 ? 
ATOM   254  C CG1 . VAL A 1 37  ? 4.757   -12.827 -3.149  1.000 80.066  0 37  VAL A CG1 1 ? 
ATOM   255  C CG2 . VAL A 1 37  ? 5.921   -11.526 -4.938  1.000 80.299  0 37  VAL A CG2 1 ? 
ATOM   256  N N   . HIS A 1 38  ? 5.763   -11.082 -0.339  1.000 78.218  0 38  HIS A N   1 ? 
ATOM   257  C CA  . HIS A 1 38  ? 5.316   -11.305 1.028   1.000 83.709  0 38  HIS A CA  1 ? 
ATOM   258  C C   . HIS A 1 38  ? 4.862   -9.995  1.670   1.000 82.168  0 38  HIS A C   1 ? 
ATOM   259  O O   . HIS A 1 38  ? 3.839   -9.952  2.352   1.000 83.563  0 38  HIS A O   1 ? 
ATOM   260  C CB  . HIS A 1 38  ? 6.424   -11.929 1.881   1.000 90.291  0 38  HIS A CB  1 ? 
ATOM   261  C CG  . HIS A 1 38  ? 6.805   -13.322 1.505   1.000 101.294 0 38  HIS A CG  1 ? 
ATOM   262  N ND1 . HIS A 1 38  ? 5.899   -14.286 1.112   1.000 105.865 0 38  HIS A ND1 1 ? 
ATOM   263  C CD2 . HIS A 1 38  ? 8.013   -13.903 1.444   1.000 107.729 0 38  HIS A CD2 1 ? 
ATOM   264  C CE1 . HIS A 1 38  ? 6.551   -15.404 0.827   1.000 106.163 0 38  HIS A CE1 1 ? 
ATOM   265  N NE2 . HIS A 1 38  ? 7.833   -15.197 1.027   1.000 110.063 0 38  HIS A NE2 1 ? 
ATOM   266  N N   . SER A 1 39  ? 5.645   -8.933  1.465   1.000 76.564  0 39  SER A N   1 ? 
ATOM   267  C CA  . SER A 1 39  ? 5.288   -7.611  1.948   1.000 73.365  0 39  SER A CA  1 ? 
ATOM   268  C C   . SER A 1 39  ? 3.958   -7.175  1.335   1.000 71.334  0 39  SER A C   1 ? 
ATOM   269  O O   . SER A 1 39  ? 3.106   -6.618  2.026   1.000 68.325  0 39  SER A O   1 ? 
ATOM   270  C CB  . SER A 1 39  ? 6.385   -6.623  1.649   1.000 73.095  0 39  SER A CB  1 ? 
ATOM   271  O OG  . SER A 1 39  ? 7.654   -7.156  1.996   1.000 69.075  0 39  SER A OG  1 ? 
ATOM   272  N N   . ALA A 1 40  ? 3.791   -7.454  0.036   1.000 72.224  0 40  ALA A N   1 ? 
ATOM   273  C CA  . ALA A 1 40  ? 2.589   -7.087  -0.697  1.000 74.822  0 40  ALA A CA  1 ? 
ATOM   274  C C   . ALA A 1 40  ? 1.362   -7.732  -0.060  1.000 74.296  0 40  ALA A C   1 ? 
ATOM   275  O O   . ALA A 1 40  ? 0.346   -7.064  0.100   1.000 76.239  0 40  ALA A O   1 ? 
ATOM   276  C CB  . ALA A 1 40  ? 2.717   -7.480  -2.149  1.000 74.391  0 40  ALA A CB  1 ? 
ATOM   277  N N   . LEU A 1 41  ? 1.469   -9.023  0.286   1.000 76.485  0 41  LEU A N   1 ? 
ATOM   278  C CA  . LEU A 1 41  ? 0.383   -9.758  0.922   1.000 81.648  0 41  LEU A CA  1 ? 
ATOM   279  C C   . LEU A 1 41  ? -0.108  -9.015  2.162   1.000 80.165  0 41  LEU A C   1 ? 
ATOM   280  O O   . LEU A 1 41  ? -1.305  -8.781  2.312   1.000 72.137  0 41  LEU A O   1 ? 
ATOM   281  C CB  . LEU A 1 41  ? 0.850   -11.168 1.309   1.000 86.800  0 41  LEU A CB  1 ? 
ATOM   282  C CG  . LEU A 1 41  ? 0.698   -12.264 0.252   1.000 91.470  0 41  LEU A CG  1 ? 
ATOM   283  C CD1 . LEU A 1 41  ? 1.060   -13.624 0.835   1.000 91.054  0 41  LEU A CD1 1 ? 
ATOM   284  C CD2 . LEU A 1 41  ? -0.713  -12.297 -0.323  1.000 94.420  0 41  LEU A CD2 1 ? 
ATOM   285  N N   . LYS A 1 42  ? 0.833   -8.668  3.049   1.000 83.099  0 42  LYS A N   1 ? 
ATOM   286  C CA  . LYS A 1 42  ? 0.514   -8.026  4.314   1.000 82.238  0 42  LYS A CA  1 ? 
ATOM   287  C C   . LYS A 1 42  ? -0.191  -6.698  4.052   1.000 79.758  0 42  LYS A C   1 ? 
ATOM   288  O O   . LYS A 1 42  ? -1.163  -6.363  4.724   1.000 77.430  0 42  LYS A O   1 ? 
ATOM   289  C CB  . LYS A 1 42  ? 1.791   -7.820  5.130   1.000 86.277  0 42  LYS A CB  1 ? 
ATOM   290  C CG  . LYS A 1 42  ? 2.467   -9.109  5.575   1.000 91.729  0 42  LYS A CG  1 ? 
ATOM   291  C CD  . LYS A 1 42  ? 3.607   -8.900  6.548   1.000 97.539  0 42  LYS A CD  1 ? 
ATOM   292  C CE  . LYS A 1 42  ? 4.224   -10.203 7.008   1.000 103.077 0 42  LYS A CE  1 ? 
ATOM   293  N NZ  . LYS A 1 42  ? 4.736   -11.006 5.868   1.000 104.321 0 42  LYS A NZ  1 ? 
ATOM   294  N N   . ILE A 1 43  ? 0.322   -5.962  3.061   1.000 79.008  0 43  ILE A N   1 ? 
ATOM   295  C CA  . ILE A 1 43  ? -0.246  -4.691  2.645   1.000 77.725  0 43  ILE A CA  1 ? 
ATOM   296  C C   . ILE A 1 43  ? -1.681  -4.909  2.167   1.000 79.288  0 43  ILE A C   1 ? 
ATOM   297  O O   . ILE A 1 43  ? -2.575  -4.138  2.516   1.000 77.603  0 43  ILE A O   1 ? 
ATOM   298  C CB  . ILE A 1 43  ? 0.660   -4.041  1.576   1.000 75.889  0 43  ILE A CB  1 ? 
ATOM   299  C CG1 . ILE A 1 43  ? 1.947   -3.505  2.216   1.000 75.246  0 43  ILE A CG1 1 ? 
ATOM   300  C CG2 . ILE A 1 43  ? -0.080  -2.964  0.790   1.000 74.121  0 43  ILE A CG2 1 ? 
ATOM   301  C CD1 . ILE A 1 43  ? 2.977   -2.999  1.234   1.000 76.436  0 43  ILE A CD1 1 ? 
ATOM   302  N N   . PHE A 1 44  ? -1.892  -5.976  1.386   1.000 79.987  0 44  PHE A N   1 ? 
ATOM   303  C CA  . PHE A 1 44  ? -3.195  -6.261  0.807   1.000 80.687  0 44  PHE A CA  1 ? 
ATOM   304  C C   . PHE A 1 44  ? -4.201  -6.587  1.910   1.000 80.508  0 44  PHE A C   1 ? 
ATOM   305  O O   . PHE A 1 44  ? -5.307  -6.053  1.911   1.000 81.686  0 44  PHE A O   1 ? 
ATOM   306  C CB  . PHE A 1 44  ? -3.094  -7.384  -0.231  1.000 79.365  0 44  PHE A CB  1 ? 
ATOM   307  C CG  . PHE A 1 44  ? -4.331  -7.541  -1.083  1.000 80.539  0 44  PHE A CG  1 ? 
ATOM   308  C CD1 . PHE A 1 44  ? -5.411  -8.293  -0.639  1.000 77.357  0 44  PHE A CD1 1 ? 
ATOM   309  C CD2 . PHE A 1 44  ? -4.442  -6.883  -2.301  1.000 79.329  0 44  PHE A CD2 1 ? 
ATOM   310  C CE1 . PHE A 1 44  ? -6.555  -8.415  -1.414  1.000 79.799  0 44  PHE A CE1 1 ? 
ATOM   311  C CE2 . PHE A 1 44  ? -5.589  -7.004  -3.071  1.000 80.619  0 44  PHE A CE2 1 ? 
ATOM   312  C CZ  . PHE A 1 44  ? -6.645  -7.771  -2.627  1.000 79.952  0 44  PHE A CZ  1 ? 
ATOM   313  N N   . LYS A 1 45  ? -3.812  -7.469  2.839   1.000 83.068  0 45  LYS A N   1 ? 
ATOM   314  C CA  . LYS A 1 45  ? -4.663  -7.842  3.958   1.000 85.937  0 45  LYS A CA  1 ? 
ATOM   315  C C   . LYS A 1 45  ? -5.170  -6.585  4.660   1.000 83.022  0 45  LYS A C   1 ? 
ATOM   316  O O   . LYS A 1 45  ? -6.365  -6.460  4.931   1.000 78.103  0 45  LYS A O   1 ? 
ATOM   317  C CB  . LYS A 1 45  ? -3.901  -8.725  4.956   1.000 93.316  0 45  LYS A CB  1 ? 
ATOM   318  C CG  . LYS A 1 45  ? -4.745  -9.272  6.103   1.000 99.487  0 45  LYS A CG  1 ? 
ATOM   319  C CD  . LYS A 1 45  ? -3.946  -9.811  7.271   1.000 102.452 0 45  LYS A CD  1 ? 
ATOM   320  C CE  . LYS A 1 45  ? -4.823  -10.250 8.425   1.000 105.345 0 45  LYS A CE  1 ? 
ATOM   321  N NZ  . LYS A 1 45  ? -4.038  -10.911 9.496   1.000 106.363 0 45  LYS A NZ  1 ? 
ATOM   322  N N   . THR A 1 46  ? -4.239  -5.667  4.952   1.000 79.402  0 46  THR A N   1 ? 
ATOM   323  C CA  . THR A 1 46  ? -4.541  -4.417  5.629   1.000 76.980  0 46  THR A CA  1 ? 
ATOM   324  C C   . THR A 1 46  ? -5.447  -3.552  4.755   1.000 72.016  0 46  THR A C   1 ? 
ATOM   325  O O   . THR A 1 46  ? -6.419  -2.983  5.252   1.000 65.929  0 46  THR A O   1 ? 
ATOM   326  C CB  . THR A 1 46  ? -3.252  -3.669  5.995   1.000 74.449  0 46  THR A CB  1 ? 
ATOM   327  O OG1 . THR A 1 46  ? -2.409  -4.579  6.699   1.000 76.419  0 46  THR A OG1 1 ? 
ATOM   328  C CG2 . THR A 1 46  ? -3.485  -2.435  6.839   1.000 71.550  0 46  THR A CG2 1 ? 
ATOM   329  N N   . ALA A 1 47  ? -5.105  -3.456  3.463   1.000 70.488  0 47  ALA A N   1 ? 
ATOM   330  C CA  . ALA A 1 47  ? -5.873  -2.667  2.511   1.000 74.993  0 47  ALA A CA  1 ? 
ATOM   331  C C   . ALA A 1 47  ? -7.356  -3.027  2.609   1.000 77.203  0 47  ALA A C   1 ? 
ATOM   332  O O   . ALA A 1 47  ? -8.196  -2.136  2.727   1.000 78.410  0 47  ALA A O   1 ? 
ATOM   333  C CB  . ALA A 1 47  ? -5.344  -2.868  1.108   1.000 72.301  0 47  ALA A CB  1 ? 
ATOM   334  N N   . GLU A 1 48  ? -7.659  -4.334  2.582   1.000 75.663  0 48  GLU A N   1 ? 
ATOM   335  C CA  . GLU A 1 48  ? -9.028  -4.823  2.668   1.000 79.909  0 48  GLU A CA  1 ? 
ATOM   336  C C   . GLU A 1 48  ? -9.696  -4.317  3.948   1.000 80.090  0 48  GLU A C   1 ? 
ATOM   337  O O   . GLU A 1 48  ? -10.806 -3.790  3.898   1.000 73.341  0 48  GLU A O   1 ? 
ATOM   338  C CB  . GLU A 1 48  ? -9.068  -6.354  2.629   1.000 79.386  0 48  GLU A CB  1 ? 
ATOM   339  C CG  . GLU A 1 48  ? -8.647  -6.953  1.295   1.000 79.831  0 48  GLU A CG  1 ? 
ATOM   340  C CD  . GLU A 1 48  ? -9.628  -6.767  0.147   1.000 79.074  0 48  GLU A CD  1 ? 
ATOM   341  O OE1 . GLU A 1 48  ? -9.237  -6.181  -0.883  1.000 85.412  0 48  GLU A OE1 1 ? 
ATOM   342  O OE2 . GLU A 1 48  ? -10.773 -7.224  0.274   1.000 73.781  0 48  GLU A OE2 1 ? 
ATOM   343  N N   . GLU A 1 49  ? -8.999  -4.477  5.081   1.000 81.346  0 49  GLU A N   1 ? 
ATOM   344  C CA  . GLU A 1 49  ? -9.530  -4.147  6.397   1.000 81.237  0 49  GLU A CA  1 ? 
ATOM   345  C C   . GLU A 1 49  ? -9.905  -2.668  6.482   1.000 81.658  0 49  GLU A C   1 ? 
ATOM   346  O O   . GLU A 1 49  ? -10.851 -2.311  7.186   1.000 72.965  0 49  GLU A O   1 ? 
ATOM   347  C CB  . GLU A 1 49  ? -8.502  -4.475  7.481   1.000 83.870  0 49  GLU A CB  1 ? 
ATOM   348  C CG  . GLU A 1 49  ? -8.298  -5.961  7.689   1.000 89.411  0 49  GLU A CG  1 ? 
ATOM   349  C CD  . GLU A 1 49  ? -7.122  -6.307  8.585   1.000 94.400  0 49  GLU A CD  1 ? 
ATOM   350  O OE1 . GLU A 1 49  ? -7.107  -5.843  9.743   1.000 94.619  0 49  GLU A OE1 1 ? 
ATOM   351  O OE2 . GLU A 1 49  ? -6.225  -7.041  8.122   1.000 98.090  0 49  GLU A OE2 1 ? 
ATOM   352  N N   . CYS A 1 50  ? -9.140  -1.818  5.784   1.000 82.261  0 50  CYS A N   1 ? 
ATOM   353  C CA  . CYS A 1 50  ? -9.367  -0.383  5.800   1.000 82.803  0 50  CYS A CA  1 ? 
ATOM   354  C C   . CYS A 1 50  ? -10.564 -0.020  4.924   1.000 84.517  0 50  CYS A C   1 ? 
ATOM   355  O O   . CYS A 1 50  ? -11.375 0.821   5.302   1.000 82.328  0 50  CYS A O   1 ? 
ATOM   356  C CB  . CYS A 1 50  ? -8.132  0.377   5.336   1.000 81.839  0 50  CYS A CB  1 ? 
ATOM   357  S SG  . CYS A 1 50  ? -6.726  0.217   6.465   1.000 82.880  0 50  CYS A SG  1 ? 
ATOM   358  N N   . ARG A 1 51  ? -10.659 -0.655  3.750   1.000 90.171  0 51  ARG A N   1 ? 
ATOM   359  C CA  . ARG A 1 51  ? -11.759 -0.410  2.832   1.000 92.558  0 51  ARG A CA  1 ? 
ATOM   360  C C   . ARG A 1 51  ? -13.087 -0.687  3.534   1.000 94.050  0 51  ARG A C   1 ? 
ATOM   361  O O   . ARG A 1 51  ? -14.035 0.082   3.385   1.000 95.040  0 51  ARG A O   1 ? 
ATOM   362  C CB  . ARG A 1 51  ? -11.608 -1.277  1.578   1.000 94.104  0 51  ARG A CB  1 ? 
ATOM   363  C CG  . ARG A 1 51  ? -12.762 -1.150  0.594   1.000 98.764  0 51  ARG A CG  1 ? 
ATOM   364  C CD  . ARG A 1 51  ? -12.490 -1.876  -0.707  1.000 98.850  0 51  ARG A CD  1 ? 
ATOM   365  N NE  . ARG A 1 51  ? -12.150 -3.277  -0.507  1.000 98.385  0 51  ARG A NE  1 ? 
ATOM   366  C CZ  . ARG A 1 51  ? -13.001 -4.215  -0.110  1.000 98.677  0 51  ARG A CZ  1 ? 
ATOM   367  N NH1 . ARG A 1 51  ? -14.280 -3.928  0.059   1.000 97.480  0 51  ARG A NH1 1 ? 
ATOM   368  N NH2 . ARG A 1 51  ? -12.571 -5.445  0.105   1.000 98.811  0 51  ARG A NH2 1 ? 
ATOM   369  N N   . LEU A 1 52  ? -13.131 -1.786  4.297   1.000 94.640  0 52  LEU A N   1 ? 
ATOM   370  C CA  . LEU A 1 52  ? -14.319 -2.189  5.031   1.000 95.637  0 52  LEU A CA  1 ? 
ATOM   371  C C   . LEU A 1 52  ? -14.555 -1.270  6.230   1.000 97.058  0 52  LEU A C   1 ? 
ATOM   372  O O   . LEU A 1 52  ? -15.699 -1.064  6.623   1.000 104.038 0 52  LEU A O   1 ? 
ATOM   373  C CB  . LEU A 1 52  ? -14.160 -3.646  5.480   1.000 94.050  0 52  LEU A CB  1 ? 
ATOM   374  C CG  . LEU A 1 52  ? -14.005 -4.676  4.360   1.000 96.017  0 52  LEU A CG  1 ? 
ATOM   375  C CD1 . LEU A 1 52  ? -14.191 -6.086  4.896   1.000 93.958  0 52  LEU A CD1 1 ? 
ATOM   376  C CD2 . LEU A 1 52  ? -14.976 -4.408  3.216   1.000 95.712  0 52  LEU A CD2 1 ? 
ATOM   377  N N   . ASP A 1 53  ? -13.474 -0.738  6.816   1.000 97.353  0 53  ASP A N   1 ? 
ATOM   378  C CA  . ASP A 1 53  ? -13.572 0.211   7.917   1.000 97.639  0 53  ASP A CA  1 ? 
ATOM   379  C C   . ASP A 1 53  ? -14.022 1.573   7.393   1.000 97.242  0 53  ASP A C   1 ? 
ATOM   380  O O   . ASP A 1 53  ? -14.565 2.375   8.150   1.000 94.993  0 53  ASP A O   1 ? 
ATOM   381  C CB  . ASP A 1 53  ? -12.232 0.356   8.644   1.000 102.959 0 53  ASP A CB  1 ? 
ATOM   382  C CG  . ASP A 1 53  ? -12.320 1.063   9.986   1.000 105.798 0 53  ASP A CG  1 ? 
ATOM   383  O OD1 . ASP A 1 53  ? -13.388 0.989   10.627  1.000 108.226 0 53  ASP A OD1 1 ? 
ATOM   384  O OD2 . ASP A 1 53  ? -11.323 1.700   10.370  1.000 113.043 0 53  ASP A OD2 1 ? 
ATOM   385  N N   . ARG A 1 54  ? -13.744 1.821   6.103   1.000 97.352  0 54  ARG A N   1 ? 
ATOM   386  C CA  . ARG A 1 54  ? -14.172 3.003   5.365   1.000 91.734  0 54  ARG A CA  1 ? 
ATOM   387  C C   . ARG A 1 54  ? -13.112 4.104   5.444   1.000 87.404  0 54  ARG A C   1 ? 
ATOM   388  O O   . ARG A 1 54  ? -13.373 5.239   5.046   1.000 83.450  0 54  ARG A O   1 ? 
ATOM   389  C CB  . ARG A 1 54  ? -15.539 3.518   5.829   1.000 94.249  0 54  ARG A CB  1 ? 
ATOM   390  C CG  . ARG A 1 54  ? -16.684 2.528   5.667   1.000 96.936  0 54  ARG A CG  1 ? 
ATOM   391  C CD  . ARG A 1 54  ? -16.868 2.064   4.233   1.000 100.638 0 54  ARG A CD  1 ? 
ATOM   392  N NE  . ARG A 1 54  ? -16.870 3.161   3.275   1.000 102.222 0 54  ARG A NE  1 ? 
ATOM   393  C CZ  . ARG A 1 54  ? -17.832 4.072   3.151   1.000 105.942 0 54  ARG A CZ  1 ? 
ATOM   394  N NH1 . ARG A 1 54  ? -17.685 5.059   2.286   1.000 111.058 0 54  ARG A NH1 1 ? 
ATOM   395  N NH2 . ARG A 1 54  ? -18.931 4.005   3.885   1.000 110.915 0 54  ARG A NH2 1 ? 
ATOM   396  N N   . ASP A 1 55  ? -11.908 3.769   5.927   1.000 87.137  0 55  ASP A N   1 ? 
ATOM   397  C CA  . ASP A 1 55  ? -10.785 4.689   5.854   1.000 86.334  0 55  ASP A CA  1 ? 
ATOM   398  C C   . ASP A 1 55  ? -10.255 4.686   4.424   1.000 89.520  0 55  ASP A C   1 ? 
ATOM   399  O O   . ASP A 1 55  ? -9.478  3.812   4.046   1.000 90.813  0 55  ASP A O   1 ? 
ATOM   400  C CB  . ASP A 1 55  ? -9.687  4.331   6.856   1.000 83.820  0 55  ASP A CB  1 ? 
ATOM   401  C CG  . ASP A 1 55  ? -8.470  5.237   6.772   1.000 84.790  0 55  ASP A CG  1 ? 
ATOM   402  O OD1 . ASP A 1 55  ? -8.418  6.076   5.840   1.000 80.150  0 55  ASP A OD1 1 ? 
ATOM   403  O OD2 . ASP A 1 55  ? -7.587  5.105   7.647   1.000 82.765  0 55  ASP A OD2 1 ? 
ATOM   404  N N   . GLU A 1 56  ? -10.674 5.688   3.646   1.000 90.266  0 56  GLU A N   1 ? 
ATOM   405  C CA  . GLU A 1 56  ? -10.398 5.726   2.220   1.000 88.083  0 56  GLU A CA  1 ? 
ATOM   406  C C   . GLU A 1 56  ? -8.943  6.124   1.981   1.000 84.982  0 56  GLU A C   1 ? 
ATOM   407  O O   . GLU A 1 56  ? -8.307  5.637   1.052   1.000 83.068  0 56  GLU A O   1 ? 
ATOM   408  C CB  . GLU A 1 56  ? -11.353 6.697   1.524   1.000 92.090  0 56  GLU A CB  1 ? 
ATOM   409  C CG  . GLU A 1 56  ? -12.814 6.446   1.855   1.000 92.678  0 56  GLU A CG  1 ? 
ATOM   410  C CD  . GLU A 1 56  ? -13.790 7.003   0.836   1.000 90.741  0 56  GLU A CD  1 ? 
ATOM   411  O OE1 . GLU A 1 56  ? -14.745 6.280   0.489   1.000 95.269  0 56  GLU A OE1 1 ? 
ATOM   412  O OE2 . GLU A 1 56  ? -13.580 8.146   0.378   1.000 86.773  0 56  GLU A OE2 1 ? 
ATOM   413  N N   . GLU A 1 57  ? -8.417  7.002   2.836   1.000 84.838  0 57  GLU A N   1 ? 
ATOM   414  C CA  . GLU A 1 57  ? -7.080  7.535   2.639   1.000 81.985  0 57  GLU A CA  1 ? 
ATOM   415  C C   . GLU A 1 57  ? -6.073  6.398   2.754   1.000 79.243  0 57  GLU A C   1 ? 
ATOM   416  O O   . GLU A 1 57  ? -5.239  6.208   1.875   1.000 78.862  0 57  GLU A O   1 ? 
ATOM   417  C CB  . GLU A 1 57  ? -6.774  8.626   3.665   1.000 81.529  0 57  GLU A CB  1 ? 
ATOM   418  C CG  . GLU A 1 57  ? -7.892  9.634   3.837   1.000 80.988  0 57  GLU A CG  1 ? 
ATOM   419  C CD  . GLU A 1 57  ? -7.474  10.902  4.557   1.000 79.175  0 57  GLU A CD  1 ? 
ATOM   420  O OE1 . GLU A 1 57  ? -7.665  10.957  5.785   1.000 79.229  0 57  GLU A OE1 1 ? 
ATOM   421  O OE2 . GLU A 1 57  ? -6.968  11.831  3.891   1.000 72.728  0 57  GLU A OE2 1 ? 
ATOM   422  N N   . ARG A 1 58  ? -6.174  5.640   3.847   1.000 80.175  0 58  ARG A N   1 ? 
ATOM   423  C CA  . ARG A 1 58  ? -5.180  4.636   4.177   1.000 81.617  0 58  ARG A CA  1 ? 
ATOM   424  C C   . ARG A 1 58  ? -5.322  3.453   3.224   1.000 78.986  0 58  ARG A C   1 ? 
ATOM   425  O O   . ARG A 1 58  ? -4.332  2.976   2.663   1.000 71.122  0 58  ARG A O   1 ? 
ATOM   426  C CB  . ARG A 1 58  ? -5.343  4.217   5.638   1.000 82.772  0 58  ARG A CB  1 ? 
ATOM   427  C CG  . ARG A 1 58  ? -4.190  3.389   6.180   1.000 86.526  0 58  ARG A CG  1 ? 
ATOM   428  C CD  . ARG A 1 58  ? -4.410  3.101   7.648   1.000 91.447  0 58  ARG A CD  1 ? 
ATOM   429  N NE  . ARG A 1 58  ? -3.544  2.052   8.162   1.000 94.843  0 58  ARG A NE  1 ? 
ATOM   430  C CZ  . ARG A 1 58  ? -3.805  1.343   9.256   1.000 94.572  0 58  ARG A CZ  1 ? 
ATOM   431  N NH1 . ARG A 1 58  ? -4.948  1.516   9.894   1.000 89.704  0 58  ARG A NH1 1 ? 
ATOM   432  N NH2 . ARG A 1 58  ? -2.934  0.451   9.695   1.000 95.700  0 58  ARG A NH2 1 ? 
ATOM   433  N N   . ALA A 1 59  ? -6.568  3.000   3.049   1.000 75.626  0 59  ALA A N   1 ? 
ATOM   434  C CA  . ALA A 1 59  ? -6.880  1.923   2.125   1.000 73.974  0 59  ALA A CA  1 ? 
ATOM   435  C C   . ALA A 1 59  ? -6.301  2.243   0.750   1.000 73.360  0 59  ALA A C   1 ? 
ATOM   436  O O   . ALA A 1 59  ? -5.583  1.425   0.178   1.000 76.066  0 59  ALA A O   1 ? 
ATOM   437  C CB  . ALA A 1 59  ? -8.373  1.720   2.057   1.000 73.138  0 59  ALA A CB  1 ? 
ATOM   438  N N   . TYR A 1 60  ? -6.615  3.443   0.244   1.000 72.058  0 60  TYR A N   1 ? 
ATOM   439  C CA  . TYR A 1 60  ? -6.133  3.911   -1.045  1.000 72.945  0 60  TYR A CA  1 ? 
ATOM   440  C C   . TYR A 1 60  ? -4.617  3.750   -1.145  1.000 70.250  0 60  TYR A C   1 ? 
ATOM   441  O O   . TYR A 1 60  ? -4.119  3.144   -2.092  1.000 65.571  0 60  TYR A O   1 ? 
ATOM   442  C CB  . TYR A 1 60  ? -6.510  5.379   -1.260  1.000 77.104  0 60  TYR A CB  1 ? 
ATOM   443  C CG  . TYR A 1 60  ? -5.814  6.032   -2.426  1.000 79.948  0 60  TYR A CG  1 ? 
ATOM   444  C CD1 . TYR A 1 60  ? -6.119  5.681   -3.733  1.000 79.536  0 60  TYR A CD1 1 ? 
ATOM   445  C CD2 . TYR A 1 60  ? -4.820  6.974   -2.219  1.000 80.939  0 60  TYR A CD2 1 ? 
ATOM   446  C CE1 . TYR A 1 60  ? -5.469  6.268   -4.808  1.000 80.983  0 60  TYR A CE1 1 ? 
ATOM   447  C CE2 . TYR A 1 60  ? -4.162  7.571   -3.282  1.000 85.936  0 60  TYR A CE2 1 ? 
ATOM   448  C CZ  . TYR A 1 60  ? -4.490  7.220   -4.581  1.000 84.007  0 60  TYR A CZ  1 ? 
ATOM   449  O OH  . TYR A 1 60  ? -3.833  7.819   -5.626  1.000 87.339  0 60  TYR A OH  1 ? 
ATOM   450  N N   . VAL A 1 61  ? -3.910  4.307   -0.154  1.000 67.799  0 61  VAL A N   1 ? 
ATOM   451  C CA  . VAL A 1 61  ? -2.459  4.254   -0.079  1.000 66.575  0 61  VAL A CA  1 ? 
ATOM   452  C C   . VAL A 1 61  ? -1.988  2.801   -0.142  1.000 63.720  0 61  VAL A C   1 ? 
ATOM   453  O O   . VAL A 1 61  ? -1.036  2.494   -0.853  1.000 58.075  0 61  VAL A O   1 ? 
ATOM   454  C CB  . VAL A 1 61  ? -1.936  4.953   1.195   1.000 69.444  0 61  VAL A CB  1 ? 
ATOM   455  C CG1 . VAL A 1 61  ? -0.434  4.755   1.386   1.000 68.273  0 61  VAL A CG1 1 ? 
ATOM   456  C CG2 . VAL A 1 61  ? -2.286  6.436   1.219   1.000 69.177  0 61  VAL A CG2 1 ? 
ATOM   457  N N   . LEU A 1 62  ? -2.644  1.915   0.618   1.000 67.607  0 62  LEU A N   1 ? 
ATOM   458  C CA  . LEU A 1 62  ? -2.206  0.532   0.740   1.000 71.366  0 62  LEU A CA  1 ? 
ATOM   459  C C   . LEU A 1 62  ? -2.397  -0.202  -0.581  1.000 73.508  0 62  LEU A C   1 ? 
ATOM   460  O O   . LEU A 1 62  ? -1.489  -0.893  -1.035  1.000 79.250  0 62  LEU A O   1 ? 
ATOM   461  C CB  . LEU A 1 62  ? -2.991  -0.150  1.865   1.000 76.043  0 62  LEU A CB  1 ? 
ATOM   462  C CG  . LEU A 1 62  ? -2.588  0.245   3.286   1.000 75.880  0 62  LEU A CG  1 ? 
ATOM   463  C CD1 . LEU A 1 62  ? -3.610  -0.265  4.295   1.000 77.460  0 62  LEU A CD1 1 ? 
ATOM   464  C CD2 . LEU A 1 62  ? -1.194  -0.274  3.619   1.000 71.628  0 62  LEU A CD2 1 ? 
ATOM   465  N N   . TYR A 1 63  ? -3.585  -0.056  -1.180  1.000 77.801  0 63  TYR A N   1 ? 
ATOM   466  C CA  . TYR A 1 63  ? -3.862  -0.625  -2.489  1.000 78.986  0 63  TYR A CA  1 ? 
ATOM   467  C C   . TYR A 1 63  ? -2.833  -0.119  -3.496  1.000 75.773  0 63  TYR A C   1 ? 
ATOM   468  O O   . TYR A 1 63  ? -2.263  -0.908  -4.241  1.000 77.475  0 63  TYR A O   1 ? 
ATOM   469  C CB  . TYR A 1 63  ? -5.289  -0.294  -2.940  1.000 81.842  0 63  TYR A CB  1 ? 
ATOM   470  C CG  . TYR A 1 63  ? -6.374  -1.118  -2.290  1.000 85.005  0 63  TYR A CG  1 ? 
ATOM   471  C CD1 . TYR A 1 63  ? -6.425  -2.492  -2.457  1.000 87.863  0 63  TYR A CD1 1 ? 
ATOM   472  C CD2 . TYR A 1 63  ? -7.367  -0.525  -1.522  1.000 84.120  0 63  TYR A CD2 1 ? 
ATOM   473  C CE1 . TYR A 1 63  ? -7.423  -3.258  -1.872  1.000 87.094  0 63  TYR A CE1 1 ? 
ATOM   474  C CE2 . TYR A 1 63  ? -8.369  -1.275  -0.928  1.000 83.254  0 63  TYR A CE2 1 ? 
ATOM   475  C CZ  . TYR A 1 63  ? -8.398  -2.648  -1.104  1.000 84.561  0 63  TYR A CZ  1 ? 
ATOM   476  O OH  . TYR A 1 63  ? -9.385  -3.404  -0.520  1.000 83.226  0 63  TYR A OH  1 ? 
ATOM   477  N N   . MET A 1 64  ? -2.608  1.200   -3.499  1.000 77.011  0 64  MET A N   1 ? 
ATOM   478  C CA  . MET A 1 64  ? -1.706  1.848   -4.441  1.000 80.477  0 64  MET A CA  1 ? 
ATOM   479  C C   . MET A 1 64  ? -0.289  1.294   -4.296  1.000 79.747  0 64  MET A C   1 ? 
ATOM   480  O O   . MET A 1 64  ? 0.376   0.997   -5.289  1.000 78.693  0 64  MET A O   1 ? 
ATOM   481  C CB  . MET A 1 64  ? -1.671  3.361   -4.201  1.000 85.005  0 64  MET A CB  1 ? 
ATOM   482  C CG  . MET A 1 64  ? -2.646  4.141   -5.061  1.000 89.966  0 64  MET A CG  1 ? 
ATOM   483  S SD  . MET A 1 64  ? -2.288  4.067   -6.841  1.000 98.684  0 64  MET A SD  1 ? 
ATOM   484  C CE  . MET A 1 64  ? -0.496  4.147   -6.861  1.000 96.676  0 64  MET A CE  1 ? 
ATOM   485  N N   . LYS A 1 65  ? 0.165   1.170   -3.046  1.000 78.447  0 65  LYS A N   1 ? 
ATOM   486  C CA  . LYS A 1 65  ? 1.517   0.727   -2.756  1.000 78.744  0 65  LYS A CA  1 ? 
ATOM   487  C C   . LYS A 1 65  ? 1.695   -0.697  -3.280  1.000 79.001  0 65  LYS A C   1 ? 
ATOM   488  O O   . LYS A 1 65  ? 2.725   -1.017  -3.870  1.000 81.022  0 65  LYS A O   1 ? 
ATOM   489  C CB  . LYS A 1 65  ? 1.777   0.846   -1.251  1.000 77.422  0 65  LYS A CB  1 ? 
ATOM   490  C CG  . LYS A 1 65  ? 3.235   0.992   -0.853  1.000 79.184  0 65  LYS A CG  1 ? 
ATOM   491  C CD  . LYS A 1 65  ? 3.401   1.304   0.611   1.000 80.211  0 65  LYS A CD  1 ? 
ATOM   492  C CE  . LYS A 1 65  ? 4.845   1.461   1.025   1.000 82.073  0 65  LYS A CE  1 ? 
ATOM   493  N NZ  . LYS A 1 65  ? 4.950   1.860   2.447   1.000 84.420  0 65  LYS A NZ  1 ? 
ATOM   494  N N   . TYR A 1 66  ? 0.667   -1.528  -3.067  1.000 78.476  0 66  TYR A N   1 ? 
ATOM   495  C CA  . TYR A 1 66  ? 0.583   -2.876  -3.613  1.000 79.393  0 66  TYR A CA  1 ? 
ATOM   496  C C   . TYR A 1 66  ? 0.746   -2.840  -5.132  1.000 79.144  0 66  TYR A C   1 ? 
ATOM   497  O O   . TYR A 1 66  ? 1.576   -3.557  -5.686  1.000 82.073  0 66  TYR A O   1 ? 
ATOM   498  C CB  . TYR A 1 66  ? -0.752  -3.505  -3.192  1.000 78.704  0 66  TYR A CB  1 ? 
ATOM   499  C CG  . TYR A 1 66  ? -0.996  -4.939  -3.593  1.000 77.636  0 66  TYR A CG  1 ? 
ATOM   500  C CD1 . TYR A 1 66  ? -1.484  -5.265  -4.851  1.000 81.703  0 66  TYR A CD1 1 ? 
ATOM   501  C CD2 . TYR A 1 66  ? -0.781  -5.976  -2.697  1.000 76.417  0 66  TYR A CD2 1 ? 
ATOM   502  C CE1 . TYR A 1 66  ? -1.739  -6.581  -5.211  1.000 78.276  0 66  TYR A CE1 1 ? 
ATOM   503  C CE2 . TYR A 1 66  ? -1.023  -7.297  -3.043  1.000 77.670  0 66  TYR A CE2 1 ? 
ATOM   504  C CZ  . TYR A 1 66  ? -1.509  -7.602  -4.304  1.000 74.368  0 66  TYR A CZ  1 ? 
ATOM   505  O OH  . TYR A 1 66  ? -1.750  -8.908  -4.651  1.000 68.504  0 66  TYR A OH  1 ? 
ATOM   506  N N   . VAL A 1 67  ? -0.044  -1.989  -5.796  1.000 76.984  0 67  VAL A N   1 ? 
ATOM   507  C CA  . VAL A 1 67  ? 0.004   -1.868  -7.244  1.000 75.274  0 67  VAL A CA  1 ? 
ATOM   508  C C   . VAL A 1 67  ? 1.405   -1.422  -7.659  1.000 75.436  0 67  VAL A C   1 ? 
ATOM   509  O O   . VAL A 1 67  ? 1.958   -1.957  -8.619  1.000 67.726  0 67  VAL A O   1 ? 
ATOM   510  C CB  . VAL A 1 67  ? -1.078  -0.904  -7.770  1.000 74.068  0 67  VAL A CB  1 ? 
ATOM   511  C CG1 . VAL A 1 67  ? -0.943  -0.673  -9.270  1.000 71.768  0 67  VAL A CG1 1 ? 
ATOM   512  C CG2 . VAL A 1 67  ? -2.484  -1.378  -7.418  1.000 70.464  0 67  VAL A CG2 1 ? 
ATOM   513  N N   . THR A 1 68  ? 1.963   -0.454  -6.915  1.000 79.159  0 68  THR A N   1 ? 
ATOM   514  C CA  . THR A 1 68  ? 3.278   0.108   -7.197  1.000 83.504  0 68  THR A CA  1 ? 
ATOM   515  C C   . THR A 1 68  ? 4.358   -0.963  -7.070  1.000 82.940  0 68  THR A C   1 ? 
ATOM   516  O O   . THR A 1 68  ? 5.350   -0.937  -7.796  1.000 81.835  0 68  THR A O   1 ? 
ATOM   517  C CB  . THR A 1 68  ? 3.616   1.272   -6.255  1.000 87.378  0 68  THR A CB  1 ? 
ATOM   518  O OG1 . THR A 1 68  ? 2.493   2.151   -6.157  1.000 94.518  0 68  THR A OG1 1 ? 
ATOM   519  C CG2 . THR A 1 68  ? 4.828   2.057   -6.710  1.000 87.799  0 68  THR A CG2 1 ? 
ATOM   520  N N   . VAL A 1 69  ? 4.165   -1.884  -6.118  1.000 84.642  0 69  VAL A N   1 ? 
ATOM   521  C CA  . VAL A 1 69  ? 5.089   -2.985  -5.899  1.000 83.754  0 69  VAL A CA  1 ? 
ATOM   522  C C   . VAL A 1 69  ? 5.006   -3.935  -7.090  1.000 80.959  0 69  VAL A C   1 ? 
ATOM   523  O O   . VAL A 1 69  ? 6.027   -4.304  -7.663  1.000 73.646  0 69  VAL A O   1 ? 
ATOM   524  C CB  . VAL A 1 69  ? 4.793   -3.708  -4.568  1.000 81.175  0 69  VAL A CB  1 ? 
ATOM   525  C CG1 . VAL A 1 69  ? 5.551   -5.022  -4.441  1.000 79.922  0 69  VAL A CG1 1 ? 
ATOM   526  C CG2 . VAL A 1 69  ? 5.076   -2.812  -3.371  1.000 81.586  0 69  VAL A CG2 1 ? 
ATOM   527  N N   . TYR A 1 70  ? 3.774   -4.318  -7.440  1.000 83.776  0 70  TYR A N   1 ? 
ATOM   528  C CA  . TYR A 1 70  ? 3.516   -5.221  -8.550  1.000 86.448  0 70  TYR A CA  1 ? 
ATOM   529  C C   . TYR A 1 70  ? 4.152   -4.670  -9.823  1.000 82.188  0 70  TYR A C   1 ? 
ATOM   530  O O   . TYR A 1 70  ? 4.848   -5.380  -10.544 1.000 71.912  0 70  TYR A O   1 ? 
ATOM   531  C CB  . TYR A 1 70  ? 2.007   -5.412  -8.725  1.000 91.189  0 70  TYR A CB  1 ? 
ATOM   532  C CG  . TYR A 1 70  ? 1.619   -6.491  -9.702  1.000 95.204  0 70  TYR A CG  1 ? 
ATOM   533  C CD1 . TYR A 1 70  ? 1.648   -6.272  -11.070 1.000 94.576  0 70  TYR A CD1 1 ? 
ATOM   534  C CD2 . TYR A 1 70  ? 1.241   -7.747  -9.251  1.000 99.198  0 70  TYR A CD2 1 ? 
ATOM   535  C CE1 . TYR A 1 70  ? 1.295   -7.271  -11.965 1.000 98.367  0 70  TYR A CE1 1 ? 
ATOM   536  C CE2 . TYR A 1 70  ? 0.888   -8.756  -10.132 1.000 99.813  0 70  TYR A CE2 1 ? 
ATOM   537  C CZ  . TYR A 1 70  ? 0.916   -8.518  -11.494 1.000 100.319 0 70  TYR A CZ  1 ? 
ATOM   538  O OH  . TYR A 1 70  ? 0.562   -9.528  -12.359 1.000 101.141 0 70  TYR A OH  1 ? 
ATOM   539  N N   . ASN A 1 71  ? 3.917   -3.381  -10.078 1.000 83.936  0 71  ASN A N   1 ? 
ATOM   540  C CA  . ASN A 1 71  ? 4.385   -2.756  -11.300 1.000 86.249  0 71  ASN A CA  1 ? 
ATOM   541  C C   . ASN A 1 71  ? 5.909   -2.673  -11.283 1.000 85.307  0 71  ASN A C   1 ? 
ATOM   542  O O   . ASN A 1 71  ? 6.526   -2.607  -12.340 1.000 85.384  0 71  ASN A O   1 ? 
ATOM   543  C CB  . ASN A 1 71  ? 3.692   -1.409  -11.526 1.000 86.870  0 71  ASN A CB  1 ? 
ATOM   544  C CG  . ASN A 1 71  ? 2.223   -1.569  -11.864 1.000 91.927  0 71  ASN A CG  1 ? 
ATOM   545  O OD1 . ASN A 1 71  ? 1.736   -2.680  -12.076 1.000 90.211  0 71  ASN A OD1 1 ? 
ATOM   546  N ND2 . ASN A 1 71  ? 1.504   -0.460  -11.924 1.000 97.037  0 71  ASN A ND2 1 ? 
ATOM   547  N N   . LEU A 1 72  ? 6.505   -2.696  -10.083 1.000 88.553  0 72  LEU A N   1 ? 
ATOM   548  C CA  . LEU A 1 72  ? 7.953   -2.686  -9.946  1.000 89.989  0 72  LEU A CA  1 ? 
ATOM   549  C C   . LEU A 1 72  ? 8.532   -4.066  -10.258 1.000 87.516  0 72  LEU A C   1 ? 
ATOM   550  O O   . LEU A 1 72  ? 9.501   -4.161  -11.005 1.000 81.772  0 72  LEU A O   1 ? 
ATOM   551  C CB  . LEU A 1 72  ? 8.326   -2.241  -8.526  1.000 92.365  0 72  LEU A CB  1 ? 
ATOM   552  C CG  . LEU A 1 72  ? 9.824   -2.084  -8.256  1.000 93.769  0 72  LEU A CG  1 ? 
ATOM   553  C CD1 . LEU A 1 72  ? 10.391  -0.904  -9.031  1.000 91.353  0 72  LEU A CD1 1 ? 
ATOM   554  C CD2 . LEU A 1 72  ? 10.102  -1.930  -6.764  1.000 95.091  0 72  LEU A CD2 1 ? 
ATOM   555  N N   . ILE A 1 73  ? 7.938   -5.122  -9.681  1.000 93.084  0 73  ILE A N   1 ? 
ATOM   556  C CA  . ILE A 1 73  ? 8.540   -6.449  -9.681  1.000 95.271  0 73  ILE A CA  1 ? 
ATOM   557  C C   . ILE A 1 73  ? 8.166   -7.227  -10.942 1.000 98.475  0 73  ILE A C   1 ? 
ATOM   558  O O   . ILE A 1 73  ? 8.949   -8.058  -11.399 1.000 99.111  0 73  ILE A O   1 ? 
ATOM   559  C CB  . ILE A 1 73  ? 8.166   -7.243  -8.409  1.000 95.435  0 73  ILE A CB  1 ? 
ATOM   560  C CG1 . ILE A 1 73  ? 6.674   -7.584  -8.342  1.000 97.132  0 73  ILE A CG1 1 ? 
ATOM   561  C CG2 . ILE A 1 73  ? 8.630   -6.515  -7.157  1.000 98.848  0 73  ILE A CG2 1 ? 
ATOM   562  C CD1 . ILE A 1 73  ? 6.321   -8.577  -7.259  1.000 100.323 0 73  ILE A CD1 1 ? 
ATOM   563  N N   . LYS A 1 74  ? 6.969   -6.972  -11.492 1.000 100.643 0 74  LYS A N   1 ? 
ATOM   564  C CA  . LYS A 1 74  ? 6.406   -7.796  -12.554 1.000 100.529 0 74  LYS A CA  1 ? 
ATOM   565  C C   . LYS A 1 74  ? 7.384   -7.929  -13.721 1.000 103.073 0 74  LYS A C   1 ? 
ATOM   566  O O   . LYS A 1 74  ? 7.382   -8.941  -14.418 1.000 104.775 0 74  LYS A O   1 ? 
ATOM   567  C CB  . LYS A 1 74  ? 5.079   -7.208  -13.049 1.000 97.556  0 74  LYS A CB  1 ? 
ATOM   568  C CG  . LYS A 1 74  ? 5.181   -5.836  -13.700 1.000 97.595  0 74  LYS A CG  1 ? 
ATOM   569  C CD  . LYS A 1 74  ? 3.853   -5.249  -14.110 1.000 97.476  0 74  LYS A CD  1 ? 
ATOM   570  C CE  . LYS A 1 74  ? 4.010   -3.917  -14.812 1.000 99.668  0 74  LYS A CE  1 ? 
ATOM   571  N NZ  . LYS A 1 74  ? 2.701   -3.263  -15.045 1.000 104.076 0 74  LYS A NZ  1 ? 
ATOM   572  N N   . LYS A 1 75  ? 8.216   -6.898  -13.914 1.000 103.878 0 75  LYS A N   1 ? 
ATOM   573  C CA  . LYS A 1 75  ? 9.076   -6.773  -15.081 1.000 103.013 0 75  LYS A CA  1 ? 
ATOM   574  C C   . LYS A 1 75  ? 10.466  -7.356  -14.812 1.000 97.942  0 75  LYS A C   1 ? 
ATOM   575  O O   . LYS A 1 75  ? 11.385  -7.137  -15.601 1.000 92.562  0 75  LYS A O   1 ? 
ATOM   576  C CB  . LYS A 1 75  ? 9.159   -5.296  -15.489 1.000 108.366 0 75  LYS A CB  1 ? 
ATOM   577  C CG  . LYS A 1 75  ? 9.698   -4.342  -14.426 1.000 108.689 0 75  LYS A CG  1 ? 
ATOM   578  C CD  . LYS A 1 75  ? 9.399   -2.872  -14.676 1.000 110.349 0 75  LYS A CD  1 ? 
ATOM   579  C CE  . LYS A 1 75  ? 7.929   -2.588  -14.910 1.000 113.065 0 75  LYS A CE  1 ? 
ATOM   580  N NZ  . LYS A 1 75  ? 7.557   -1.216  -14.488 1.000 112.552 0 75  LYS A NZ  1 ? 
ATOM   581  N N   . ARG A 1 76  ? 10.615  -8.101  -13.707 1.000 90.289  0 76  ARG A N   1 ? 
ATOM   582  C CA  . ARG A 1 76  ? 11.859  -8.789  -13.398 1.000 84.097  0 76  ARG A CA  1 ? 
ATOM   583  C C   . ARG A 1 76  ? 11.865  -10.158 -14.084 1.000 84.812  0 76  ARG A C   1 ? 
ATOM   584  O O   . ARG A 1 76  ? 10.805  -10.747 -14.296 1.000 79.765  0 76  ARG A O   1 ? 
ATOM   585  C CB  . ARG A 1 76  ? 12.025  -8.941  -11.881 1.000 81.169  0 76  ARG A CB  1 ? 
ATOM   586  C CG  . ARG A 1 76  ? 12.177  -7.636  -11.109 1.000 80.211  0 76  ARG A CG  1 ? 
ATOM   587  C CD  . ARG A 1 76  ? 12.253  -7.915  -9.616  1.000 79.463  0 76  ARG A CD  1 ? 
ATOM   588  N NE  . ARG A 1 76  ? 12.669  -6.784  -8.796  1.000 76.614  0 76  ARG A NE  1 ? 
ATOM   589  C CZ  . ARG A 1 76  ? 12.891  -6.849  -7.484  1.000 77.174  0 76  ARG A CZ  1 ? 
ATOM   590  N NH1 . ARG A 1 76  ? 12.723  -7.991  -6.838  1.000 71.211  0 76  ARG A NH1 1 ? 
ATOM   591  N NH2 . ARG A 1 76  ? 13.280  -5.774  -6.817  1.000 77.568  0 76  ARG A NH2 1 ? 
ATOM   592  N N   . PRO A 1 77  ? 13.048  -10.707 -14.462 1.000 87.235  0 77  PRO A N   1 ? 
ATOM   593  C CA  . PRO A 1 77  ? 13.124  -12.027 -15.097 1.000 86.386  0 77  PRO A CA  1 ? 
ATOM   594  C C   . PRO A 1 77  ? 12.496  -13.152 -14.277 1.000 85.713  0 77  PRO A C   1 ? 
ATOM   595  O O   . PRO A 1 77  ? 11.775  -13.982 -14.828 1.000 81.774  0 77  PRO A O   1 ? 
ATOM   596  C CB  . PRO A 1 77  ? 14.636  -12.281 -15.252 1.000 87.521  0 77  PRO A CB  1 ? 
ATOM   597  C CG  . PRO A 1 77  ? 15.258  -10.901 -15.251 1.000 85.323  0 77  PRO A CG  1 ? 
ATOM   598  C CD  . PRO A 1 77  ? 14.377  -10.082 -14.331 1.000 88.016  0 77  PRO A CD  1 ? 
ATOM   599  N N   . ASP A 1 78  ? 12.782  -13.171 -12.965 1.000 86.060  0 78  ASP A N   1 ? 
ATOM   600  C CA  . ASP A 1 78  ? 12.331  -14.239 -12.086 1.000 87.123  0 78  ASP A CA  1 ? 
ATOM   601  C C   . ASP A 1 78  ? 10.807  -14.232 -11.970 1.000 84.856  0 78  ASP A C   1 ? 
ATOM   602  O O   . ASP A 1 78  ? 10.187  -15.292 -11.967 1.000 91.373  0 78  ASP A O   1 ? 
ATOM   603  C CB  . ASP A 1 78  ? 12.998  -14.187 -10.705 1.000 85.740  0 78  ASP A CB  1 ? 
ATOM   604  C CG  . ASP A 1 78  ? 12.935  -12.850 -9.987  1.000 85.546  0 78  ASP A CG  1 ? 
ATOM   605  O OD1 . ASP A 1 78  ? 12.652  -11.838 -10.650 1.000 88.206  0 78  ASP A OD1 1 ? 
ATOM   606  O OD2 . ASP A 1 78  ? 13.166  -12.836 -8.761  1.000 81.925  0 78  ASP A OD2 1 ? 
ATOM   607  N N   . PHE A 1 79  ? 10.199  -13.045 -11.880 1.000 80.697  0 79  PHE A N   1 ? 
ATOM   608  C CA  . PHE A 1 79  ? 8.751   -12.956 -11.786 1.000 85.502  0 79  PHE A CA  1 ? 
ATOM   609  C C   . PHE A 1 79  ? 8.104   -13.443 -13.082 1.000 86.308  0 79  PHE A C   1 ? 
ATOM   610  O O   . PHE A 1 79  ? 7.132   -14.197 -13.045 1.000 85.747  0 79  PHE A O   1 ? 
ATOM   611  C CB  . PHE A 1 79  ? 8.294   -11.532 -11.459 1.000 85.365  0 79  PHE A CB  1 ? 
ATOM   612  C CG  . PHE A 1 79  ? 6.797   -11.397 -11.360 1.000 84.126  0 79  PHE A CG  1 ? 
ATOM   613  C CD1 . PHE A 1 79  ? 6.010   -11.342 -12.503 1.000 83.732  0 79  PHE A CD1 1 ? 
ATOM   614  C CD2 . PHE A 1 79  ? 6.168   -11.386 -10.124 1.000 83.364  0 79  PHE A CD2 1 ? 
ATOM   615  C CE1 . PHE A 1 79  ? 4.631   -11.241 -12.409 1.000 84.734  0 79  PHE A CE1 1 ? 
ATOM   616  C CE2 . PHE A 1 79  ? 4.788   -11.284 -10.034 1.000 87.598  0 79  PHE A CE2 1 ? 
ATOM   617  C CZ  . PHE A 1 79  ? 4.021   -11.212 -11.175 1.000 84.052  0 79  PHE A CZ  1 ? 
ATOM   618  N N   . LYS A 1 80  ? 8.642   -12.982 -14.218 1.000 86.838  0 80  LYS A N   1 ? 
ATOM   619  C CA  . LYS A 1 80  ? 8.153   -13.372 -15.531 1.000 89.939  0 80  LYS A CA  1 ? 
ATOM   620  C C   . LYS A 1 80  ? 8.088   -14.894 -15.650 1.000 93.151  0 80  LYS A C   1 ? 
ATOM   621  O O   . LYS A 1 80  ? 7.049   -15.443 -16.012 1.000 98.426  0 80  LYS A O   1 ? 
ATOM   622  C CB  . LYS A 1 80  ? 9.055   -12.789 -16.622 1.000 89.555  0 80  LYS A CB  1 ? 
ATOM   623  C CG  . LYS A 1 80  ? 8.896   -11.294 -16.859 1.000 87.469  0 80  LYS A CG  1 ? 
ATOM   624  C CD  . LYS A 1 80  ? 9.930   -10.726 -17.799 1.000 89.084  0 80  LYS A CD  1 ? 
ATOM   625  C CE  . LYS A 1 80  ? 9.723   -9.253  -18.078 1.000 94.364  0 80  LYS A CE  1 ? 
ATOM   626  N NZ  . LYS A 1 80  ? 10.868  -8.675  -18.820 1.000 98.788  0 80  LYS A NZ  1 ? 
ATOM   627  N N   . GLN A 1 81  ? 9.205   -15.559 -15.327 1.000 91.634  0 81  GLN A N   1 ? 
ATOM   628  C CA  . GLN A 1 81  ? 9.338   -16.997 -15.498 1.000 89.448  0 81  GLN A CA  1 ? 
ATOM   629  C C   . GLN A 1 81  ? 8.425   -17.760 -14.541 1.000 89.124  0 81  GLN A C   1 ? 
ATOM   630  O O   . GLN A 1 81  ? 8.017   -18.876 -14.853 1.000 88.649  0 81  GLN A O   1 ? 
ATOM   631  C CB  . GLN A 1 81  ? 10.782  -17.436 -15.258 1.000 90.631  0 81  GLN A CB  1 ? 
ATOM   632  C CG  . GLN A 1 81  ? 11.764  -16.948 -16.313 1.000 88.862  0 81  GLN A CG  1 ? 
ATOM   633  C CD  . GLN A 1 81  ? 13.176  -17.385 -16.008 1.000 88.806  0 81  GLN A CD  1 ? 
ATOM   634  O OE1 . GLN A 1 81  ? 13.413  -18.228 -15.144 1.000 94.318  0 81  GLN A OE1 1 ? 
ATOM   635  N NE2 . GLN A 1 81  ? 14.133  -16.812 -16.720 1.000 85.950  0 81  GLN A NE2 1 ? 
ATOM   636  N N   . GLN A 1 82  ? 8.129   -17.167 -13.376 1.000 88.129  0 82  GLN A N   1 ? 
ATOM   637  C CA  . GLN A 1 82  ? 7.457   -17.880 -12.301 1.000 87.584  0 82  GLN A CA  1 ? 
ATOM   638  C C   . GLN A 1 82  ? 6.174   -17.160 -11.895 1.000 87.064  0 82  GLN A C   1 ? 
ATOM   639  O O   . GLN A 1 82  ? 5.752   -17.267 -10.747 1.000 88.895  0 82  GLN A O   1 ? 
ATOM   640  C CB  . GLN A 1 82  ? 8.372   -17.975 -11.078 1.000 88.356  0 82  GLN A CB  1 ? 
ATOM   641  C CG  . GLN A 1 82  ? 9.817   -18.339 -11.392 1.000 91.426  0 82  GLN A CG  1 ? 
ATOM   642  C CD  . GLN A 1 82  ? 9.994   -19.731 -11.946 1.000 93.978  0 82  GLN A CD  1 ? 
ATOM   643  O OE1 . GLN A 1 82  ? 9.279   -20.662 -11.580 1.000 95.395  0 82  GLN A OE1 1 ? 
ATOM   644  N NE2 . GLN A 1 82  ? 10.954  -19.877 -12.847 1.000 93.734  0 82  GLN A NE2 1 ? 
ATOM   645  N N   . GLN A 1 83  ? 5.549   -16.438 -12.832 1.000 88.288  0 83  GLN A N   1 ? 
ATOM   646  C CA  . GLN A 1 83  ? 4.388   -15.633 -12.489 1.000 92.129  0 83  GLN A CA  1 ? 
ATOM   647  C C   . GLN A 1 83  ? 3.273   -16.545 -11.983 1.000 90.129  0 83  GLN A C   1 ? 
ATOM   648  O O   . GLN A 1 83  ? 2.567   -16.190 -11.043 1.000 89.779  0 83  GLN A O   1 ? 
ATOM   649  C CB  . GLN A 1 83  ? 3.936   -14.774 -13.670 1.000 95.740  0 83  GLN A CB  1 ? 
ATOM   650  C CG  . GLN A 1 83  ? 3.231   -15.543 -14.773 1.000 103.236 0 83  GLN A CG  1 ? 
ATOM   651  C CD  . GLN A 1 83  ? 2.832   -14.628 -15.904 1.000 108.205 0 83  GLN A CD  1 ? 
ATOM   652  O OE1 . GLN A 1 83  ? 1.661   -14.529 -16.264 1.000 111.265 0 83  GLN A OE1 1 ? 
ATOM   653  N NE2 . GLN A 1 83  ? 3.816   -13.943 -16.468 1.000 104.177 0 83  GLN A NE2 1 ? 
ATOM   654  N N   . ASP A 1 84  ? 3.137   -17.723 -12.603 1.000 90.958  0 84  ASP A N   1 ? 
ATOM   655  C CA  . ASP A 1 84  ? 2.296   -18.777 -12.061 1.000 93.279  0 84  ASP A CA  1 ? 
ATOM   656  C C   . ASP A 1 84  ? 2.500   -18.839 -10.551 1.000 89.355  0 84  ASP A C   1 ? 
ATOM   657  O O   . ASP A 1 84  ? 1.562   -18.643 -9.786  1.000 77.626  0 84  ASP A O   1 ? 
ATOM   658  C CB  . ASP A 1 84  ? 2.624   -20.142 -12.675 1.000 98.882  0 84  ASP A CB  1 ? 
ATOM   659  C CG  . ASP A 1 84  ? 2.180   -20.313 -14.117 1.000 100.755 0 84  ASP A CG  1 ? 
ATOM   660  O OD1 . ASP A 1 84  ? 0.956   -20.416 -14.345 1.000 93.545  0 84  ASP A OD1 1 ? 
ATOM   661  O OD2 . ASP A 1 84  ? 3.064   -20.345 -14.999 1.000 110.462 0 84  ASP A OD2 1 ? 
ATOM   662  N N   . TYR A 1 85  ? 3.756   -19.084 -10.152 1.000 93.728  0 85  TYR A N   1 ? 
ATOM   663  C CA  . TYR A 1 85  ? 4.118   -19.325 -8.765  1.000 93.039  0 85  TYR A CA  1 ? 
ATOM   664  C C   . TYR A 1 85  ? 3.755   -18.134 -7.885  1.000 92.432  0 85  TYR A C   1 ? 
ATOM   665  O O   . TYR A 1 85  ? 3.178   -18.310 -6.813  1.000 86.306  0 85  TYR A O   1 ? 
ATOM   666  C CB  . TYR A 1 85  ? 5.619   -19.596 -8.636  1.000 92.724  0 85  TYR A CB  1 ? 
ATOM   667  C CG  . TYR A 1 85  ? 6.097   -19.748 -7.215  1.000 94.351  0 85  TYR A CG  1 ? 
ATOM   668  C CD1 . TYR A 1 85  ? 5.579   -20.736 -6.391  1.000 93.100  0 85  TYR A CD1 1 ? 
ATOM   669  C CD2 . TYR A 1 85  ? 7.059   -18.902 -6.686  1.000 97.445  0 85  TYR A CD2 1 ? 
ATOM   670  C CE1 . TYR A 1 85  ? 6.010   -20.884 -5.082  1.000 93.934  0 85  TYR A CE1 1 ? 
ATOM   671  C CE2 . TYR A 1 85  ? 7.500   -19.036 -5.379  1.000 96.988  0 85  TYR A CE2 1 ? 
ATOM   672  C CZ  . TYR A 1 85  ? 6.974   -20.031 -4.573  1.000 95.203  0 85  TYR A CZ  1 ? 
ATOM   673  O OH  . TYR A 1 85  ? 7.405   -20.170 -3.275  1.000 96.205  0 85  TYR A OH  1 ? 
ATOM   674  N N   . PHE A 1 86  ? 4.127   -16.932 -8.341  1.000 91.180  0 86  PHE A N   1 ? 
ATOM   675  C CA  . PHE A 1 86  ? 4.028   -15.735 -7.523  1.000 90.900  0 86  PHE A CA  1 ? 
ATOM   676  C C   . PHE A 1 86  ? 2.570   -15.312 -7.372  1.000 87.569  0 86  PHE A C   1 ? 
ATOM   677  O O   . PHE A 1 86  ? 2.174   -14.835 -6.313  1.000 79.703  0 86  PHE A O   1 ? 
ATOM   678  C CB  . PHE A 1 86  ? 4.899   -14.619 -8.104  1.000 93.391  0 86  PHE A CB  1 ? 
ATOM   679  C CG  . PHE A 1 86  ? 6.378   -14.806 -7.873  1.000 93.091  0 86  PHE A CG  1 ? 
ATOM   680  C CD1 . PHE A 1 86  ? 6.885   -14.899 -6.584  1.000 88.370  0 86  PHE A CD1 1 ? 
ATOM   681  C CD2 . PHE A 1 86  ? 7.262   -14.893 -8.937  1.000 92.296  0 86  PHE A CD2 1 ? 
ATOM   682  C CE1 . PHE A 1 86  ? 8.243   -15.074 -6.369  1.000 88.747  0 86  PHE A CE1 1 ? 
ATOM   683  C CE2 . PHE A 1 86  ? 8.621   -15.064 -8.719  1.000 86.998  0 86  PHE A CE2 1 ? 
ATOM   684  C CZ  . PHE A 1 86  ? 9.108   -15.154 -7.436  1.000 87.469  0 86  PHE A CZ  1 ? 
ATOM   685  N N   . HIS A 1 87  ? 1.777   -15.500 -8.431  1.000 91.952  0 87  HIS A N   1 ? 
ATOM   686  C CA  . HIS A 1 87  ? 0.351   -15.220 -8.378  1.000 92.386  0 87  HIS A CA  1 ? 
ATOM   687  C C   . HIS A 1 87  ? -0.334  -16.149 -7.377  1.000 92.550  0 87  HIS A C   1 ? 
ATOM   688  O O   . HIS A 1 87  ? -1.366  -15.793 -6.815  1.000 86.296  0 87  HIS A O   1 ? 
ATOM   689  C CB  . HIS A 1 87  ? -0.263  -15.309 -9.777  1.000 93.860  0 87  HIS A CB  1 ? 
ATOM   690  C CG  . HIS A 1 87  ? 0.116   -14.166 -10.658 1.000 96.827  0 87  HIS A CG  1 ? 
ATOM   691  N ND1 . HIS A 1 87  ? 0.653   -14.322 -11.918 1.000 97.665  0 87  HIS A ND1 1 ? 
ATOM   692  C CD2 . HIS A 1 87  ? 0.012   -12.846 -10.458 1.000 97.053  0 87  HIS A CD2 1 ? 
ATOM   693  C CE1 . HIS A 1 87  ? 0.867   -13.126 -12.450 1.000 96.871  0 87  HIS A CE1 1 ? 
ATOM   694  N NE2 . HIS A 1 87  ? 0.485   -12.217 -11.580 1.000 96.770  0 87  HIS A NE2 1 ? 
ATOM   695  N N   . SER A 1 88  ? 0.247   -17.338 -7.166  1.000 98.237  0 88  SER A N   1 ? 
ATOM   696  C CA  . SER A 1 88  ? -0.208  -18.255 -6.134  1.000 100.544 0 88  SER A CA  1 ? 
ATOM   697  C C   . SER A 1 88  ? 0.039   -17.662 -4.751  1.000 97.110  0 88  SER A C   1 ? 
ATOM   698  O O   . SER A 1 88  ? -0.828  -17.748 -3.888  1.000 100.216 0 88  SER A O   1 ? 
ATOM   699  C CB  . SER A 1 88  ? 0.456   -19.604 -6.258  1.000 105.165 0 88  SER A CB  1 ? 
ATOM   700  O OG  . SER A 1 88  ? 0.291   -20.134 -7.563  1.000 114.042 0 88  SER A OG  1 ? 
ATOM   701  N N   . ILE A 1 89  ? 1.230   -17.085 -4.544  1.000 100.056 0 89  ILE A N   1 ? 
ATOM   702  C CA  . ILE A 1 89  ? 1.606   -16.536 -3.249  1.000 104.779 0 89  ILE A CA  1 ? 
ATOM   703  C C   . ILE A 1 89  ? 0.730   -15.316 -2.969  1.000 105.745 0 89  ILE A C   1 ? 
ATOM   704  O O   . ILE A 1 89  ? 0.129   -15.211 -1.900  1.000 104.948 0 89  ILE A O   1 ? 
ATOM   705  C CB  . ILE A 1 89  ? 3.114   -16.203 -3.183  1.000 106.132 0 89  ILE A CB  1 ? 
ATOM   706  C CG1 . ILE A 1 89  ? 3.995   -17.414 -3.509  1.000 106.024 0 89  ILE A CG1 1 ? 
ATOM   707  C CG2 . ILE A 1 89  ? 3.476   -15.608 -1.829  1.000 105.210 0 89  ILE A CG2 1 ? 
ATOM   708  C CD1 . ILE A 1 89  ? 3.761   -18.613 -2.614  1.000 108.688 0 89  ILE A CD1 1 ? 
ATOM   709  N N   . LEU A 1 90  ? 0.662   -14.405 -3.948  1.000 106.103 0 90  LEU A N   1 ? 
ATOM   710  C CA  . LEU A 1 90  ? -0.323  -13.334 -3.945  1.000 101.590 0 90  LEU A CA  1 ? 
ATOM   711  C C   . LEU A 1 90  ? -1.706  -13.968 -4.021  1.000 103.197 0 90  LEU A C   1 ? 
ATOM   712  O O   . LEU A 1 90  ? -1.828  -15.178 -4.183  1.000 108.059 0 90  LEU A O   1 ? 
ATOM   713  C CB  . LEU A 1 90  ? -0.087  -12.419 -5.153  1.000 97.919  0 90  LEU A CB  1 ? 
ATOM   714  C CG  . LEU A 1 90  ? 1.266   -11.708 -5.210  1.000 96.758  0 90  LEU A CG  1 ? 
ATOM   715  C CD1 . LEU A 1 90  ? 1.353   -10.809 -6.432  1.000 95.754  0 90  LEU A CD1 1 ? 
ATOM   716  C CD2 . LEU A 1 90  ? 1.516   -10.901 -3.944  1.000 97.131  0 90  LEU A CD2 1 ? 
ATOM   717  N N   . GLY A 1 91  ? -2.749  -13.147 -3.912  1.000 104.558 0 91  GLY A N   1 ? 
ATOM   718  C CA  . GLY A 1 91  ? -4.068  -13.583 -4.335  1.000 105.898 0 91  GLY A CA  1 ? 
ATOM   719  C C   . GLY A 1 91  ? -4.172  -13.532 -5.857  1.000 105.586 0 91  GLY A C   1 ? 
ATOM   720  O O   . GLY A 1 91  ? -4.035  -12.458 -6.439  1.000 108.290 0 91  GLY A O   1 ? 
ATOM   721  N N   . PRO A 1 92  ? -4.363  -14.672 -6.563  1.000 104.896 0 92  PRO A N   1 ? 
ATOM   722  C CA  . PRO A 1 92  ? -4.585  -14.637 -8.008  1.000 103.416 0 92  PRO A CA  1 ? 
ATOM   723  C C   . PRO A 1 92  ? -5.729  -13.680 -8.339  1.000 105.526 0 92  PRO A C   1 ? 
ATOM   724  O O   . PRO A 1 92  ? -6.833  -13.836 -7.819  1.000 104.262 0 92  PRO A O   1 ? 
ATOM   725  C CB  . PRO A 1 92  ? -4.923  -16.090 -8.378  1.000 99.916  0 92  PRO A CB  1 ? 
ATOM   726  C CG  . PRO A 1 92  ? -4.311  -16.918 -7.265  1.000 100.460 0 92  PRO A CG  1 ? 
ATOM   727  C CD  . PRO A 1 92  ? -4.368  -16.043 -6.028  1.000 105.227 0 92  PRO A CD  1 ? 
ATOM   728  N N   . GLY A 1 93  ? -5.433  -12.666 -9.165  1.000 106.226 0 93  GLY A N   1 ? 
ATOM   729  C CA  . GLY A 1 93  ? -6.400  -11.645 -9.534  1.000 98.996  0 93  GLY A CA  1 ? 
ATOM   730  C C   . GLY A 1 93  ? -6.764  -10.715 -8.376  1.000 97.005  0 93  GLY A C   1 ? 
ATOM   731  O O   . GLY A 1 93  ? -7.856  -10.154 -8.362  1.000 97.677  0 93  GLY A O   1 ? 
ATOM   732  N N   . ASN A 1 94  ? -5.853  -10.558 -7.404  1.000 95.074  0 94  ASN A N   1 ? 
ATOM   733  C CA  . ASN A 1 94  ? -5.985  -9.536  -6.376  1.000 89.503  0 94  ASN A CA  1 ? 
ATOM   734  C C   . ASN A 1 94  ? -5.331  -8.247  -6.870  1.000 86.351  0 94  ASN A C   1 ? 
ATOM   735  O O   . ASN A 1 94  ? -5.750  -7.158  -6.484  1.000 91.137  0 94  ASN A O   1 ? 
ATOM   736  C CB  . ASN A 1 94  ? -5.408  -9.980  -5.027  1.000 88.333  0 94  ASN A CB  1 ? 
ATOM   737  C CG  . ASN A 1 94  ? -6.311  -10.932 -4.272  1.000 91.693  0 94  ASN A CG  1 ? 
ATOM   738  O OD1 . ASN A 1 94  ? -7.333  -11.383 -4.788  1.000 93.714  0 94  ASN A OD1 1 ? 
ATOM   739  N ND2 . ASN A 1 94  ? -5.936  -11.254 -3.045  1.000 88.811  0 94  ASN A ND2 1 ? 
ATOM   740  N N   . ILE A 1 95  ? -4.303  -8.387  -7.719  1.000 80.182  0 95  ILE A N   1 ? 
ATOM   741  C CA  . ILE A 1 95  ? -3.779  -7.277  -8.504  1.000 81.260  0 95  ILE A CA  1 ? 
ATOM   742  C C   . ILE A 1 95  ? -4.913  -6.622  -9.296  1.000 81.961  0 95  ILE A C   1 ? 
ATOM   743  O O   . ILE A 1 95  ? -4.850  -5.430  -9.591  1.000 74.567  0 95  ILE A O   1 ? 
ATOM   744  C CB  . ILE A 1 95  ? -2.622  -7.740  -9.419  1.000 80.859  0 95  ILE A CB  1 ? 
ATOM   745  C CG1 . ILE A 1 95  ? -2.084  -6.604  -10.301 1.000 76.445  0 95  ILE A CG1 1 ? 
ATOM   746  C CG2 . ILE A 1 95  ? -3.025  -8.947  -10.261 1.000 81.985  0 95  ILE A CG2 1 ? 
ATOM   747  C CD1 . ILE A 1 95  ? -1.566  -5.406  -9.535  1.000 74.466  0 95  ILE A CD1 1 ? 
ATOM   748  N N   . LYS A 1 96  ? -5.941  -7.405  -9.653  1.000 88.594  0 96  LYS A N   1 ? 
ATOM   749  C CA  . LYS A 1 96  ? -7.107  -6.872  -10.340 1.000 98.339  0 96  LYS A CA  1 ? 
ATOM   750  C C   . LYS A 1 96  ? -7.946  -6.038  -9.371  1.000 97.210  0 96  LYS A C   1 ? 
ATOM   751  O O   . LYS A 1 96  ? -8.334  -4.915  -9.692  1.000 90.887  0 96  LYS A O   1 ? 
ATOM   752  C CB  . LYS A 1 96  ? -7.951  -7.997  -10.946 1.000 102.924 0 96  LYS A CB  1 ? 
ATOM   753  C CG  . LYS A 1 96  ? -9.049  -7.534  -11.897 1.000 104.248 0 96  LYS A CG  1 ? 
ATOM   754  C CD  . LYS A 1 96  ? -9.940  -8.650  -12.399 1.000 107.591 0 96  LYS A CD  1 ? 
ATOM   755  C CE  . LYS A 1 96  ? -11.053 -8.153  -13.298 1.000 111.645 0 96  LYS A CE  1 ? 
ATOM   756  N NZ  . LYS A 1 96  ? -11.926 -9.260  -13.753 1.000 114.912 0 96  LYS A NZ  1 ? 
ATOM   757  N N   . LYS A 1 97  ? -8.224  -6.597  -8.189  1.000 99.648  0 97  LYS A N   1 ? 
ATOM   758  C CA  . LYS A 1 97  ? -9.054  -5.925  -7.202  1.000 100.774 0 97  LYS A CA  1 ? 
ATOM   759  C C   . LYS A 1 97  ? -8.338  -4.685  -6.659  1.000 98.917  0 97  LYS A C   1 ? 
ATOM   760  O O   . LYS A 1 97  ? -8.981  -3.679  -6.372  1.000 101.582 0 97  LYS A O   1 ? 
ATOM   761  C CB  . LYS A 1 97  ? -9.434  -6.889  -6.075  1.000 99.504  0 97  LYS A CB  1 ? 
ATOM   762  C CG  . LYS A 1 97  ? -10.471 -6.337  -5.108  1.000 103.031 0 97  LYS A CG  1 ? 
ATOM   763  C CD  . LYS A 1 97  ? -11.025 -7.363  -4.154  1.000 105.775 0 97  LYS A CD  1 ? 
ATOM   764  C CE  . LYS A 1 97  ? -12.072 -6.783  -3.228  1.000 104.990 0 97  LYS A CE  1 ? 
ATOM   765  N NZ  . LYS A 1 97  ? -12.734 -7.840  -2.428  1.000 108.765 0 97  LYS A NZ  1 ? 
ATOM   766  N N   . ALA A 1 98  ? -7.008  -4.761  -6.534  1.000 94.433  0 98  ALA A N   1 ? 
ATOM   767  C CA  . ALA A 1 98  ? -6.209  -3.650  -6.041  1.000 95.375  0 98  ALA A CA  1 ? 
ATOM   768  C C   . ALA A 1 98  ? -6.305  -2.450  -6.984  1.000 92.143  0 98  ALA A C   1 ? 
ATOM   769  O O   . ALA A 1 98  ? -6.400  -1.309  -6.537  1.000 89.321  0 98  ALA A O   1 ? 
ATOM   770  C CB  . ALA A 1 98  ? -4.776  -4.096  -5.863  1.000 97.422  0 98  ALA A CB  1 ? 
ATOM   771  N N   . VAL A 1 99  ? -6.263  -2.722  -8.293  1.000 91.303  0 99  VAL A N   1 ? 
ATOM   772  C CA  . VAL A 1 99  ? -6.345  -1.689  -9.314  1.000 90.058  0 99  VAL A CA  1 ? 
ATOM   773  C C   . VAL A 1 99  ? -7.727  -1.034  -9.269  1.000 85.816  0 99  VAL A C   1 ? 
ATOM   774  O O   . VAL A 1 99  ? -7.836  0.187   -9.342  1.000 87.804  0 99  VAL A O   1 ? 
ATOM   775  C CB  . VAL A 1 99  ? -6.028  -2.274  -10.707 1.000 88.082  0 99  VAL A CB  1 ? 
ATOM   776  C CG1 . VAL A 1 99  ? -6.488  -1.370  -11.841 1.000 87.507  0 99  VAL A CG1 1 ? 
ATOM   777  C CG2 . VAL A 1 99  ? -4.548  -2.597  -10.851 1.000 89.409  0 99  VAL A CG2 1 ? 
ATOM   778  N N   . GLU A 1 100 ? -8.775  -1.855  -9.148  1.000 84.216  0 100 GLU A N   1 ? 
ATOM   779  C CA  . GLU A 1 100 ? -10.147 -1.380  -9.221  1.000 89.797  0 100 GLU A CA  1 ? 
ATOM   780  C C   . GLU A 1 100 ? -10.519 -0.613  -7.951  1.000 88.898  0 100 GLU A C   1 ? 
ATOM   781  O O   . GLU A 1 100 ? -11.189 0.414   -8.025  1.000 87.820  0 100 GLU A O   1 ? 
ATOM   782  C CB  . GLU A 1 100 ? -11.090 -2.560  -9.468  1.000 94.571  0 100 GLU A CB  1 ? 
ATOM   783  C CG  . GLU A 1 100 ? -11.001 -3.106  -10.886 1.000 94.483  0 100 GLU A CG  1 ? 
ATOM   784  C CD  . GLU A 1 100 ? -11.662 -4.456  -11.124 1.000 92.523  0 100 GLU A CD  1 ? 
ATOM   785  O OE1 . GLU A 1 100 ? -11.718 -4.880  -12.296 1.000 88.665  0 100 GLU A OE1 1 ? 
ATOM   786  O OE2 . GLU A 1 100 ? -12.103 -5.089  -10.141 1.000 93.179  0 100 GLU A OE2 1 ? 
ATOM   787  N N   . GLU A 1 101 ? -10.086 -1.114  -6.789  1.000 87.680  0 101 GLU A N   1 ? 
ATOM   788  C CA  . GLU A 1 101 ? -10.367 -0.445  -5.530  1.000 93.053  0 101 GLU A CA  1 ? 
ATOM   789  C C   . GLU A 1 101 ? -9.705  0.931   -5.495  1.000 95.555  0 101 GLU A C   1 ? 
ATOM   790  O O   . GLU A 1 101 ? -10.266 1.872   -4.938  1.000 92.611  0 101 GLU A O   1 ? 
ATOM   791  C CB  . GLU A 1 101 ? -9.902  -1.296  -4.346  1.000 92.617  0 101 GLU A CB  1 ? 
ATOM   792  C CG  . GLU A 1 101 ? -10.771 -2.516  -4.098  1.000 94.778  0 101 GLU A CG  1 ? 
ATOM   793  C CD  . GLU A 1 101 ? -12.239 -2.227  -3.841  1.000 95.173  0 101 GLU A CD  1 ? 
ATOM   794  O OE1 . GLU A 1 101 ? -13.029 -3.192  -3.794  1.000 99.057  0 101 GLU A OE1 1 ? 
ATOM   795  O OE2 . GLU A 1 101 ? -12.589 -1.042  -3.671  1.000 96.792  0 101 GLU A OE2 1 ? 
ATOM   796  N N   . ALA A 1 102 ? -8.514  1.037   -6.098  1.000 97.418  0 102 ALA A N   1 ? 
ATOM   797  C CA  . ALA A 1 102 ? -7.749  2.273   -6.099  1.000 97.864  0 102 ALA A CA  1 ? 
ATOM   798  C C   . ALA A 1 102 ? -8.468  3.359   -6.899  1.000 94.345  0 102 ALA A C   1 ? 
ATOM   799  O O   . ALA A 1 102 ? -8.487  4.516   -6.486  1.000 91.911  0 102 ALA A O   1 ? 
ATOM   800  C CB  . ALA A 1 102 ? -6.364  2.020   -6.643  1.000 98.549  0 102 ALA A CB  1 ? 
ATOM   801  N N   . GLU A 1 103 ? -9.050  2.988   -8.046  1.000 92.925  0 103 GLU A N   1 ? 
ATOM   802  C CA  . GLU A 1 103 ? -9.760  3.955   -8.870  1.000 97.809  0 103 GLU A CA  1 ? 
ATOM   803  C C   . GLU A 1 103 ? -11.077 4.327   -8.188  1.000 87.996  0 103 GLU A C   1 ? 
ATOM   804  O O   . GLU A 1 103 ? -11.423 5.504   -8.126  1.000 74.776  0 103 GLU A O   1 ? 
ATOM   805  C CB  . GLU A 1 103 ? -9.967  3.416   -10.288 1.000 105.638 0 103 GLU A CB  1 ? 
ATOM   806  C CG  . GLU A 1 103 ? -10.469 4.459   -11.284 1.000 111.954 0 103 GLU A CG  1 ? 
ATOM   807  C CD  . GLU A 1 103 ? -9.595  5.693   -11.479 1.000 113.608 0 103 GLU A CD  1 ? 
ATOM   808  O OE1 . GLU A 1 103 ? -8.863  5.743   -12.491 1.000 113.907 0 103 GLU A OE1 1 ? 
ATOM   809  O OE2 . GLU A 1 103 ? -9.676  6.623   -10.647 1.000 111.138 0 103 GLU A OE2 1 ? 
ATOM   810  N N   . ARG A 1 104 ? -11.796 3.321   -7.671  1.000 86.547  0 104 ARG A N   1 ? 
ATOM   811  C CA  . ARG A 1 104 ? -12.992 3.546   -6.875  1.000 87.967  0 104 ARG A CA  1 ? 
ATOM   812  C C   . ARG A 1 104 ? -12.685 4.558   -5.776  1.000 87.147  0 104 ARG A C   1 ? 
ATOM   813  O O   . ARG A 1 104 ? -13.408 5.538   -5.610  1.000 83.640  0 104 ARG A O   1 ? 
ATOM   814  C CB  . ARG A 1 104 ? -13.489 2.236   -6.249  1.000 93.915  0 104 ARG A CB  1 ? 
ATOM   815  C CG  . ARG A 1 104 ? -14.589 2.413   -5.210  1.000 97.251  0 104 ARG A CG  1 ? 
ATOM   816  C CD  . ARG A 1 104 ? -14.870 1.155   -4.409  1.000 105.549 0 104 ARG A CD  1 ? 
ATOM   817  N NE  . ARG A 1 104 ? -15.594 0.135   -5.162  1.000 113.325 0 104 ARG A NE  1 ? 
ATOM   818  C CZ  . ARG A 1 104 ? -16.040 -1.012  -4.654  1.000 116.048 0 104 ARG A CZ  1 ? 
ATOM   819  N NH1 . ARG A 1 104 ? -16.756 -1.831  -5.405  1.000 118.247 0 104 ARG A NH1 1 ? 
ATOM   820  N NH2 . ARG A 1 104 ? -15.792 -1.328  -3.392  1.000 112.743 0 104 ARG A NH2 1 ? 
ATOM   821  N N   . LEU A 1 105 ? -11.611 4.293   -5.024  1.000 87.721  0 105 LEU A N   1 ? 
ATOM   822  C CA  . LEU A 1 105 ? -11.240 5.123   -3.891  1.000 85.215  0 105 LEU A CA  1 ? 
ATOM   823  C C   . LEU A 1 105 ? -10.784 6.496   -4.375  1.000 83.758  0 105 LEU A C   1 ? 
ATOM   824  O O   . LEU A 1 105 ? -11.255 7.506   -3.860  1.000 83.240  0 105 LEU A O   1 ? 
ATOM   825  C CB  . LEU A 1 105 ? -10.152 4.422   -3.069  1.000 85.828  0 105 LEU A CB  1 ? 
ATOM   826  C CG  . LEU A 1 105 ? -10.629 3.281   -2.165  1.000 86.973  0 105 LEU A CG  1 ? 
ATOM   827  C CD1 . LEU A 1 105 ? -9.498  2.789   -1.276  1.000 84.864  0 105 LEU A CD1 1 ? 
ATOM   828  C CD2 . LEU A 1 105 ? -11.821 3.702   -1.314  1.000 85.765  0 105 LEU A CD2 1 ? 
ATOM   829  N N   . SER A 1 106 ? -9.889  6.538   -5.373  1.000 86.665  0 106 SER A N   1 ? 
ATOM   830  C CA  . SER A 1 106 ? -9.318  7.804   -5.813  1.000 89.619  0 106 SER A CA  1 ? 
ATOM   831  C C   . SER A 1 106 ? -10.425 8.740   -6.296  1.000 87.577  0 106 SER A C   1 ? 
ATOM   832  O O   . SER A 1 106 ? -10.379 9.937   -6.018  1.000 90.396  0 106 SER A O   1 ? 
ATOM   833  C CB  . SER A 1 106 ? -8.245  7.624   -6.866  1.000 89.916  0 106 SER A CB  1 ? 
ATOM   834  O OG  . SER A 1 106 ? -8.806  7.531   -8.166  1.000 96.419  0 106 SER A OG  1 ? 
ATOM   835  N N   . GLU A 1 107 ? -11.425 8.187   -6.995  1.000 87.028  0 107 GLU A N   1 ? 
ATOM   836  C CA  . GLU A 1 107 ? -12.530 8.979   -7.518  1.000 87.938  0 107 GLU A CA  1 ? 
ATOM   837  C C   . GLU A 1 107 ? -13.414 9.478   -6.377  1.000 82.358  0 107 GLU A C   1 ? 
ATOM   838  O O   . GLU A 1 107 ? -13.962 10.573  -6.469  1.000 83.040  0 107 GLU A O   1 ? 
ATOM   839  C CB  . GLU A 1 107 ? -13.333 8.191   -8.556  1.000 89.188  0 107 GLU A CB  1 ? 
ATOM   840  C CG  . GLU A 1 107 ? -12.742 8.297   -9.952  1.000 92.144  0 107 GLU A CG  1 ? 
ATOM   841  C CD  . GLU A 1 107 ? -13.262 7.295   -10.966 1.000 96.656  0 107 GLU A CD  1 ? 
ATOM   842  O OE1 . GLU A 1 107 ? -14.161 6.503   -10.613 1.000 97.486  0 107 GLU A OE1 1 ? 
ATOM   843  O OE2 . GLU A 1 107 ? -12.751 7.303   -12.108 1.000 103.250 0 107 GLU A OE2 1 ? 
ATOM   844  N N   . SER A 1 108 ? -13.539 8.679   -5.310  1.000 82.058  0 108 SER A N   1 ? 
ATOM   845  C CA  . SER A 1 108 ? -14.182 9.128   -4.085  1.000 78.536  0 108 SER A CA  1 ? 
ATOM   846  C C   . SER A 1 108 ? -13.384 10.265  -3.451  1.000 76.016  0 108 SER A C   1 ? 
ATOM   847  O O   . SER A 1 108 ? -13.944 11.316  -3.149  1.000 70.675  0 108 SER A O   1 ? 
ATOM   848  C CB  . SER A 1 108 ? -14.371 7.994   -3.110  1.000 76.887  0 108 SER A CB  1 ? 
ATOM   849  O OG  . SER A 1 108 ? -14.850 8.475   -1.862  1.000 76.808  0 108 SER A OG  1 ? 
ATOM   850  N N   . LEU A 1 109 ? -12.074 10.038  -3.271  1.000 75.909  0 109 LEU A N   1 ? 
ATOM   851  C CA  . LEU A 1 109 ? -11.197 10.968  -2.574  1.000 78.325  0 109 LEU A CA  1 ? 
ATOM   852  C C   . LEU A 1 109 ? -11.133 12.311  -3.306  1.000 81.670  0 109 LEU A C   1 ? 
ATOM   853  O O   . LEU A 1 109 ? -11.328 13.352  -2.680  1.000 78.691  0 109 LEU A O   1 ? 
ATOM   854  C CB  . LEU A 1 109 ? -9.806  10.342  -2.441  1.000 78.858  0 109 LEU A CB  1 ? 
ATOM   855  C CG  . LEU A 1 109 ? -9.704  9.159   -1.476  1.000 79.294  0 109 LEU A CG  1 ? 
ATOM   856  C CD1 . LEU A 1 109 ? -8.314  8.538   -1.519  1.000 78.434  0 109 LEU A CD1 1 ? 
ATOM   857  C CD2 . LEU A 1 109 ? -10.056 9.576   -0.053  1.000 77.896  0 109 LEU A CD2 1 ? 
ATOM   858  N N   . LYS A 1 110 ? -10.859 12.277  -4.622  1.000 83.157  0 110 LYS A N   1 ? 
ATOM   859  C CA  . LYS A 1 110 ? -10.849 13.478  -5.448  1.000 85.685  0 110 LYS A CA  1 ? 
ATOM   860  C C   . LYS A 1 110 ? -11.992 14.404  -5.040  1.000 82.929  0 110 LYS A C   1 ? 
ATOM   861  O O   . LYS A 1 110 ? -11.778 15.583  -4.779  1.000 78.075  0 110 LYS A O   1 ? 
ATOM   862  C CB  . LYS A 1 110 ? -10.998 13.129  -6.934  1.000 93.645  0 110 LYS A CB  1 ? 
ATOM   863  C CG  . LYS A 1 110 ? -9.747  12.608  -7.632  1.000 100.580 0 110 LYS A CG  1 ? 
ATOM   864  C CD  . LYS A 1 110 ? -10.036 12.005  -8.999  1.000 105.505 0 110 LYS A CD  1 ? 
ATOM   865  C CE  . LYS A 1 110 ? -8.833  11.348  -9.643  1.000 108.302 0 110 LYS A CE  1 ? 
ATOM   866  N NZ  . LYS A 1 110 ? -9.184  10.701  -10.930 1.000 108.121 0 110 LYS A NZ  1 ? 
ATOM   867  N N   . LEU A 1 111 ? -13.205 13.841  -4.978  1.000 86.019  0 111 LEU A N   1 ? 
ATOM   868  C CA  . LEU A 1 111 ? -14.413 14.600  -4.699  1.000 89.200  0 111 LEU A CA  1 ? 
ATOM   869  C C   . LEU A 1 111 ? -14.431 15.117  -3.259  1.000 85.265  0 111 LEU A C   1 ? 
ATOM   870  O O   . LEU A 1 111 ? -14.819 16.259  -3.024  1.000 81.188  0 111 LEU A O   1 ? 
ATOM   871  C CB  . LEU A 1 111 ? -15.632 13.711  -4.970  1.000 91.839  0 111 LEU A CB  1 ? 
ATOM   872  C CG  . LEU A 1 111 ? -15.918 13.389  -6.438  1.000 92.169  0 111 LEU A CG  1 ? 
ATOM   873  C CD1 . LEU A 1 111 ? -17.236 12.639  -6.573  1.000 93.667  0 111 LEU A CD1 1 ? 
ATOM   874  C CD2 . LEU A 1 111 ? -15.936 14.651  -7.291  1.000 90.853  0 111 LEU A CD2 1 ? 
ATOM   875  N N   . ARG A 1 112 ? -14.029 14.273  -2.301  1.000 86.009  0 112 ARG A N   1 ? 
ATOM   876  C CA  . ARG A 1 112 ? -14.087 14.633  -0.892  1.000 86.654  0 112 ARG A CA  1 ? 
ATOM   877  C C   . ARG A 1 112 ? -13.017 15.676  -0.551  1.000 87.331  0 112 ARG A C   1 ? 
ATOM   878  O O   . ARG A 1 112 ? -13.204 16.468  0.371   1.000 83.901  0 112 ARG A O   1 ? 
ATOM   879  C CB  . ARG A 1 112 ? -13.950 13.387  -0.008  1.000 86.358  0 112 ARG A CB  1 ? 
ATOM   880  C CG  . ARG A 1 112 ? -15.008 12.322  -0.264  1.000 82.891  0 112 ARG A CG  1 ? 
ATOM   881  C CD  . ARG A 1 112 ? -15.420 11.565  0.983   1.000 84.345  0 112 ARG A CD  1 ? 
ATOM   882  N NE  . ARG A 1 112 ? -14.327 10.848  1.630   1.000 84.166  0 112 ARG A NE  1 ? 
ATOM   883  C CZ  . ARG A 1 112 ? -14.115 10.811  2.944   1.000 79.781  0 112 ARG A CZ  1 ? 
ATOM   884  N NH1 . ARG A 1 112 ? -13.188 10.014  3.442   1.000 80.389  0 112 ARG A NH1 1 ? 
ATOM   885  N NH2 . ARG A 1 112 ? -14.861 11.534  3.762   1.000 77.922  0 112 ARG A NH2 1 ? 
ATOM   886  N N   . TYR A 1 113 ? -11.896 15.677  -1.287  1.000 85.359  0 113 TYR A N   1 ? 
ATOM   887  C CA  . TYR A 1 113 ? -10.825 16.634  -1.050  1.000 87.185  0 113 TYR A CA  1 ? 
ATOM   888  C C   . TYR A 1 113 ? -11.222 18.007  -1.589  1.000 92.321  0 113 TYR A C   1 ? 
ATOM   889  O O   . TYR A 1 113 ? -10.862 19.025  -1.001  1.000 101.179 0 113 TYR A O   1 ? 
ATOM   890  C CB  . TYR A 1 113 ? -9.500  16.144  -1.648  1.000 86.909  0 113 TYR A CB  1 ? 
ATOM   891  C CG  . TYR A 1 113 ? -8.707  15.181  -0.794  1.000 88.194  0 113 TYR A CG  1 ? 
ATOM   892  C CD1 . TYR A 1 113 ? -8.795  15.182  0.592   1.000 88.420  0 113 TYR A CD1 1 ? 
ATOM   893  C CD2 . TYR A 1 113 ? -7.868  14.243  -1.376  1.000 86.793  0 113 TYR A CD2 1 ? 
ATOM   894  C CE1 . TYR A 1 113 ? -8.067  14.298  1.371   1.000 84.874  0 113 TYR A CE1 1 ? 
ATOM   895  C CE2 . TYR A 1 113 ? -7.136  13.347  -0.612  1.000 87.169  0 113 TYR A CE2 1 ? 
ATOM   896  C CZ  . TYR A 1 113 ? -7.232  13.375  0.768   1.000 85.819  0 113 TYR A CZ  1 ? 
ATOM   897  O OH  . TYR A 1 113 ? -6.505  12.490  1.530   1.000 82.791  0 113 TYR A OH  1 ? 
ATOM   898  N N   . GLU A 1 114 ? -11.954 18.028  -2.711  1.000 91.205  0 114 GLU A N   1 ? 
ATOM   899  C CA  . GLU A 1 114 ? -12.514 19.262  -3.234  1.000 91.565  0 114 GLU A CA  1 ? 
ATOM   900  C C   . GLU A 1 114 ? -13.635 19.740  -2.311  1.000 89.278  0 114 GLU A C   1 ? 
ATOM   901  O O   . GLU A 1 114 ? -13.788 20.940  -2.096  1.000 88.135  0 114 GLU A O   1 ? 
ATOM   902  C CB  . GLU A 1 114 ? -13.005 19.069  -4.669  1.000 95.726  0 114 GLU A CB  1 ? 
ATOM   903  C CG  . GLU A 1 114 ? -11.880 18.811  -5.657  1.000 99.116  0 114 GLU A CG  1 ? 
ATOM   904  C CD  . GLU A 1 114 ? -12.318 18.610  -7.099  1.000 97.615  0 114 GLU A CD  1 ? 
ATOM   905  O OE1 . GLU A 1 114 ? -13.281 17.855  -7.319  1.000 99.769  0 114 GLU A OE1 1 ? 
ATOM   906  O OE2 . GLU A 1 114 ? -11.677 19.189  -7.997  1.000 99.814  0 114 GLU A OE2 1 ? 
ATOM   907  N N   . GLU A 1 115 ? -14.407 18.793  -1.761  1.000 86.167  0 115 GLU A N   1 ? 
ATOM   908  C CA  . GLU A 1 115 ? -15.462 19.109  -0.811  1.000 88.000  0 115 GLU A CA  1 ? 
ATOM   909  C C   . GLU A 1 115 ? -14.869 19.836  0.398   1.000 91.042  0 115 GLU A C   1 ? 
ATOM   910  O O   . GLU A 1 115 ? -15.452 20.804  0.883   1.000 89.081  0 115 GLU A O   1 ? 
ATOM   911  C CB  . GLU A 1 115 ? -16.208 17.840  -0.385  1.000 88.120  0 115 GLU A CB  1 ? 
ATOM   912  C CG  . GLU A 1 115 ? -17.268 18.074  0.682   1.000 92.041  0 115 GLU A CG  1 ? 
ATOM   913  C CD  . GLU A 1 115 ? -18.153 16.880  1.001   1.000 99.411  0 115 GLU A CD  1 ? 
ATOM   914  O OE1 . GLU A 1 115 ? -17.641 15.904  1.585   1.000 107.763 0 115 GLU A OE1 1 ? 
ATOM   915  O OE2 . GLU A 1 115 ? -19.356 16.925  0.661   1.000 105.199 0 115 GLU A OE2 1 ? 
ATOM   916  N N   . ALA A 1 116 ? -13.714 19.358  0.882   1.000 91.887  0 116 ALA A N   1 ? 
ATOM   917  C CA  . ALA A 1 116 ? -13.098 19.894  2.087   1.000 87.488  0 116 ALA A CA  1 ? 
ATOM   918  C C   . ALA A 1 116 ? -12.439 21.238  1.792   1.000 86.750  0 116 ALA A C   1 ? 
ATOM   919  O O   . ALA A 1 116 ? -12.346 22.093  2.670   1.000 90.240  0 116 ALA A O   1 ? 
ATOM   920  C CB  . ALA A 1 116 ? -12.103 18.906  2.640   1.000 84.061  0 116 ALA A CB  1 ? 
ATOM   921  N N   . GLU A 1 117 ? -11.976 21.406  0.550   1.000 85.257  0 117 GLU A N   1 ? 
ATOM   922  C CA  . GLU A 1 117 ? -11.289 22.618  0.140   1.000 88.475  0 117 GLU A CA  1 ? 
ATOM   923  C C   . GLU A 1 117 ? -12.279 23.783  0.084   1.000 92.257  0 117 GLU A C   1 ? 
ATOM   924  O O   . GLU A 1 117 ? -12.055 24.812  0.717   1.000 91.695  0 117 GLU A O   1 ? 
ATOM   925  C CB  . GLU A 1 117 ? -10.595 22.378  -1.202  1.000 90.157  0 117 GLU A CB  1 ? 
ATOM   926  C CG  . GLU A 1 117 ? -10.128 23.649  -1.881  1.000 92.864  0 117 GLU A CG  1 ? 
ATOM   927  C CD  . GLU A 1 117 ? -8.961  23.449  -2.828  1.000 96.942  0 117 GLU A CD  1 ? 
ATOM   928  O OE1 . GLU A 1 117 ? -7.832  23.289  -2.328  1.000 97.780  0 117 GLU A OE1 1 ? 
ATOM   929  O OE2 . GLU A 1 117 ? -9.187  23.432  -4.055  1.000 104.160 0 117 GLU A OE2 1 ? 
ATOM   930  N N   . VAL A 1 118 ? -13.370 23.610  -0.674  1.000 95.023  0 118 VAL A N   1 ? 
ATOM   931  C CA  . VAL A 1 118 ? -14.344 24.673  -0.879  1.000 97.502  0 118 VAL A CA  1 ? 
ATOM   932  C C   . VAL A 1 118 ? -15.064 24.989  0.433   1.000 95.346  0 118 VAL A C   1 ? 
ATOM   933  O O   . VAL A 1 118 ? -15.506 26.117  0.630   1.000 94.899  0 118 VAL A O   1 ? 
ATOM   934  C CB  . VAL A 1 118 ? -15.352 24.337  -1.997  1.000 103.373 0 118 VAL A CB  1 ? 
ATOM   935  C CG1 . VAL A 1 118 ? -14.657 24.089  -3.331  1.000 105.710 0 118 VAL A CG1 1 ? 
ATOM   936  C CG2 . VAL A 1 118 ? -16.258 23.170  -1.632  1.000 103.100 0 118 VAL A CG2 1 ? 
ATOM   937  N N   . ARG A 1 119 ? -15.198 23.991  1.317   1.000 97.302  0 119 ARG A N   1 ? 
ATOM   938  C CA  . ARG A 1 119 ? -15.720 24.227  2.654   1.000 101.897 0 119 ARG A CA  1 ? 
ATOM   939  C C   . ARG A 1 119 ? -14.765 25.151  3.404   1.000 100.901 0 119 ARG A C   1 ? 
ATOM   940  O O   . ARG A 1 119 ? -15.171 26.227  3.831   1.000 98.769  0 119 ARG A O   1 ? 
ATOM   941  C CB  . ARG A 1 119 ? -15.934 22.914  3.411   1.000 110.511 0 119 ARG A CB  1 ? 
ATOM   942  C CG  . ARG A 1 119 ? -17.260 22.235  3.103   1.000 118.586 0 119 ARG A CG  1 ? 
ATOM   943  C CD  . ARG A 1 119 ? -17.396 20.895  3.806   1.000 124.716 0 119 ARG A CD  1 ? 
ATOM   944  N NE  . ARG A 1 119 ? -17.284 20.999  5.255   1.000 131.409 0 119 ARG A NE  1 ? 
ATOM   945  C CZ  . ARG A 1 119 ? -18.176 21.589  6.046   1.000 141.736 0 119 ARG A CZ  1 ? 
ATOM   946  N NH1 . ARG A 1 119 ? -17.997 21.589  7.356   1.000 144.167 0 119 ARG A NH1 1 ? 
ATOM   947  N NH2 . ARG A 1 119 ? -19.252 22.160  5.530   1.000 146.600 0 119 ARG A NH2 1 ? 
ATOM   948  N N   . LYS A 1 120 ? -13.501 24.726  3.533   1.000 103.179 0 120 LYS A N   1 ? 
ATOM   949  C CA  . LYS A 1 120 ? -12.450 25.528  4.145   1.000 106.220 0 120 LYS A CA  1 ? 
ATOM   950  C C   . LYS A 1 120 ? -12.507 26.970  3.634   1.000 107.388 0 120 LYS A C   1 ? 
ATOM   951  O O   . LYS A 1 120 ? -12.451 27.909  4.427   1.000 113.526 0 120 LYS A O   1 ? 
ATOM   952  C CB  . LYS A 1 120 ? -11.071 24.916  3.871   1.000 110.869 0 120 LYS A CB  1 ? 
ATOM   953  C CG  . LYS A 1 120 ? -10.611 23.853  4.862   1.000 115.742 0 120 LYS A CG  1 ? 
ATOM   954  C CD  . LYS A 1 120 ? -10.164 24.426  6.198   1.000 119.516 0 120 LYS A CD  1 ? 
ATOM   955  C CE  . LYS A 1 120 ? -9.495  23.410  7.101   1.000 121.185 0 120 LYS A CE  1 ? 
ATOM   956  N NZ  . LYS A 1 120 ? -10.409 22.300  7.463   1.000 121.833 0 120 LYS A NZ  1 ? 
ATOM   957  N N   . LYS A 1 121 ? -12.625 27.137  2.311   1.000 103.803 0 121 LYS A N   1 ? 
ATOM   958  C CA  . LYS A 1 121 ? -12.685 28.458  1.702   1.000 101.512 0 121 LYS A CA  1 ? 
ATOM   959  C C   . LYS A 1 121 ? -13.971 29.179  2.112   1.000 100.588 0 121 LYS A C   1 ? 
ATOM   960  O O   . LYS A 1 121 ? -13.954 30.390  2.317   1.000 104.216 0 121 LYS A O   1 ? 
ATOM   961  C CB  . LYS A 1 121 ? -12.554 28.350  0.180   1.000 100.111 0 121 LYS A CB  1 ? 
ATOM   962  C CG  . LYS A 1 121 ? -11.166 27.958  -0.306  1.000 100.472 0 121 LYS A CG  1 ? 
ATOM   963  C CD  . LYS A 1 121 ? -11.045 27.853  -1.809  1.000 102.959 0 121 LYS A CD  1 ? 
ATOM   964  C CE  . LYS A 1 121 ? -9.672  27.392  -2.251  1.000 106.438 0 121 LYS A CE  1 ? 
ATOM   965  N NZ  . LYS A 1 121 ? -9.564  27.318  -3.727  1.000 106.873 0 121 LYS A NZ  1 ? 
ATOM   966  N N   . LEU A 1 122 ? -15.077 28.430  2.227   1.000 98.655  0 122 LEU A N   1 ? 
ATOM   967  C CA  . LEU A 1 122 ? -16.352 28.984  2.664   1.000 96.290  0 122 LEU A CA  1 ? 
ATOM   968  C C   . LEU A 1 122 ? -16.328 29.294  4.161   1.000 98.760  0 122 LEU A C   1 ? 
ATOM   969  O O   . LEU A 1 122 ? -17.050 30.181  4.609   1.000 91.149  0 122 LEU A O   1 ? 
ATOM   970  C CB  . LEU A 1 122 ? -17.480 28.000  2.331   1.000 93.897  0 122 LEU A CB  1 ? 
ATOM   971  C CG  . LEU A 1 122 ? -18.002 28.055  0.895   1.000 90.173  0 122 LEU A CG  1 ? 
ATOM   972  C CD1 . LEU A 1 122 ? -18.981 26.925  0.635   1.000 90.152  0 122 LEU A CD1 1 ? 
ATOM   973  C CD2 . LEU A 1 122 ? -18.658 29.397  0.601   1.000 86.328  0 122 LEU A CD2 1 ? 
ATOM   974  N N   . GLU A 1 123 ? -15.516 28.546  4.922   1.000 102.993 0 123 GLU A N   1 ? 
ATOM   975  C CA  . GLU A 1 123 ? -15.369 28.759  6.354   1.000 102.162 0 123 GLU A CA  1 ? 
ATOM   976  C C   . GLU A 1 123 ? -14.751 30.132  6.612   1.000 100.157 0 123 GLU A C   1 ? 
ATOM   977  O O   . GLU A 1 123 ? -15.187 30.849  7.509   1.000 90.171  0 123 GLU A O   1 ? 
ATOM   978  C CB  . GLU A 1 123 ? -14.481 27.682  6.987   1.000 108.339 0 123 GLU A CB  1 ? 
ATOM   979  C CG  . GLU A 1 123 ? -15.029 26.267  6.899   1.000 109.945 0 123 GLU A CG  1 ? 
ATOM   980  C CD  . GLU A 1 123 ? -16.257 25.987  7.746   1.000 112.034 0 123 GLU A CD  1 ? 
ATOM   981  O OE1 . GLU A 1 123 ? -16.154 26.096  8.984   1.000 115.950 0 123 GLU A OE1 1 ? 
ATOM   982  O OE2 . GLU A 1 123 ? -17.307 25.650  7.166   1.000 111.695 0 123 GLU A OE2 1 ? 
ATOM   983  N N   . GLU A 1 124 ? -13.722 30.473  5.825   1.000 102.999 0 124 GLU A N   1 ? 
ATOM   984  C CA  . GLU A 1 124 ? -12.962 31.697  6.026   1.000 108.146 0 124 GLU A CA  1 ? 
ATOM   985  C C   . GLU A 1 124 ? -13.816 32.906  5.659   1.000 111.814 0 124 GLU A C   1 ? 
ATOM   986  O O   . GLU A 1 124 ? -13.910 33.859  6.429   1.000 119.237 0 124 GLU A O   1 ? 
ATOM   987  C CB  . GLU A 1 124 ? -11.690 31.692  5.178   1.000 104.891 0 124 GLU A CB  1 ? 
ATOM   988  C CG  . GLU A 1 124 ? -10.764 32.860  5.481   1.000 102.777 0 124 GLU A CG  1 ? 
ATOM   989  C CD  . GLU A 1 124 ? -9.737  33.165  4.406   1.000 97.958  0 124 GLU A CD  1 ? 
ATOM   990  O OE1 . GLU A 1 124 ? -9.016  34.176  4.551   1.000 98.445  0 124 GLU A OE1 1 ? 
ATOM   991  O OE2 . GLU A 1 124 ? -9.658  32.396  3.430   1.000 84.484  0 124 GLU A OE2 1 ? 
ATOM   992  N N   . LYS A 1 125 ? -14.406 32.862  4.460   1.000 115.948 0 125 LYS A N   1 ? 
ATOM   993  C CA  . LYS A 1 125 ? -15.314 33.893  3.991   1.000 115.420 0 125 LYS A CA  1 ? 
ATOM   994  C C   . LYS A 1 125 ? -16.276 34.284  5.113   1.000 116.278 0 125 LYS A C   1 ? 
ATOM   995  O O   . LYS A 1 125 ? -16.470 35.470  5.371   1.000 119.101 0 125 LYS A O   1 ? 
ATOM   996  C CB  . LYS A 1 125 ? -16.041 33.386  2.741   1.000 113.404 0 125 LYS A CB  1 ? 
ATOM   997  C CG  . LYS A 1 125 ? -17.315 34.128  2.367   1.000 114.842 0 125 LYS A CG  1 ? 
ATOM   998  C CD  . LYS A 1 125 ? -18.228 33.312  1.476   1.000 117.044 0 125 LYS A CD  1 ? 
ATOM   999  C CE  . LYS A 1 125 ? -19.697 33.615  1.679   1.000 118.582 0 125 LYS A CE  1 ? 
ATOM   1000 N NZ  . LYS A 1 125 ? -20.125 33.405  3.085   1.000 121.165 0 125 LYS A NZ  1 ? 
ATOM   1001 N N   . ASP A 1 126 ? -16.859 33.277  5.780   1.000 117.208 0 126 ASP A N   1 ? 
ATOM   1002 C CA  . ASP A 1 126 ? -17.810 33.489  6.863   1.000 118.180 0 126 ASP A CA  1 ? 
ATOM   1003 C C   . ASP A 1 126 ? -17.194 34.374  7.944   1.000 123.185 0 126 ASP A C   1 ? 
ATOM   1004 O O   . ASP A 1 126 ? -17.864 35.264  8.464   1.000 123.992 0 126 ASP A O   1 ? 
ATOM   1005 C CB  . ASP A 1 126 ? -18.286 32.160  7.462   1.000 117.171 0 126 ASP A CB  1 ? 
ATOM   1006 C CG  . ASP A 1 126 ? -19.076 31.285  6.502   1.000 116.863 0 126 ASP A CG  1 ? 
ATOM   1007 O OD1 . ASP A 1 126 ? -19.395 31.763  5.397   1.000 117.018 0 126 ASP A OD1 1 ? 
ATOM   1008 O OD2 . ASP A 1 126 ? -19.353 30.127  6.864   1.000 119.100 0 126 ASP A OD2 1 ? 
ATOM   1009 N N   . ARG A 1 127 ? -15.919 34.118  8.274   1.000 128.959 0 127 ARG A N   1 ? 
ATOM   1010 C CA  . ARG A 1 127 ? -15.187 34.916  9.248   1.000 130.498 0 127 ARG A CA  1 ? 
ATOM   1011 C C   . ARG A 1 127 ? -14.946 36.320  8.697   1.000 130.954 0 127 ARG A C   1 ? 
ATOM   1012 O O   . ARG A 1 127 ? -15.173 37.309  9.390   1.000 131.109 0 127 ARG A O   1 ? 
ATOM   1013 C CB  . ARG A 1 127 ? -13.829 34.290  9.588   1.000 129.261 0 127 ARG A CB  1 ? 
ATOM   1014 C CG  . ARG A 1 127 ? -13.880 32.840  10.046  1.000 126.292 0 127 ARG A CG  1 ? 
ATOM   1015 C CD  . ARG A 1 127 ? -12.489 32.282  10.280  1.000 121.712 0 127 ARG A CD  1 ? 
ATOM   1016 N NE  . ARG A 1 127 ? -12.462 30.836  10.092  1.000 116.487 0 127 ARG A NE  1 ? 
ATOM   1017 C CZ  . ARG A 1 127 ? -11.740 30.195  9.179   1.000 107.077 0 127 ARG A CZ  1 ? 
ATOM   1018 N NH1 . ARG A 1 127 ? -11.888 28.892  9.024   1.000 99.757  0 127 ARG A NH1 1 ? 
ATOM   1019 N NH2 . ARG A 1 127 ? -10.893 30.852  8.402   1.000 106.288 0 127 ARG A NH2 1 ? 
ATOM   1020 N N   . GLN A 1 128 ? -14.469 36.384  7.447   1.000 129.775 0 128 GLN A N   1 ? 
ATOM   1021 C CA  . GLN A 1 128 ? -14.078 37.631  6.811   1.000 128.903 0 128 GLN A CA  1 ? 
ATOM   1022 C C   . GLN A 1 128 ? -15.322 38.390  6.348   1.000 133.177 0 128 GLN A C   1 ? 
ATOM   1023 O O   . GLN A 1 128 ? -15.721 38.280  5.190   1.000 131.493 0 128 GLN A O   1 ? 
ATOM   1024 C CB  . GLN A 1 128 ? -13.128 37.310  5.655   1.000 123.733 0 128 GLN A CB  1 ? 
ATOM   1025 C CG  . GLN A 1 128 ? -12.583 38.534  4.933   1.000 122.852 0 128 GLN A CG  1 ? 
ATOM   1026 C CD  . GLN A 1 128 ? -11.621 38.157  3.833   1.000 121.478 0 128 GLN A CD  1 ? 
ATOM   1027 O OE1 . GLN A 1 128 ? -11.177 38.998  3.055   1.000 122.037 0 128 GLN A OE1 1 ? 
ATOM   1028 N NE2 . GLN A 1 128 ? -11.298 36.876  3.753   1.000 118.898 0 128 GLN A NE2 1 ? 
ATOM   1029 N N   . GLU A 1 129 ? -15.929 39.157  7.269   1.000 133.810 0 129 GLU A N   1 ? 
ATOM   1030 C CA  . GLU A 1 129 ? -17.053 40.028  6.949   1.000 131.860 0 129 GLU A CA  1 ? 
ATOM   1031 C C   . GLU A 1 129 ? -16.853 41.372  7.651   1.000 136.440 0 129 GLU A C   1 ? 
ATOM   1032 O O   . GLU A 1 129 ? -15.877 41.556  8.378   1.000 138.906 0 129 GLU A O   1 ? 
ATOM   1033 C CB  . GLU A 1 129 ? -18.386 39.348  7.296   1.000 126.796 0 129 GLU A CB  1 ? 
ATOM   1034 C CG  . GLU A 1 129 ? -18.948 39.640  8.687   1.000 123.654 0 129 GLU A CG  1 ? 
ATOM   1035 C CD  . GLU A 1 129 ? -18.253 38.974  9.862   1.000 119.557 0 129 GLU A CD  1 ? 
ATOM   1036 O OE1 . GLU A 1 129 ? -18.096 37.739  9.828   1.000 114.485 0 129 GLU A OE1 1 ? 
ATOM   1037 O OE2 . GLU A 1 129 ? -17.902 39.689  10.827  1.000 111.418 0 129 GLU A OE2 1 ? 
ATOM   1038 N N   . GLU A 1 130 ? -17.780 42.311  7.414   1.000 133.633 0 130 GLU A N   1 ? 
ATOM   1039 C CA  . GLU A 1 130 ? -17.694 43.651  7.972   1.000 127.997 0 130 GLU A CA  1 ? 
ATOM   1040 C C   . GLU A 1 130 ? -18.017 43.615  9.465   1.000 126.246 0 130 GLU A C   1 ? 
ATOM   1041 O O   . GLU A 1 130 ? -17.115 43.747  10.287  1.000 122.042 0 130 GLU A O   1 ? 
ATOM   1042 C CB  . GLU A 1 130 ? -18.625 44.610  7.223   1.000 128.081 0 130 GLU A CB  1 ? 
ATOM   1043 C CG  . GLU A 1 130 ? -18.285 44.760  5.752   1.000 127.855 0 130 GLU A CG  1 ? 
ATOM   1044 C CD  . GLU A 1 130 ? -16.907 45.337  5.478   1.000 128.573 0 130 GLU A CD  1 ? 
ATOM   1045 O OE1 . GLU A 1 130 ? -16.730 46.560  5.656   1.000 123.734 0 130 GLU A OE1 1 ? 
ATOM   1046 O OE2 . GLU A 1 130 ? -16.008 44.557  5.109   1.000 126.895 0 130 GLU A OE2 1 ? 
ATOM   1047 N N   . ALA A 1 131 ? -19.300 43.410  9.798   1.000 127.909 0 131 ALA A N   1 ? 
ATOM   1048 C CA  . ALA A 1 131 ? -19.810 43.577  11.153  1.000 129.594 0 131 ALA A CA  1 ? 
ATOM   1049 C C   . ALA A 1 131 ? -19.423 44.958  11.689  1.000 135.440 0 131 ALA A C   1 ? 
ATOM   1050 O O   . ALA A 1 131 ? -18.764 45.065  12.723  1.000 134.122 0 131 ALA A O   1 ? 
ATOM   1051 C CB  . ALA A 1 131 ? -19.314 42.458  12.041  1.000 125.478 0 131 ALA A CB  1 ? 
ATOM   1052 N N   . GLN A 1 132 ? -19.862 46.002  10.966  1.000 132.623 0 132 GLN A N   1 ? 
ATOM   1053 C CA  . GLN A 1 132 ? -19.531 47.395  11.243  1.000 127.204 0 132 GLN A CA  1 ? 
ATOM   1054 C C   . GLN A 1 132 ? -18.083 47.513  11.740  1.000 120.881 0 132 GLN A C   1 ? 
ATOM   1055 O O   . GLN A 1 132 ? -17.182 47.163  10.956  1.000 109.857 0 132 GLN A O   1 ? 
ATOM   1056 C CB  . GLN A 1 132 ? -20.517 48.010  12.240  1.000 124.087 0 132 GLN A CB  1 ? 
ATOM   1057 C CG  . GLN A 1 132 ? -20.419 47.447  13.653  1.000 124.685 0 132 GLN A CG  1 ? 
ATOM   1058 C CD  . GLN A 1 132 ? -21.222 48.249  14.647  1.000 122.472 0 132 GLN A CD  1 ? 
ATOM   1059 O OE1 . GLN A 1 132 ? -22.451 48.216  14.655  1.000 116.730 0 132 GLN A OE1 1 ? 
ATOM   1060 N NE2 . GLN A 1 132 ? -20.528 48.971  15.510  1.000 122.869 0 132 GLN A NE2 1 ? 
HETATM 1061 O O   . HOH B 2 .   ? -9.348  0.115   9.749   1.000 61.057  0 201 HOH A O   1 ? 
HETATM 1062 O O   . HOH B 2 .   ? 5.551   -13.021 7.339   1.000 48.140  0 202 HOH A O   1 ? 
HETATM 1063 O O   . HOH B 2 .   ? 3.341   -13.248 6.468   1.000 55.023  0 203 HOH A O   1 ? 
HETATM 1064 O O   . HOH B 2 .   ? 6.177   -12.873 4.513   1.000 63.732  0 204 HOH A O   1 ? 
HETATM 1065 O O   . HOH B 2 .   ? -3.662  -6.871  9.069   1.000 53.338  0 205 HOH A O   1 ? 
HETATM 1066 O O   . HOH B 2 .   ? 13.959  -14.672 26.729  1.000 46.433  0 206 HOH A O   1 ? 
HETATM 1067 O O   . HOH B 2 .   ? 4.481   -16.557 2.516   1.000 48.912  0 207 HOH A O   1 ? 
HETATM 1068 O O   . HOH B 2 .   ? 2.766   0.860   4.314   1.000 59.975  0 208 HOH A O   1 ? 
HETATM 1069 O O   . HOH B 2 .   ? 23.095  4.466   -0.518  1.000 50.372  0 209 HOH A O   1 ? 
HETATM 1070 O O   . HOH B 2 .   ? -0.990  3.198   6.879   1.000 72.623  0 210 HOH A O   1 ? 
HETATM 1071 O O   . HOH B 2 .   ? 23.780  -5.014  3.948   1.000 66.296  0 211 HOH A O   1 ? 
HETATM 1072 O O   . HOH B 2 .   ? 6.692   0.729   -10.116 1.000 36.311  0 212 HOH A O   1 ? 
HETATM 1073 O O   . HOH B 2 .   ? 8.086   -15.942 4.099   0.500 51.497  0 213 HOH A O   1 ? 
HETATM 1074 O O   . HOH B 2 .   ? -21.764 14.785  1.610   1.000 59.044  0 214 HOH A O   1 ? 
HETATM 1075 O O   . HOH B 2 .   ? 2.487   5.154   -7.905  1.000 57.420  0 215 HOH A O   1 ? 
HETATM 1076 O O   . HOH B 2 .   ? 12.627  -5.593  3.667   1.000 73.912  0 216 HOH A O   1 ? 
HETATM 1077 O O   . HOH B 2 .   ? 6.356   -22.401 -15.149 1.000 75.066  0 217 HOH A O   1 ? 
HETATM 1078 O O   . HOH B 2 .   ? 8.166   -11.280 3.846   1.000 82.981  0 218 HOH A O   1 ? 
HETATM 1079 O O   . HOH B 2 .   ? -15.927 -5.706  -11.231 1.000 55.653  0 219 HOH A O   1 ? 
HETATM 1080 O O   . HOH B 2 .   ? -1.341  5.418   8.359   1.000 56.051  0 220 HOH A O   1 ? 
HETATM 1081 O O   . HOH B 2 .   ? -8.675  30.501  -1.222  1.000 92.309  0 221 HOH A O   1 ? 
HETATM 1082 O O   . HOH B 2 .   ? -1.859  -18.867 -17.144 1.000 61.332  0 222 HOH A O   1 ? 
HETATM 1083 O O   . HOH B 2 .   ? -10.329 0.614   -13.059 1.000 59.551  0 223 HOH A O   1 ? 
HETATM 1084 O O   . HOH B 2 .   ? -8.397  3.337   -16.938 1.000 60.119  0 224 HOH A O   1 ? 
HETATM 1085 O O   . HOH B 2 .   ? 7.150   -6.614  -21.960 1.000 73.547  0 225 HOH A O   1 ? 
HETATM 1086 O O   . HOH B 2 .   ? -23.378 25.692  6.487   1.000 61.264  0 226 HOH A O   1 ? 
HETATM 1087 O O   . HOH B 2 .   ? -11.812 0.490   -16.035 1.000 66.045  0 227 HOH A O   1 ? 
HETATM 1088 O O   . HOH B 2 .   ? -15.331 -13.554 -4.683  1.000 77.360  0 228 HOH A O   1 ? 
HETATM 1089 O O   . HOH B 2 .   ? -4.867  -2.894  -18.872 1.000 61.398  0 229 HOH A O   1 ? 
# 
